data_6GXA
#
_entry.id   6GXA
#
_cell.length_a   70.200
_cell.length_b   70.441
_cell.length_c   97.721
_cell.angle_alpha   75.55
_cell.angle_beta   78.23
_cell.angle_gamma   85.82
#
_symmetry.space_group_name_H-M   'P 1'
#
loop_
_entity.id
_entity.type
_entity.pdbx_description
1 polymer 'Histone deacetylase'
2 non-polymer 'ZINC ION'
3 non-polymer 'POTASSIUM ION'
4 non-polymer (~{E})-3-(2-chlorophenyl)-~{N}-oxidanyl-prop-2-enamide
5 non-polymer DIMETHYLFORMAMIDE
6 non-polymer GLYCEROL
7 water water
#
_entity_poly.entity_id   1
_entity_poly.type   'polypeptide(L)'
_entity_poly.pdbx_seq_one_letter_code
;HMSVGIVYGDQYRQLCCSSPKFGDRYALVMDLINAYKLIPELSRVPPLQWDSPSRMYEAVTAFHSTEYVDALKKLQMLHC
EEKELTADDELLMDSFSLNYDCPGFPSVFDYSLAAVQGSLAAASALICRHCEVVINWGGGWHHAKRSEASGFCYLNDIVL
AIHRLVSSTPPETSPNRQTRVLYVDLDLHHGDGVEEAFWYSPRVVTFSVHHASPGFFPGTGTWNMVDNDKLPIFLNGAGR
GRFSAFNLPLEEGINDLDWSNAIGPILDSLNIVIQPSYVVVQCGADCLATDPHRIFRLTNFYPNLNLDSDCDSECSLSGY
LYAIKKILSWKVPTLILGGGGYNFPDTARLWTRVTALTIEEVKGKKMTISPEIPEHSYFSRYGPDFELDIDYFPHESHNK
TLDSIQKHHRRILEQLRNYADLNKLIYDYDQVYQLYNLTGMGSLVPR
;
_entity_poly.pdbx_strand_id   A,B,C,D
#
# COMPACT_ATOMS: atom_id res chain seq x y z
N SER A 3 0.01 -17.89 34.07
CA SER A 3 0.01 -16.46 34.35
C SER A 3 -1.24 -15.81 33.75
N VAL A 4 -1.88 -14.94 34.53
CA VAL A 4 -3.10 -14.27 34.12
C VAL A 4 -2.82 -12.79 33.93
N GLY A 5 -3.05 -12.31 32.72
CA GLY A 5 -2.83 -10.90 32.42
C GLY A 5 -4.14 -10.15 32.51
N ILE A 6 -4.05 -8.84 32.70
CA ILE A 6 -5.22 -8.01 32.64
C ILE A 6 -4.80 -6.70 31.99
N VAL A 7 -5.65 -6.18 31.10
CA VAL A 7 -5.29 -4.98 30.38
C VAL A 7 -5.69 -3.75 31.19
N TYR A 8 -4.72 -2.95 31.58
CA TYR A 8 -5.03 -1.61 32.09
C TYR A 8 -3.87 -0.64 32.01
N GLY A 9 -4.13 0.61 32.40
CA GLY A 9 -3.18 1.71 32.24
C GLY A 9 -3.88 3.01 32.60
N ASP A 10 -3.11 4.06 32.86
CA ASP A 10 -3.71 5.33 33.25
C ASP A 10 -4.45 6.00 32.11
N GLN A 11 -3.80 6.12 30.95
CA GLN A 11 -4.44 6.67 29.75
C GLN A 11 -5.62 5.81 29.37
N TYR A 12 -5.40 4.49 29.45
CA TYR A 12 -6.40 3.53 29.02
C TYR A 12 -7.70 3.70 29.80
N ARG A 13 -7.58 3.90 31.11
CA ARG A 13 -8.71 4.11 32.00
C ARG A 13 -9.50 5.38 31.67
N GLN A 14 -8.80 6.50 31.50
CA GLN A 14 -9.46 7.75 31.08
C GLN A 14 -10.25 7.56 29.80
N LEU A 15 -9.68 6.85 28.83
CA LEU A 15 -10.31 6.71 27.53
C LEU A 15 -11.52 5.78 27.59
N CYS A 16 -11.38 4.66 28.31
CA CYS A 16 -12.49 3.72 28.51
C CYS A 16 -13.63 4.36 29.28
N CYS A 17 -13.35 5.43 30.01
CA CYS A 17 -14.38 6.06 30.82
C CYS A 17 -14.87 7.35 30.21
N SER A 18 -14.53 7.58 28.95
CA SER A 18 -14.84 8.85 28.32
C SER A 18 -16.12 8.83 27.48
N SER A 19 -16.80 7.69 27.39
CA SER A 19 -18.00 7.60 26.54
C SER A 19 -19.28 7.96 27.28
N PRO A 20 -20.25 8.55 26.56
CA PRO A 20 -21.53 8.91 27.20
C PRO A 20 -22.34 7.69 27.65
N LYS A 21 -22.26 6.57 26.93
CA LYS A 21 -23.07 5.40 27.26
C LYS A 21 -22.53 4.57 28.44
N PHE A 22 -21.23 4.31 28.45
CA PHE A 22 -20.69 3.44 29.48
C PHE A 22 -20.00 4.20 30.61
N GLY A 23 -20.01 5.53 30.51
CA GLY A 23 -19.47 6.40 31.54
C GLY A 23 -18.27 5.83 32.27
N ASP A 24 -18.36 5.73 33.58
CA ASP A 24 -17.23 5.29 34.39
C ASP A 24 -17.31 3.81 34.76
N ARG A 25 -18.02 3.02 33.97
CA ARG A 25 -18.17 1.60 34.26
C ARG A 25 -16.82 0.89 34.43
N TYR A 26 -15.90 1.17 33.51
CA TYR A 26 -14.60 0.51 33.54
C TYR A 26 -13.83 0.84 34.81
N ALA A 27 -14.06 2.05 35.31
CA ALA A 27 -13.36 2.50 36.51
C ALA A 27 -13.90 1.79 37.74
N LEU A 28 -15.21 1.53 37.77
CA LEU A 28 -15.81 0.72 38.84
C LEU A 28 -15.26 -0.69 38.82
N VAL A 29 -15.23 -1.27 37.62
CA VAL A 29 -14.77 -2.64 37.46
C VAL A 29 -13.33 -2.79 37.96
N MET A 30 -12.43 -1.93 37.48
CA MET A 30 -11.02 -2.08 37.82
C MET A 30 -10.75 -1.72 39.28
N ASP A 31 -11.51 -0.76 39.82
CA ASP A 31 -11.39 -0.40 41.24
C ASP A 31 -11.88 -1.51 42.17
N LEU A 32 -12.95 -2.21 41.79
CA LEU A 32 -13.45 -3.33 42.59
C LEU A 32 -12.43 -4.48 42.59
N ILE A 33 -11.97 -4.86 41.40
CA ILE A 33 -10.87 -5.81 41.26
C ILE A 33 -9.69 -5.42 42.15
N ASN A 34 -9.36 -4.13 42.13
CA ASN A 34 -8.29 -3.61 42.97
C ASN A 34 -8.65 -3.61 44.46
N ALA A 35 -9.91 -3.27 44.77
CA ALA A 35 -10.41 -3.25 46.14
C ALA A 35 -10.42 -4.64 46.76
N TYR A 36 -10.52 -5.66 45.93
CA TYR A 36 -10.45 -7.04 46.41
C TYR A 36 -9.02 -7.60 46.34
N LYS A 37 -8.06 -6.70 46.10
CA LYS A 37 -6.64 -7.03 46.14
C LYS A 37 -6.20 -8.10 45.12
N LEU A 38 -6.85 -8.11 43.97
CA LEU A 38 -6.54 -9.13 42.97
C LEU A 38 -5.40 -8.70 42.04
N ILE A 39 -5.12 -7.40 42.01
CA ILE A 39 -4.12 -6.86 41.08
C ILE A 39 -2.72 -7.48 41.26
N PRO A 40 -2.23 -7.63 42.51
CA PRO A 40 -0.92 -8.28 42.64
C PRO A 40 -0.86 -9.70 42.05
N GLU A 41 -2.01 -10.37 41.99
CA GLU A 41 -2.08 -11.70 41.37
C GLU A 41 -1.98 -11.63 39.85
N LEU A 42 -2.16 -10.44 39.29
CA LEU A 42 -2.33 -10.30 37.85
C LEU A 42 -1.16 -9.59 37.17
N SER A 43 -0.83 -10.06 35.97
CA SER A 43 0.19 -9.44 35.14
C SER A 43 -0.42 -8.25 34.37
N ARG A 44 0.04 -7.02 34.61
CA ARG A 44 -0.50 -5.89 33.85
C ARG A 44 -0.06 -5.99 32.40
N VAL A 45 -1.03 -5.93 31.49
CA VAL A 45 -0.76 -5.94 30.07
C VAL A 45 -1.04 -4.55 29.52
N PRO A 46 0.00 -3.83 29.08
CA PRO A 46 -0.19 -2.47 28.57
C PRO A 46 -0.87 -2.47 27.21
N PRO A 47 -1.75 -1.49 26.96
CA PRO A 47 -2.36 -1.42 25.62
C PRO A 47 -1.31 -1.17 24.53
N LEU A 48 -1.54 -1.76 23.37
CA LEU A 48 -0.63 -1.63 22.25
C LEU A 48 -0.60 -0.19 21.77
N GLN A 49 0.58 0.31 21.47
CA GLN A 49 0.68 1.57 20.78
C GLN A 49 1.45 1.36 19.49
N TRP A 50 1.36 2.34 18.58
CA TRP A 50 1.98 2.21 17.27
C TRP A 50 3.03 3.28 17.02
N ASP A 51 3.87 3.02 16.02
CA ASP A 51 5.02 3.85 15.71
C ASP A 51 4.65 5.02 14.83
N SER A 52 3.44 5.02 14.29
CA SER A 52 3.02 6.05 13.36
C SER A 52 1.55 5.90 13.06
N PRO A 53 0.92 6.98 12.58
CA PRO A 53 -0.44 6.92 12.03
C PRO A 53 -0.63 5.79 11.03
N SER A 54 0.29 5.65 10.07
CA SER A 54 0.23 4.57 9.07
C SER A 54 0.16 3.17 9.66
N ARG A 55 0.92 2.92 10.72
CA ARG A 55 0.89 1.62 11.37
C ARG A 55 -0.43 1.40 12.10
N MET A 56 -0.95 2.44 12.73
CA MET A 56 -2.27 2.34 13.35
C MET A 56 -3.34 2.04 12.29
N TYR A 57 -3.37 2.82 11.21
CA TYR A 57 -4.31 2.56 10.12
C TYR A 57 -4.17 1.15 9.56
N GLU A 58 -2.94 0.70 9.37
CA GLU A 58 -2.68 -0.66 8.90
C GLU A 58 -3.31 -1.71 9.84
N ALA A 59 -3.12 -1.49 11.14
CA ALA A 59 -3.64 -2.41 12.14
C ALA A 59 -5.17 -2.47 12.10
N VAL A 60 -5.79 -1.30 12.07
CA VAL A 60 -7.24 -1.21 12.19
C VAL A 60 -7.94 -1.58 10.87
N THR A 61 -7.32 -1.23 9.74
CA THR A 61 -7.92 -1.57 8.47
C THR A 61 -7.60 -3.01 8.06
N ALA A 62 -7.07 -3.79 8.99
CA ALA A 62 -7.05 -5.25 8.82
C ALA A 62 -8.49 -5.75 8.71
N PHE A 63 -9.42 -5.04 9.35
CA PHE A 63 -10.83 -5.39 9.24
C PHE A 63 -11.67 -4.27 8.66
N HIS A 64 -11.54 -3.08 9.26
CA HIS A 64 -12.36 -1.92 8.89
C HIS A 64 -11.88 -1.25 7.61
N SER A 65 -12.81 -0.70 6.82
CA SER A 65 -12.42 0.04 5.61
C SER A 65 -11.72 1.34 5.98
N THR A 66 -10.85 1.82 5.09
CA THR A 66 -10.11 3.05 5.37
C THR A 66 -11.08 4.25 5.47
N GLU A 67 -12.08 4.31 4.61
CA GLU A 67 -13.05 5.42 4.65
C GLU A 67 -13.85 5.42 5.95
N TYR A 68 -14.18 4.25 6.48
CA TYR A 68 -14.87 4.20 7.76
C TYR A 68 -13.97 4.77 8.86
N VAL A 69 -12.72 4.33 8.88
CA VAL A 69 -11.78 4.83 9.88
C VAL A 69 -11.62 6.34 9.78
N ASP A 70 -11.42 6.82 8.55
CA ASP A 70 -11.34 8.24 8.25
C ASP A 70 -12.56 9.00 8.80
N ALA A 71 -13.74 8.42 8.59
CA ALA A 71 -15.00 9.00 9.02
C ALA A 71 -15.05 9.06 10.53
N LEU A 72 -14.63 7.96 11.15
CA LEU A 72 -14.63 7.91 12.61
C LEU A 72 -13.66 8.97 13.17
N LYS A 73 -12.51 9.14 12.53
CA LYS A 73 -11.55 10.14 12.98
C LYS A 73 -12.09 11.57 12.78
N LYS A 74 -12.80 11.77 11.68
CA LYS A 74 -13.36 13.10 11.39
C LYS A 74 -14.50 13.41 12.37
N LEU A 75 -15.31 12.39 12.68
CA LEU A 75 -16.37 12.53 13.65
C LEU A 75 -15.84 13.07 14.98
N GLN A 76 -14.71 12.53 15.43
CA GLN A 76 -14.08 13.04 16.64
C GLN A 76 -13.67 14.50 16.49
N MET A 77 -13.03 14.84 15.38
CA MET A 77 -12.56 16.20 15.20
C MET A 77 -13.73 17.18 15.19
N LEU A 78 -14.86 16.74 14.64
CA LEU A 78 -16.04 17.59 14.54
C LEU A 78 -16.69 17.84 15.89
N HIS A 79 -16.64 16.84 16.77
CA HIS A 79 -17.23 17.00 18.09
C HIS A 79 -16.25 17.68 19.05
N CYS A 80 -15.06 18.01 18.54
CA CYS A 80 -14.07 18.77 19.31
C CYS A 80 -14.12 20.25 18.98
N GLU A 81 -14.95 20.59 17.99
CA GLU A 81 -15.31 21.97 17.73
C GLU A 81 -16.79 22.09 18.07
N GLU A 82 -17.27 23.29 18.37
CA GLU A 82 -18.69 23.41 18.68
C GLU A 82 -19.44 24.20 17.61
N LYS A 83 -19.14 23.87 16.35
CA LYS A 83 -20.03 24.20 15.25
C LYS A 83 -20.85 22.96 14.98
N GLU A 84 -22.10 23.16 14.58
CA GLU A 84 -22.93 22.05 14.13
C GLU A 84 -22.29 21.39 12.91
N LEU A 85 -22.51 20.10 12.74
CA LEU A 85 -22.07 19.42 11.52
C LEU A 85 -22.80 20.01 10.31
N THR A 86 -22.11 20.16 9.19
CA THR A 86 -22.77 20.56 7.95
C THR A 86 -23.71 19.44 7.47
N ALA A 87 -24.60 19.74 6.53
CA ALA A 87 -25.46 18.71 5.97
C ALA A 87 -24.61 17.60 5.34
N ASP A 88 -23.54 18.00 4.65
CA ASP A 88 -22.62 17.05 4.00
C ASP A 88 -21.92 16.11 5.01
N ASP A 89 -21.46 16.66 6.14
CA ASP A 89 -20.88 15.83 7.19
C ASP A 89 -21.90 14.87 7.77
N GLU A 90 -23.12 15.35 8.04
CA GLU A 90 -24.18 14.51 8.59
C GLU A 90 -24.42 13.30 7.70
N LEU A 91 -24.45 13.55 6.39
CA LEU A 91 -24.68 12.51 5.40
C LEU A 91 -23.51 11.52 5.29
N LEU A 92 -22.29 12.03 5.42
CA LEU A 92 -21.14 11.13 5.48
C LEU A 92 -21.25 10.24 6.73
N MET A 93 -21.53 10.85 7.86
CA MET A 93 -21.62 10.06 9.11
C MET A 93 -22.73 9.02 9.02
N ASP A 94 -23.87 9.42 8.49
CA ASP A 94 -25.00 8.50 8.27
C ASP A 94 -24.64 7.27 7.43
N SER A 95 -23.89 7.49 6.35
CA SER A 95 -23.53 6.35 5.50
C SER A 95 -22.67 5.30 6.22
N PHE A 96 -22.26 5.60 7.45
CA PHE A 96 -21.48 4.67 8.28
C PHE A 96 -22.21 4.33 9.58
N SER A 97 -23.47 4.75 9.69
CA SER A 97 -24.26 4.60 10.91
C SER A 97 -23.56 5.22 12.10
N LEU A 98 -22.85 6.31 11.88
CA LEU A 98 -22.24 7.05 12.96
C LEU A 98 -23.24 8.09 13.47
N ASN A 99 -24.34 7.59 14.02
CA ASN A 99 -25.46 8.42 14.42
C ASN A 99 -26.38 7.64 15.35
N TYR A 100 -27.46 8.28 15.82
CA TYR A 100 -28.46 7.63 16.68
C TYR A 100 -27.81 6.95 17.90
N ASP A 101 -27.74 5.62 17.90
CA ASP A 101 -27.16 4.91 19.05
C ASP A 101 -25.63 4.81 19.00
N CYS A 102 -25.05 5.31 17.89
CA CYS A 102 -23.60 5.43 17.81
C CYS A 102 -23.19 6.87 17.54
N PRO A 103 -23.56 7.79 18.45
CA PRO A 103 -23.33 9.22 18.24
C PRO A 103 -21.85 9.55 18.28
N GLY A 104 -21.49 10.75 17.86
CA GLY A 104 -20.14 11.22 18.04
C GLY A 104 -20.00 11.84 19.40
N PHE A 105 -18.78 11.87 19.92
CA PHE A 105 -18.52 12.62 21.12
C PHE A 105 -17.04 13.00 21.03
N PRO A 106 -16.60 13.98 21.84
CA PRO A 106 -15.24 14.52 21.72
C PRO A 106 -14.09 13.49 21.68
N SER A 107 -14.28 12.32 22.27
CA SER A 107 -13.21 11.33 22.29
C SER A 107 -13.56 10.03 21.56
N VAL A 108 -14.60 10.05 20.71
CA VAL A 108 -15.14 8.83 20.10
C VAL A 108 -14.12 7.96 19.34
N PHE A 109 -13.12 8.55 18.72
CA PHE A 109 -12.15 7.72 18.02
C PHE A 109 -11.11 7.18 19.01
N ASP A 110 -10.63 8.03 19.91
CA ASP A 110 -9.70 7.60 20.95
C ASP A 110 -10.30 6.50 21.83
N TYR A 111 -11.56 6.68 22.17
CA TYR A 111 -12.30 5.71 22.99
C TYR A 111 -12.37 4.34 22.32
N SER A 112 -12.77 4.34 21.06
CA SER A 112 -12.93 3.11 20.27
C SER A 112 -11.61 2.43 20.00
N LEU A 113 -10.59 3.24 19.69
CA LEU A 113 -9.26 2.73 19.41
C LEU A 113 -8.62 2.10 20.65
N ALA A 114 -8.92 2.65 21.82
CA ALA A 114 -8.39 2.13 23.08
C ALA A 114 -8.72 0.65 23.23
N ALA A 115 -9.97 0.27 23.01
CA ALA A 115 -10.40 -1.13 23.18
C ALA A 115 -9.61 -2.04 22.22
N VAL A 116 -9.35 -1.54 21.01
CA VAL A 116 -8.52 -2.21 20.04
C VAL A 116 -7.05 -2.32 20.49
N GLN A 117 -6.49 -1.23 20.99
CA GLN A 117 -5.16 -1.29 21.58
C GLN A 117 -5.11 -2.33 22.70
N GLY A 118 -6.14 -2.35 23.54
CA GLY A 118 -6.20 -3.27 24.65
C GLY A 118 -6.23 -4.73 24.19
N SER A 119 -7.14 -5.04 23.26
CA SER A 119 -7.32 -6.44 22.87
C SER A 119 -6.24 -6.97 21.92
N LEU A 120 -5.62 -6.08 21.15
CA LEU A 120 -4.42 -6.46 20.38
C LEU A 120 -3.25 -6.81 21.31
N ALA A 121 -3.07 -6.05 22.39
CA ALA A 121 -2.00 -6.37 23.32
C ALA A 121 -2.29 -7.70 24.02
N ALA A 122 -3.55 -7.93 24.36
CA ALA A 122 -3.97 -9.20 24.96
C ALA A 122 -3.66 -10.38 24.04
N ALA A 123 -4.00 -10.25 22.76
CA ALA A 123 -3.69 -11.31 21.81
C ALA A 123 -2.18 -11.56 21.73
N SER A 124 -1.38 -10.50 21.73
CA SER A 124 0.07 -10.66 21.60
C SER A 124 0.69 -11.31 22.82
N ALA A 125 0.16 -10.97 24.00
CA ALA A 125 0.61 -11.57 25.25
C ALA A 125 0.37 -13.09 25.25
N LEU A 126 -0.72 -13.54 24.61
CA LEU A 126 -1.01 -14.97 24.50
C LEU A 126 -0.08 -15.66 23.49
N ILE A 127 0.15 -14.99 22.37
CA ILE A 127 0.91 -15.55 21.27
C ILE A 127 2.36 -15.81 21.69
N CYS A 128 2.94 -14.86 22.41
CA CYS A 128 4.30 -15.01 22.88
C CYS A 128 4.37 -15.79 24.20
N ARG A 129 3.25 -16.40 24.58
CA ARG A 129 3.18 -17.28 25.76
C ARG A 129 3.58 -16.60 27.07
N HIS A 130 3.47 -15.28 27.14
CA HIS A 130 3.75 -14.58 28.38
C HIS A 130 2.63 -14.82 29.40
N CYS A 131 1.40 -14.90 28.90
CA CYS A 131 0.23 -15.16 29.73
C CYS A 131 -0.53 -16.39 29.22
N GLU A 132 -1.17 -17.11 30.13
CA GLU A 132 -2.00 -18.24 29.75
C GLU A 132 -3.40 -17.70 29.43
N VAL A 133 -3.75 -16.64 30.14
CA VAL A 133 -5.06 -16.02 30.01
C VAL A 133 -4.86 -14.52 30.09
N VAL A 134 -5.55 -13.78 29.23
CA VAL A 134 -5.56 -12.33 29.38
C VAL A 134 -7.00 -11.81 29.42
N ILE A 135 -7.25 -10.88 30.33
CA ILE A 135 -8.54 -10.27 30.55
C ILE A 135 -8.55 -8.81 30.04
N ASN A 136 -9.48 -8.46 29.16
CA ASN A 136 -9.67 -7.05 28.79
C ASN A 136 -11.12 -6.58 28.99
N TRP A 137 -11.38 -6.02 30.17
CA TRP A 137 -12.73 -5.53 30.48
C TRP A 137 -13.04 -4.21 29.77
N GLY A 138 -12.06 -3.65 29.06
CA GLY A 138 -12.30 -2.46 28.26
C GLY A 138 -12.70 -2.80 26.83
N GLY A 139 -12.63 -4.09 26.48
CA GLY A 139 -12.94 -4.54 25.14
C GLY A 139 -14.22 -5.35 25.08
N GLY A 140 -14.50 -5.94 23.92
CA GLY A 140 -15.65 -6.82 23.76
C GLY A 140 -16.73 -6.27 22.84
N TRP A 141 -16.35 -5.37 21.93
CA TRP A 141 -17.34 -4.64 21.13
C TRP A 141 -17.71 -5.38 19.87
N HIS A 142 -18.58 -6.37 20.04
CA HIS A 142 -18.78 -7.38 19.03
C HIS A 142 -19.73 -6.97 17.90
N HIS A 143 -20.36 -5.80 17.98
CA HIS A 143 -21.35 -5.41 16.95
C HIS A 143 -20.77 -4.64 15.78
N ALA A 144 -19.55 -4.13 15.89
CA ALA A 144 -19.06 -3.22 14.86
C ALA A 144 -18.75 -4.01 13.59
N LYS A 145 -19.05 -3.43 12.44
CA LYS A 145 -18.85 -4.08 11.15
C LYS A 145 -17.72 -3.40 10.41
N ARG A 146 -17.39 -3.94 9.24
CA ARG A 146 -16.33 -3.40 8.41
C ARG A 146 -16.43 -1.89 8.20
N SER A 147 -17.61 -1.43 7.82
CA SER A 147 -17.84 -0.01 7.56
C SER A 147 -19.08 0.51 8.26
N GLU A 148 -19.29 0.09 9.50
CA GLU A 148 -20.53 0.43 10.17
C GLU A 148 -20.38 0.30 11.67
N ALA A 149 -20.68 1.39 12.39
CA ALA A 149 -20.85 1.34 13.83
C ALA A 149 -22.21 0.70 14.12
N SER A 150 -22.36 0.10 15.28
CA SER A 150 -23.59 -0.60 15.60
C SER A 150 -23.60 -0.88 17.09
N GLY A 151 -24.74 -0.61 17.75
CA GLY A 151 -24.88 -0.90 19.17
C GLY A 151 -23.74 -0.39 20.03
N PHE A 152 -23.41 0.88 19.85
CA PHE A 152 -22.30 1.55 20.53
C PHE A 152 -20.95 0.84 20.39
N CYS A 153 -20.83 0.00 19.36
CA CYS A 153 -19.54 -0.53 18.96
C CYS A 153 -19.05 0.24 17.74
N TYR A 154 -17.87 0.83 17.82
CA TYR A 154 -17.36 1.64 16.69
C TYR A 154 -16.29 0.91 15.94
N LEU A 155 -15.41 0.25 16.67
CA LEU A 155 -14.35 -0.56 16.10
C LEU A 155 -14.42 -1.94 16.71
N ASN A 156 -14.27 -2.97 15.88
CA ASN A 156 -14.45 -4.30 16.42
C ASN A 156 -13.13 -4.87 16.93
N ASP A 157 -12.85 -4.63 18.21
CA ASP A 157 -11.59 -5.07 18.83
C ASP A 157 -11.48 -6.60 18.85
N ILE A 158 -12.61 -7.28 18.91
CA ILE A 158 -12.59 -8.74 18.96
C ILE A 158 -12.09 -9.32 17.64
N VAL A 159 -12.65 -8.87 16.52
CA VAL A 159 -12.23 -9.33 15.20
C VAL A 159 -10.74 -9.12 14.98
N LEU A 160 -10.27 -7.94 15.35
CA LEU A 160 -8.86 -7.62 15.17
C LEU A 160 -8.00 -8.54 16.04
N ALA A 161 -8.38 -8.74 17.30
CA ALA A 161 -7.62 -9.65 18.17
C ALA A 161 -7.63 -11.07 17.58
N ILE A 162 -8.79 -11.55 17.16
CA ILE A 162 -8.92 -12.90 16.64
C ILE A 162 -8.08 -13.04 15.37
N HIS A 163 -8.13 -12.02 14.53
CA HIS A 163 -7.34 -12.04 13.29
C HIS A 163 -5.84 -12.14 13.60
N ARG A 164 -5.38 -11.42 14.62
CA ARG A 164 -3.99 -11.50 15.02
C ARG A 164 -3.63 -12.90 15.52
N LEU A 165 -4.57 -13.55 16.19
CA LEU A 165 -4.36 -14.90 16.71
C LEU A 165 -4.25 -15.95 15.60
N VAL A 166 -5.20 -15.96 14.66
CA VAL A 166 -5.14 -16.95 13.56
C VAL A 166 -3.94 -16.75 12.64
N SER A 167 -3.41 -15.54 12.59
CA SER A 167 -2.32 -15.22 11.67
C SER A 167 -0.96 -15.31 12.35
N SER A 168 -0.85 -16.11 13.41
CA SER A 168 0.39 -16.20 14.17
C SER A 168 1.09 -17.55 13.97
N GLN A 178 -1.42 -24.87 11.93
CA GLN A 178 -2.85 -25.21 11.84
C GLN A 178 -3.63 -24.54 12.98
N THR A 179 -3.70 -23.22 12.93
CA THR A 179 -4.29 -22.42 14.01
C THR A 179 -5.81 -22.30 13.89
N ARG A 180 -6.52 -22.74 14.91
CA ARG A 180 -7.97 -22.58 14.98
C ARG A 180 -8.36 -21.81 16.23
N VAL A 181 -9.33 -20.91 16.08
CA VAL A 181 -9.82 -20.10 17.18
C VAL A 181 -11.28 -20.41 17.45
N LEU A 182 -11.63 -20.64 18.71
CA LEU A 182 -13.02 -20.76 19.09
C LEU A 182 -13.45 -19.48 19.78
N TYR A 183 -14.46 -18.83 19.23
CA TYR A 183 -15.02 -17.62 19.78
C TYR A 183 -16.36 -17.94 20.42
N VAL A 184 -16.48 -17.59 21.69
CA VAL A 184 -17.66 -17.87 22.49
C VAL A 184 -18.23 -16.56 22.99
N ASP A 185 -19.45 -16.25 22.56
CA ASP A 185 -20.09 -14.97 22.88
C ASP A 185 -21.22 -15.18 23.89
N LEU A 186 -21.00 -14.72 25.12
CA LEU A 186 -21.94 -14.96 26.24
C LEU A 186 -22.90 -13.79 26.47
N ASP A 187 -22.65 -12.69 25.77
CA ASP A 187 -23.46 -11.48 25.81
C ASP A 187 -24.95 -11.81 25.60
N LEU A 188 -25.82 -10.98 26.15
CA LEU A 188 -27.24 -11.12 25.93
C LEU A 188 -27.58 -10.97 24.44
N HIS A 189 -26.76 -10.19 23.73
CA HIS A 189 -27.01 -9.92 22.31
C HIS A 189 -26.18 -10.82 21.39
N HIS A 190 -26.71 -11.07 20.20
CA HIS A 190 -25.98 -11.86 19.21
C HIS A 190 -24.68 -11.15 18.78
N GLY A 191 -23.57 -11.87 18.79
CA GLY A 191 -22.31 -11.31 18.30
C GLY A 191 -22.30 -11.32 16.78
N ASP A 192 -23.05 -10.41 16.16
CA ASP A 192 -23.22 -10.43 14.70
C ASP A 192 -21.96 -9.99 13.97
N GLY A 193 -21.30 -8.94 14.46
CA GLY A 193 -20.10 -8.42 13.85
C GLY A 193 -18.98 -9.43 13.76
N VAL A 194 -18.71 -10.13 14.86
CA VAL A 194 -17.67 -11.15 14.86
C VAL A 194 -18.04 -12.32 13.96
N GLU A 195 -19.29 -12.76 14.06
CA GLU A 195 -19.78 -13.85 13.23
C GLU A 195 -19.68 -13.49 11.75
N GLU A 196 -20.10 -12.28 11.42
CA GLU A 196 -20.11 -11.84 10.03
C GLU A 196 -18.68 -11.78 9.51
N ALA A 197 -17.77 -11.27 10.33
CA ALA A 197 -16.37 -11.14 9.93
C ALA A 197 -15.75 -12.48 9.54
N PHE A 198 -16.15 -13.56 10.19
CA PHE A 198 -15.53 -14.86 9.94
C PHE A 198 -16.49 -15.84 9.28
N TRP A 199 -17.48 -15.28 8.60
CA TRP A 199 -18.51 -16.04 7.93
C TRP A 199 -17.93 -17.04 6.92
N TYR A 200 -16.81 -16.71 6.30
CA TYR A 200 -16.23 -17.58 5.27
C TYR A 200 -14.94 -18.26 5.74
N SER A 201 -14.70 -18.23 7.05
CA SER A 201 -13.47 -18.78 7.63
CA SER A 201 -13.47 -18.77 7.63
C SER A 201 -13.75 -19.99 8.49
N PRO A 202 -13.27 -21.17 8.06
CA PRO A 202 -13.46 -22.37 8.87
C PRO A 202 -12.54 -22.43 10.11
N ARG A 203 -11.49 -21.61 10.14
CA ARG A 203 -10.51 -21.71 11.21
C ARG A 203 -10.87 -20.85 12.42
N VAL A 204 -11.89 -20.01 12.28
CA VAL A 204 -12.45 -19.31 13.41
C VAL A 204 -13.90 -19.76 13.58
N VAL A 205 -14.14 -20.61 14.56
CA VAL A 205 -15.49 -21.06 14.80
C VAL A 205 -16.14 -20.11 15.80
N THR A 206 -17.28 -19.55 15.45
CA THR A 206 -17.95 -18.65 16.37
C THR A 206 -19.17 -19.32 16.95
N PHE A 207 -19.42 -19.04 18.23
CA PHE A 207 -20.58 -19.56 18.93
C PHE A 207 -21.15 -18.48 19.83
N SER A 208 -22.42 -18.15 19.61
CA SER A 208 -23.07 -17.11 20.38
C SER A 208 -24.35 -17.66 20.97
N VAL A 209 -24.50 -17.45 22.26
CA VAL A 209 -25.74 -17.74 22.94
C VAL A 209 -26.32 -16.37 23.31
N HIS A 210 -27.64 -16.23 23.16
CA HIS A 210 -28.22 -14.92 23.23
C HIS A 210 -29.72 -15.03 23.25
N HIS A 211 -30.38 -13.93 23.63
CA HIS A 211 -31.80 -13.82 23.39
C HIS A 211 -32.05 -13.33 21.97
N ALA A 212 -33.03 -13.91 21.30
CA ALA A 212 -33.55 -13.32 20.07
C ALA A 212 -35.07 -13.41 20.08
N SER A 213 -35.72 -12.32 19.65
CA SER A 213 -37.17 -12.25 19.57
C SER A 213 -37.49 -11.14 18.58
N PRO A 214 -38.73 -11.10 18.07
CA PRO A 214 -39.01 -10.10 17.04
C PRO A 214 -38.76 -8.66 17.50
N GLY A 215 -37.93 -7.93 16.76
CA GLY A 215 -37.62 -6.54 17.07
C GLY A 215 -36.47 -6.34 18.04
N PHE A 216 -35.90 -7.44 18.53
CA PHE A 216 -34.83 -7.33 19.52
C PHE A 216 -33.46 -7.23 18.84
N PHE A 217 -32.68 -6.25 19.25
CA PHE A 217 -31.34 -6.03 18.71
C PHE A 217 -30.42 -7.25 18.80
N PRO A 218 -29.66 -7.52 17.72
CA PRO A 218 -29.67 -6.84 16.41
C PRO A 218 -30.53 -7.55 15.39
N GLY A 219 -31.13 -8.67 15.77
CA GLY A 219 -32.10 -9.34 14.91
C GLY A 219 -31.59 -10.65 14.34
N THR A 220 -30.29 -10.87 14.46
CA THR A 220 -29.70 -12.04 13.82
C THR A 220 -29.45 -13.16 14.83
N GLY A 221 -28.80 -14.22 14.37
CA GLY A 221 -28.50 -15.37 15.21
C GLY A 221 -29.69 -16.23 15.56
N THR A 222 -30.67 -16.29 14.66
CA THR A 222 -31.83 -17.15 14.85
C THR A 222 -32.34 -17.61 13.48
N TRP A 223 -33.49 -18.28 13.47
CA TRP A 223 -34.08 -18.82 12.24
C TRP A 223 -34.21 -17.71 11.21
N ASN A 224 -33.97 -18.04 9.95
CA ASN A 224 -33.84 -17.02 8.93
C ASN A 224 -34.93 -17.08 7.87
N MET A 225 -35.30 -15.92 7.34
CA MET A 225 -36.29 -15.83 6.27
C MET A 225 -35.74 -15.14 5.03
N LEU A 231 -40.17 -24.72 5.66
CA LEU A 231 -39.88 -24.11 6.96
C LEU A 231 -38.49 -23.49 6.96
N PRO A 232 -38.28 -22.42 7.75
CA PRO A 232 -37.02 -21.68 7.76
C PRO A 232 -35.87 -22.44 8.44
N ILE A 233 -34.64 -22.01 8.20
CA ILE A 233 -33.46 -22.69 8.72
C ILE A 233 -32.46 -21.69 9.31
N PHE A 234 -31.43 -22.22 9.96
CA PHE A 234 -30.29 -21.45 10.45
C PHE A 234 -29.20 -21.31 9.40
N LEU A 235 -28.84 -20.08 9.04
CA LEU A 235 -27.60 -19.86 8.31
C LEU A 235 -26.43 -20.16 9.26
N ASN A 236 -25.32 -20.65 8.75
CA ASN A 236 -24.24 -21.06 9.63
C ASN A 236 -22.83 -20.91 9.07
N GLY A 237 -22.66 -19.99 8.12
CA GLY A 237 -21.40 -19.82 7.43
C GLY A 237 -21.58 -20.05 5.95
N ALA A 238 -20.55 -19.81 5.16
CA ALA A 238 -20.63 -20.02 3.71
C ALA A 238 -19.23 -20.24 3.14
N GLY A 239 -19.16 -20.71 1.90
CA GLY A 239 -17.89 -21.08 1.30
C GLY A 239 -17.22 -22.13 2.17
N ARG A 240 -15.92 -21.99 2.41
CA ARG A 240 -15.21 -22.95 3.21
C ARG A 240 -15.58 -22.84 4.70
N GLY A 241 -16.34 -21.81 5.05
CA GLY A 241 -16.74 -21.58 6.42
C GLY A 241 -18.13 -22.11 6.74
N ARG A 242 -18.68 -22.91 5.83
CA ARG A 242 -20.00 -23.51 6.04
C ARG A 242 -19.96 -24.33 7.33
N PHE A 243 -21.06 -24.26 8.09
CA PHE A 243 -21.21 -24.93 9.40
C PHE A 243 -20.25 -24.42 10.48
N SER A 244 -19.61 -23.28 10.26
CA SER A 244 -18.61 -22.80 11.22
C SER A 244 -19.09 -21.67 12.13
N ALA A 245 -20.35 -21.25 11.97
CA ALA A 245 -20.92 -20.23 12.85
C ALA A 245 -22.08 -20.83 13.63
N PHE A 246 -21.94 -20.89 14.95
CA PHE A 246 -22.92 -21.56 15.81
C PHE A 246 -23.77 -20.57 16.60
N ASN A 247 -25.06 -20.86 16.75
CA ASN A 247 -25.97 -19.94 17.41
C ASN A 247 -27.00 -20.67 18.26
N LEU A 248 -27.17 -20.21 19.49
CA LEU A 248 -28.25 -20.72 20.33
C LEU A 248 -29.08 -19.56 20.89
N PRO A 249 -30.22 -19.28 20.24
CA PRO A 249 -31.13 -18.24 20.73
C PRO A 249 -32.01 -18.83 21.83
N LEU A 250 -32.09 -18.12 22.94
CA LEU A 250 -32.88 -18.56 24.08
C LEU A 250 -34.00 -17.56 24.30
N GLU A 251 -35.11 -18.01 24.86
CA GLU A 251 -36.19 -17.07 25.16
C GLU A 251 -35.94 -16.43 26.54
N GLU A 252 -36.57 -15.29 26.76
CA GLU A 252 -36.43 -14.55 28.00
C GLU A 252 -36.78 -15.35 29.24
N GLY A 253 -36.16 -14.95 30.35
CA GLY A 253 -36.47 -15.50 31.64
C GLY A 253 -35.55 -16.62 32.10
N ILE A 254 -34.66 -17.09 31.23
CA ILE A 254 -33.84 -18.24 31.56
C ILE A 254 -32.94 -17.94 32.76
N ASN A 255 -32.73 -18.94 33.62
CA ASN A 255 -31.92 -18.74 34.81
C ASN A 255 -30.54 -19.36 34.67
N ASP A 256 -29.74 -19.25 35.73
CA ASP A 256 -28.36 -19.76 35.74
C ASP A 256 -28.22 -21.23 35.34
N LEU A 257 -29.11 -22.07 35.87
CA LEU A 257 -29.01 -23.52 35.71
C LEU A 257 -29.44 -23.98 34.31
N ASP A 258 -30.56 -23.46 33.82
CA ASP A 258 -31.02 -23.80 32.48
C ASP A 258 -30.10 -23.23 31.41
N TRP A 259 -29.60 -22.02 31.65
CA TRP A 259 -28.65 -21.40 30.74
C TRP A 259 -27.38 -22.25 30.71
N SER A 260 -26.95 -22.71 31.90
CA SER A 260 -25.75 -23.52 32.03
C SER A 260 -25.91 -24.88 31.36
N ASN A 261 -27.09 -25.47 31.49
CA ASN A 261 -27.40 -26.73 30.85
C ASN A 261 -27.50 -26.59 29.33
N ALA A 262 -28.02 -25.45 28.88
CA ALA A 262 -28.17 -25.22 27.46
C ALA A 262 -26.82 -25.16 26.73
N ILE A 263 -25.81 -24.49 27.31
CA ILE A 263 -24.57 -24.27 26.58
C ILE A 263 -23.43 -25.21 26.96
N GLY A 264 -23.54 -25.85 28.13
CA GLY A 264 -22.53 -26.76 28.62
C GLY A 264 -22.07 -27.82 27.65
N PRO A 265 -23.00 -28.66 27.17
CA PRO A 265 -22.64 -29.71 26.20
C PRO A 265 -22.12 -29.14 24.88
N ILE A 266 -22.55 -27.93 24.55
CA ILE A 266 -22.12 -27.36 23.28
C ILE A 266 -20.66 -26.89 23.40
N LEU A 267 -20.33 -26.20 24.49
CA LEU A 267 -18.96 -25.76 24.69
C LEU A 267 -18.03 -26.97 24.65
N ASP A 268 -18.38 -28.00 25.41
CA ASP A 268 -17.55 -29.19 25.51
C ASP A 268 -17.37 -29.87 24.15
N SER A 269 -18.45 -30.02 23.40
CA SER A 269 -18.35 -30.63 22.07
C SER A 269 -17.52 -29.77 21.12
N LEU A 270 -17.73 -28.45 21.16
CA LEU A 270 -16.94 -27.53 20.34
C LEU A 270 -15.45 -27.72 20.60
N ASN A 271 -15.08 -27.75 21.88
CA ASN A 271 -13.69 -27.93 22.25
C ASN A 271 -13.12 -29.25 21.72
N ILE A 272 -13.75 -30.36 22.11
CA ILE A 272 -13.41 -31.69 21.63
C ILE A 272 -13.20 -31.77 20.11
N VAL A 273 -14.22 -31.41 19.34
CA VAL A 273 -14.16 -31.59 17.90
C VAL A 273 -13.21 -30.59 17.24
N ILE A 274 -13.19 -29.35 17.72
CA ILE A 274 -12.43 -28.33 17.01
C ILE A 274 -10.99 -28.28 17.48
N GLN A 275 -10.76 -28.56 18.76
CA GLN A 275 -9.43 -28.48 19.37
C GLN A 275 -8.75 -27.16 19.04
N PRO A 276 -9.31 -26.05 19.52
CA PRO A 276 -8.84 -24.71 19.14
C PRO A 276 -7.49 -24.42 19.74
N SER A 277 -6.73 -23.52 19.12
CA SER A 277 -5.43 -23.11 19.65
C SER A 277 -5.61 -21.98 20.63
N TYR A 278 -6.70 -21.22 20.42
CA TYR A 278 -7.07 -20.12 21.30
C TYR A 278 -8.57 -20.10 21.50
N VAL A 279 -8.99 -19.69 22.69
CA VAL A 279 -10.40 -19.39 22.93
C VAL A 279 -10.51 -17.89 23.21
N VAL A 280 -11.52 -17.27 22.63
CA VAL A 280 -11.79 -15.87 22.87
C VAL A 280 -13.21 -15.78 23.39
N VAL A 281 -13.35 -15.33 24.64
CA VAL A 281 -14.66 -15.26 25.29
C VAL A 281 -15.12 -13.82 25.47
N GLN A 282 -16.28 -13.50 24.92
CA GLN A 282 -16.94 -12.21 25.20
C GLN A 282 -17.90 -12.44 26.38
N CYS A 283 -17.74 -11.66 27.43
CA CYS A 283 -18.46 -11.92 28.66
C CYS A 283 -19.33 -10.71 29.06
N GLY A 284 -20.03 -10.17 28.07
CA GLY A 284 -20.97 -9.07 28.30
C GLY A 284 -21.93 -9.43 29.41
N ALA A 285 -22.20 -8.46 30.28
CA ALA A 285 -22.90 -8.72 31.54
C ALA A 285 -24.38 -8.38 31.50
N ASP A 286 -24.95 -8.14 30.32
CA ASP A 286 -26.35 -7.78 30.27
C ASP A 286 -27.28 -8.98 30.35
N CYS A 287 -26.73 -10.18 30.55
CA CYS A 287 -27.58 -11.32 30.91
C CYS A 287 -27.97 -11.32 32.39
N LEU A 288 -27.39 -10.45 33.21
CA LEU A 288 -27.69 -10.46 34.66
C LEU A 288 -29.15 -10.12 34.92
N ALA A 289 -29.76 -10.81 35.88
CA ALA A 289 -31.15 -10.56 36.25
C ALA A 289 -31.42 -9.09 36.57
N THR A 290 -30.37 -8.37 36.96
CA THR A 290 -30.49 -7.00 37.44
C THR A 290 -30.03 -5.96 36.41
N ASP A 291 -29.68 -6.42 35.22
CA ASP A 291 -29.41 -5.50 34.15
C ASP A 291 -30.73 -4.85 33.74
N PRO A 292 -30.70 -3.55 33.40
CA PRO A 292 -31.90 -2.84 32.93
C PRO A 292 -32.62 -3.52 31.76
N HIS A 293 -31.95 -4.41 31.02
CA HIS A 293 -32.62 -5.14 29.95
C HIS A 293 -33.69 -6.06 30.54
N ARG A 294 -33.33 -6.74 31.62
CA ARG A 294 -34.21 -7.65 32.32
C ARG A 294 -34.77 -8.72 31.38
N ILE A 295 -33.87 -9.36 30.64
CA ILE A 295 -34.29 -10.47 29.80
C ILE A 295 -33.97 -11.83 30.43
N PHE A 296 -32.69 -12.10 30.69
CA PHE A 296 -32.29 -13.34 31.32
C PHE A 296 -32.21 -13.12 32.83
N ARG A 297 -32.06 -14.21 33.59
CA ARG A 297 -31.96 -14.13 35.05
C ARG A 297 -30.65 -14.72 35.54
N LEU A 298 -29.54 -14.41 34.87
CA LEU A 298 -28.26 -14.92 35.35
C LEU A 298 -27.79 -14.13 36.59
N THR A 299 -26.92 -14.75 37.38
CA THR A 299 -26.35 -14.06 38.54
C THR A 299 -24.83 -14.07 38.47
N ASN A 300 -24.20 -13.52 39.49
CA ASN A 300 -22.77 -13.72 39.70
C ASN A 300 -22.52 -14.68 40.86
N PHE A 301 -23.57 -15.37 41.32
CA PHE A 301 -23.48 -16.19 42.53
C PHE A 301 -22.38 -17.22 42.41
N TYR A 302 -21.57 -17.33 43.46
CA TYR A 302 -20.53 -18.33 43.55
C TYR A 302 -20.56 -18.99 44.94
N PRO A 303 -21.36 -20.05 45.09
CA PRO A 303 -21.52 -20.75 46.37
C PRO A 303 -20.29 -21.55 46.81
N LEU A 317 -25.32 -21.47 41.00
CA LEU A 317 -24.01 -21.12 40.44
C LEU A 317 -24.18 -20.26 39.17
N SER A 318 -23.45 -19.16 39.10
CA SER A 318 -23.56 -18.24 37.97
C SER A 318 -23.31 -18.91 36.63
N GLY A 319 -24.21 -18.68 35.67
CA GLY A 319 -24.04 -19.18 34.32
C GLY A 319 -22.69 -18.77 33.80
N TYR A 320 -22.39 -17.50 33.98
CA TYR A 320 -21.09 -16.94 33.62
C TYR A 320 -19.91 -17.71 34.20
N LEU A 321 -19.93 -17.93 35.52
CA LEU A 321 -18.82 -18.56 36.20
C LEU A 321 -18.73 -20.02 35.80
N TYR A 322 -19.88 -20.64 35.61
CA TYR A 322 -19.95 -21.99 35.05
C TYR A 322 -19.30 -22.09 33.66
N ALA A 323 -19.65 -21.16 32.77
CA ALA A 323 -19.13 -21.22 31.40
C ALA A 323 -17.62 -20.96 31.38
N ILE A 324 -17.17 -20.02 32.20
CA ILE A 324 -15.77 -19.60 32.17
C ILE A 324 -14.92 -20.70 32.78
N LYS A 325 -15.41 -21.33 33.85
CA LYS A 325 -14.68 -22.42 34.49
C LYS A 325 -14.50 -23.58 33.52
N LYS A 326 -15.58 -23.95 32.84
CA LYS A 326 -15.53 -25.01 31.84
C LYS A 326 -14.50 -24.69 30.77
N ILE A 327 -14.54 -23.47 30.23
CA ILE A 327 -13.60 -23.06 29.19
C ILE A 327 -12.16 -23.08 29.70
N LEU A 328 -11.94 -22.60 30.92
CA LEU A 328 -10.60 -22.58 31.51
C LEU A 328 -10.08 -23.99 31.83
N SER A 329 -10.99 -24.95 32.01
CA SER A 329 -10.59 -26.32 32.32
C SER A 329 -9.98 -27.02 31.11
N TRP A 330 -10.13 -26.41 29.94
CA TRP A 330 -9.56 -26.94 28.70
C TRP A 330 -8.06 -26.67 28.60
N LYS A 331 -7.58 -25.73 29.39
CA LYS A 331 -6.17 -25.34 29.39
C LYS A 331 -5.72 -24.91 28.00
N VAL A 332 -6.56 -24.14 27.33
CA VAL A 332 -6.20 -23.52 26.05
C VAL A 332 -6.01 -22.02 26.32
N PRO A 333 -4.93 -21.42 25.81
CA PRO A 333 -4.70 -19.98 26.01
C PRO A 333 -5.93 -19.17 25.63
N THR A 334 -6.40 -18.35 26.56
CA THR A 334 -7.74 -17.78 26.46
C THR A 334 -7.78 -16.26 26.60
N LEU A 335 -8.55 -15.63 25.73
CA LEU A 335 -8.79 -14.20 25.84
C LEU A 335 -10.18 -13.99 26.46
N ILE A 336 -10.26 -13.27 27.57
CA ILE A 336 -11.56 -12.95 28.17
C ILE A 336 -11.83 -11.44 28.05
N LEU A 337 -12.93 -11.09 27.38
CA LEU A 337 -13.28 -9.71 27.10
C LEU A 337 -14.61 -9.31 27.74
N GLY A 338 -14.82 -8.01 27.92
CA GLY A 338 -16.08 -7.51 28.44
C GLY A 338 -17.16 -7.44 27.37
N GLY A 339 -17.93 -6.36 27.40
CA GLY A 339 -18.99 -6.16 26.42
C GLY A 339 -20.12 -5.37 27.04
N GLY A 340 -21.36 -5.76 26.77
CA GLY A 340 -22.52 -5.13 27.33
C GLY A 340 -22.56 -5.28 28.85
N GLY A 341 -23.47 -4.56 29.49
CA GLY A 341 -23.58 -4.58 30.94
C GLY A 341 -23.92 -3.17 31.34
N TYR A 342 -25.18 -2.93 31.70
CA TYR A 342 -25.64 -1.55 31.87
C TYR A 342 -25.99 -1.20 33.31
N ASN A 343 -25.93 -2.19 34.18
CA ASN A 343 -25.96 -1.93 35.60
C ASN A 343 -24.50 -1.97 36.02
N PHE A 344 -23.89 -0.79 36.16
CA PHE A 344 -22.43 -0.70 36.30
C PHE A 344 -21.88 -1.41 37.56
N PRO A 345 -22.53 -1.22 38.73
CA PRO A 345 -21.96 -1.93 39.89
C PRO A 345 -22.11 -3.42 39.77
N ASP A 346 -23.26 -3.88 39.26
CA ASP A 346 -23.50 -5.32 39.10
C ASP A 346 -22.61 -5.95 38.04
N THR A 347 -22.25 -5.18 37.02
CA THR A 347 -21.28 -5.62 36.02
C THR A 347 -19.91 -5.80 36.69
N ALA A 348 -19.59 -4.86 37.57
CA ALA A 348 -18.35 -4.92 38.33
C ALA A 348 -18.35 -6.15 39.23
N ARG A 349 -19.46 -6.38 39.92
CA ARG A 349 -19.62 -7.55 40.79
C ARG A 349 -19.38 -8.85 40.05
N LEU A 350 -19.91 -8.91 38.84
CA LEU A 350 -19.76 -10.11 38.02
C LEU A 350 -18.32 -10.27 37.52
N TRP A 351 -17.74 -9.21 36.98
CA TRP A 351 -16.41 -9.36 36.37
C TRP A 351 -15.30 -9.50 37.43
N THR A 352 -15.54 -8.97 38.63
CA THR A 352 -14.66 -9.23 39.76
C THR A 352 -14.61 -10.73 40.08
N ARG A 353 -15.76 -11.38 40.08
CA ARG A 353 -15.83 -12.80 40.33
C ARG A 353 -15.24 -13.64 39.18
N VAL A 354 -15.46 -13.19 37.94
CA VAL A 354 -14.83 -13.86 36.80
C VAL A 354 -13.31 -13.75 36.89
N THR A 355 -12.85 -12.59 37.33
CA THR A 355 -11.42 -12.36 37.47
C THR A 355 -10.83 -13.22 38.57
N ALA A 356 -11.49 -13.25 39.72
CA ALA A 356 -11.06 -14.13 40.81
C ALA A 356 -11.06 -15.60 40.37
N LEU A 357 -12.11 -16.03 39.68
CA LEU A 357 -12.25 -17.40 39.19
C LEU A 357 -11.10 -17.81 38.25
N THR A 358 -10.74 -16.88 37.35
CA THR A 358 -9.64 -17.07 36.40
C THR A 358 -8.27 -17.27 37.07
N ILE A 359 -7.97 -16.42 38.04
CA ILE A 359 -6.76 -16.53 38.84
C ILE A 359 -6.69 -17.88 39.54
N GLU A 360 -7.80 -18.26 40.16
CA GLU A 360 -7.87 -19.51 40.90
C GLU A 360 -7.70 -20.72 39.98
N GLU A 361 -8.28 -20.68 38.80
CA GLU A 361 -8.24 -21.82 37.89
C GLU A 361 -6.92 -21.94 37.14
N VAL A 362 -6.27 -20.82 36.84
CA VAL A 362 -5.02 -20.86 36.10
C VAL A 362 -3.82 -21.08 37.01
N LYS A 363 -3.70 -20.23 38.04
CA LYS A 363 -2.59 -20.29 38.97
C LYS A 363 -2.77 -21.37 40.04
N GLY A 364 -3.95 -22.00 40.06
CA GLY A 364 -4.20 -23.11 40.95
C GLY A 364 -4.15 -22.79 42.43
N LYS A 365 -4.49 -21.55 42.78
CA LYS A 365 -4.44 -21.12 44.18
C LYS A 365 -5.76 -20.47 44.62
N LYS A 366 -6.28 -20.92 45.77
CA LYS A 366 -7.55 -20.43 46.30
C LYS A 366 -7.64 -18.91 46.31
N MET A 367 -8.73 -18.38 45.77
CA MET A 367 -9.02 -16.96 45.86
C MET A 367 -10.24 -16.76 46.75
N THR A 368 -10.03 -16.15 47.90
CA THR A 368 -11.11 -15.89 48.83
C THR A 368 -11.58 -14.48 48.65
N ILE A 369 -12.89 -14.30 48.52
CA ILE A 369 -13.44 -12.98 48.36
C ILE A 369 -14.52 -12.65 49.40
N SER A 370 -14.25 -11.65 50.23
CA SER A 370 -15.23 -11.19 51.21
C SER A 370 -16.59 -10.91 50.61
N PRO A 371 -17.65 -11.45 51.24
CA PRO A 371 -19.03 -11.33 50.75
C PRO A 371 -19.53 -9.89 50.72
N GLU A 372 -18.83 -8.98 51.39
CA GLU A 372 -19.26 -7.59 51.31
C GLU A 372 -18.20 -6.73 50.62
N ILE A 373 -18.67 -5.67 49.97
CA ILE A 373 -17.80 -4.79 49.22
C ILE A 373 -16.84 -4.03 50.13
N PRO A 374 -15.53 -4.19 49.90
CA PRO A 374 -14.57 -3.43 50.71
C PRO A 374 -14.60 -1.95 50.37
N GLU A 375 -14.32 -1.11 51.36
CA GLU A 375 -14.24 0.33 51.17
C GLU A 375 -13.23 0.67 50.08
N HIS A 376 -13.65 1.53 49.16
CA HIS A 376 -12.78 2.03 48.11
C HIS A 376 -13.46 3.23 47.48
N SER A 377 -12.84 3.81 46.46
CA SER A 377 -13.27 5.10 45.92
C SER A 377 -14.75 5.10 45.52
N TYR A 378 -15.20 3.99 44.93
CA TYR A 378 -16.57 3.88 44.45
C TYR A 378 -17.49 3.06 45.36
N PHE A 379 -17.05 2.84 46.60
CA PHE A 379 -17.82 2.05 47.56
C PHE A 379 -19.32 2.39 47.62
N SER A 380 -19.64 3.68 47.64
CA SER A 380 -21.03 4.11 47.79
C SER A 380 -21.96 3.67 46.65
N ARG A 381 -21.40 3.40 45.47
CA ARG A 381 -22.21 3.00 44.32
C ARG A 381 -22.87 1.63 44.52
N TYR A 382 -22.42 0.90 45.52
CA TYR A 382 -22.84 -0.49 45.68
C TYR A 382 -23.97 -0.66 46.67
N GLY A 383 -24.63 0.45 47.01
CA GLY A 383 -25.81 0.41 47.85
C GLY A 383 -26.94 -0.42 47.28
N PRO A 384 -27.94 -0.74 48.13
CA PRO A 384 -27.98 -0.28 49.51
C PRO A 384 -27.24 -1.19 50.49
N ASP A 385 -27.05 -2.47 50.14
CA ASP A 385 -26.53 -3.46 51.08
C ASP A 385 -25.02 -3.67 51.01
N PHE A 386 -24.40 -3.24 49.91
CA PHE A 386 -22.95 -3.28 49.80
C PHE A 386 -22.36 -4.69 49.91
N GLU A 387 -23.07 -5.70 49.41
CA GLU A 387 -22.48 -7.03 49.33
C GLU A 387 -22.21 -7.46 47.87
N LEU A 388 -21.46 -8.54 47.73
CA LEU A 388 -20.86 -8.91 46.46
C LEU A 388 -21.83 -9.63 45.52
N ASP A 389 -22.68 -10.49 46.08
CA ASP A 389 -23.79 -11.07 45.31
C ASP A 389 -24.65 -9.95 44.76
N ILE A 390 -25.11 -10.09 43.52
CA ILE A 390 -26.06 -9.13 43.00
C ILE A 390 -27.33 -9.27 43.83
N ASP A 391 -28.06 -8.17 43.96
CA ASP A 391 -29.28 -8.15 44.75
C ASP A 391 -30.45 -8.79 43.99
N TYR A 392 -30.51 -10.12 44.01
CA TYR A 392 -31.57 -10.81 43.29
C TYR A 392 -31.86 -12.19 43.88
N PHE A 393 -33.13 -12.54 43.97
CA PHE A 393 -33.50 -13.89 44.43
C PHE A 393 -34.44 -14.57 43.43
N PRO A 394 -33.98 -15.67 42.83
CA PRO A 394 -34.77 -16.43 41.87
C PRO A 394 -36.01 -17.06 42.50
N ASP A 403 -37.23 -28.28 26.07
CA ASP A 403 -37.57 -28.99 24.84
C ASP A 403 -37.17 -28.17 23.58
N SER A 404 -37.43 -26.87 23.61
CA SER A 404 -36.88 -25.96 22.62
C SER A 404 -35.35 -26.12 22.58
N ILE A 405 -34.75 -26.15 23.76
CA ILE A 405 -33.31 -26.28 23.88
C ILE A 405 -32.86 -27.66 23.41
N GLN A 406 -33.72 -28.65 23.56
CA GLN A 406 -33.44 -30.01 23.08
C GLN A 406 -33.39 -30.06 21.53
N LYS A 407 -34.31 -29.38 20.87
CA LYS A 407 -34.28 -29.26 19.41
C LYS A 407 -32.99 -28.60 18.94
N HIS A 408 -32.54 -27.59 19.67
CA HIS A 408 -31.33 -26.86 19.32
C HIS A 408 -30.08 -27.71 19.44
N HIS A 409 -30.04 -28.54 20.46
CA HIS A 409 -28.90 -29.43 20.66
C HIS A 409 -28.76 -30.43 19.52
N ARG A 410 -29.87 -31.04 19.13
CA ARG A 410 -29.85 -31.95 17.99
C ARG A 410 -29.43 -31.20 16.72
N ARG A 411 -29.98 -30.01 16.54
CA ARG A 411 -29.63 -29.18 15.38
C ARG A 411 -28.13 -28.84 15.35
N ILE A 412 -27.55 -28.54 16.51
CA ILE A 412 -26.16 -28.05 16.59
C ILE A 412 -25.15 -29.20 16.50
N LEU A 413 -25.48 -30.32 17.12
CA LEU A 413 -24.65 -31.51 17.03
C LEU A 413 -24.49 -31.90 15.56
N GLU A 414 -25.61 -31.83 14.84
CA GLU A 414 -25.61 -32.09 13.40
C GLU A 414 -24.74 -31.08 12.63
N GLN A 415 -24.81 -29.81 13.02
CA GLN A 415 -23.97 -28.79 12.41
C GLN A 415 -22.48 -29.06 12.71
N LEU A 416 -22.20 -29.43 13.96
CA LEU A 416 -20.85 -29.78 14.38
C LEU A 416 -20.29 -30.98 13.59
N ARG A 417 -21.14 -31.99 13.39
CA ARG A 417 -20.77 -33.14 12.58
C ARG A 417 -20.51 -32.72 11.13
N ASN A 418 -21.41 -31.91 10.58
CA ASN A 418 -21.22 -31.37 9.23
C ASN A 418 -19.94 -30.55 9.13
N TYR A 419 -19.66 -29.76 10.17
CA TYR A 419 -18.44 -28.95 10.17
C TYR A 419 -17.21 -29.86 10.15
N ALA A 420 -17.15 -30.79 11.10
CA ALA A 420 -16.07 -31.76 11.18
C ALA A 420 -15.86 -32.52 9.88
N ASP A 421 -16.96 -32.97 9.28
CA ASP A 421 -16.91 -33.69 8.02
C ASP A 421 -16.35 -32.81 6.90
N LEU A 422 -16.88 -31.61 6.79
CA LEU A 422 -16.45 -30.67 5.75
C LEU A 422 -14.97 -30.33 5.87
N ASN A 423 -14.48 -30.27 7.10
CA ASN A 423 -13.09 -29.88 7.33
C ASN A 423 -12.16 -31.05 7.64
N LYS A 424 -12.64 -32.27 7.40
CA LYS A 424 -11.83 -33.48 7.55
C LYS A 424 -11.19 -33.59 8.94
N LEU A 425 -11.96 -33.31 9.99
CA LEU A 425 -11.46 -33.43 11.35
C LEU A 425 -11.74 -34.81 11.94
N ILE A 426 -10.93 -35.21 12.92
CA ILE A 426 -11.11 -36.50 13.57
C ILE A 426 -11.94 -36.35 14.84
N TYR A 427 -13.24 -36.62 14.75
CA TYR A 427 -14.10 -36.54 15.91
C TYR A 427 -14.62 -37.92 16.29
N ASP A 428 -14.86 -38.11 17.58
CA ASP A 428 -15.40 -39.35 18.09
C ASP A 428 -16.89 -39.17 18.34
N TYR A 429 -17.72 -39.66 17.42
CA TYR A 429 -19.15 -39.36 17.44
C TYR A 429 -19.87 -39.88 18.67
N ASP A 430 -19.35 -40.93 19.29
CA ASP A 430 -20.00 -41.51 20.47
C ASP A 430 -19.82 -40.60 21.68
N GLN A 431 -18.63 -40.01 21.81
CA GLN A 431 -18.31 -39.17 22.97
C GLN A 431 -19.01 -37.82 22.88
N VAL A 432 -19.03 -37.24 21.68
CA VAL A 432 -19.70 -35.97 21.45
C VAL A 432 -21.20 -36.12 21.71
N TYR A 433 -21.80 -37.13 21.09
CA TYR A 433 -23.21 -37.43 21.30
C TYR A 433 -23.49 -37.74 22.77
N GLN A 434 -22.58 -38.43 23.44
CA GLN A 434 -22.71 -38.76 24.85
C GLN A 434 -22.93 -37.52 25.73
N LEU A 435 -22.39 -36.39 25.29
CA LEU A 435 -22.48 -35.15 26.07
C LEU A 435 -23.91 -34.62 26.19
N TYR A 436 -24.84 -35.21 25.44
CA TYR A 436 -26.24 -34.77 25.46
C TYR A 436 -27.16 -35.87 25.99
N SER B 3 33.45 26.93 27.89
CA SER B 3 33.87 25.54 27.84
C SER B 3 32.70 24.62 27.50
N VAL B 4 32.86 23.80 26.47
CA VAL B 4 31.83 22.82 26.11
C VAL B 4 32.27 21.43 26.58
N GLY B 5 31.50 20.86 27.48
CA GLY B 5 31.77 19.52 27.98
C GLY B 5 30.99 18.46 27.24
N ILE B 6 31.54 17.25 27.17
CA ILE B 6 30.81 16.14 26.60
C ILE B 6 31.07 14.94 27.47
N VAL B 7 30.02 14.17 27.72
CA VAL B 7 30.13 13.02 28.61
C VAL B 7 30.60 11.77 27.86
N TYR B 8 31.75 11.24 28.24
N TYR B 8 31.74 11.24 28.29
CA TYR B 8 32.17 9.94 27.75
CA TYR B 8 32.32 10.04 27.69
C TYR B 8 33.25 9.34 28.63
C TYR B 8 33.24 9.34 28.67
N GLY B 9 33.47 8.04 28.46
CA GLY B 9 34.38 7.28 29.27
C GLY B 9 34.39 5.89 28.66
N ASP B 10 35.46 5.13 28.92
CA ASP B 10 35.62 3.81 28.32
C ASP B 10 34.51 2.84 28.75
N GLN B 11 34.23 2.79 30.04
CA GLN B 11 33.21 1.90 30.54
C GLN B 11 31.82 2.44 30.23
N TYR B 12 31.67 3.76 30.32
CA TYR B 12 30.43 4.44 29.92
C TYR B 12 30.02 4.03 28.53
N ARG B 13 31.00 4.06 27.62
CA ARG B 13 30.73 3.68 26.25
C ARG B 13 30.31 2.22 26.17
N GLN B 14 31.01 1.36 26.92
CA GLN B 14 30.69 -0.05 26.88
C GLN B 14 29.27 -0.27 27.40
N LEU B 15 28.91 0.39 28.49
CA LEU B 15 27.56 0.26 29.05
C LEU B 15 26.47 0.88 28.15
N CYS B 16 26.72 2.07 27.61
CA CYS B 16 25.76 2.68 26.69
C CYS B 16 25.55 1.85 25.43
N CYS B 17 26.51 1.00 25.08
CA CYS B 17 26.34 0.13 23.91
C CYS B 17 25.88 -1.28 24.24
N SER B 18 25.33 -1.51 25.44
CA SER B 18 25.05 -2.88 25.89
C SER B 18 23.58 -3.29 25.78
N SER B 19 22.73 -2.38 25.31
CA SER B 19 21.29 -2.64 25.23
C SER B 19 20.90 -3.26 23.91
N PRO B 20 19.87 -4.12 23.92
CA PRO B 20 19.28 -4.70 22.71
C PRO B 20 18.70 -3.65 21.76
N LYS B 21 18.06 -2.62 22.30
CA LYS B 21 17.38 -1.66 21.47
C LYS B 21 18.33 -0.69 20.78
N PHE B 22 19.30 -0.15 21.50
CA PHE B 22 20.10 0.91 20.93
C PHE B 22 21.48 0.46 20.48
N GLY B 23 21.78 -0.83 20.66
CA GLY B 23 22.99 -1.45 20.15
C GLY B 23 24.20 -0.55 20.31
N ASP B 24 24.96 -0.36 19.23
CA ASP B 24 26.19 0.44 19.31
C ASP B 24 25.98 1.89 18.88
N ARG B 25 24.75 2.41 18.99
CA ARG B 25 24.46 3.76 18.53
C ARG B 25 25.39 4.81 19.14
N TYR B 26 25.58 4.72 20.45
CA TYR B 26 26.41 5.66 21.16
C TYR B 26 27.85 5.63 20.65
N ALA B 27 28.33 4.44 20.29
CA ALA B 27 29.68 4.30 19.74
C ALA B 27 29.80 4.98 18.36
N LEU B 28 28.78 4.83 17.54
CA LEU B 28 28.77 5.51 16.24
C LEU B 28 28.80 7.01 16.41
N VAL B 29 27.99 7.52 17.34
CA VAL B 29 27.90 8.96 17.56
C VAL B 29 29.25 9.53 18.00
N MET B 30 29.83 8.94 19.04
CA MET B 30 31.06 9.47 19.64
C MET B 30 32.27 9.30 18.73
N ASP B 31 32.27 8.25 17.93
CA ASP B 31 33.39 8.02 17.01
C ASP B 31 33.26 8.91 15.76
N LEU B 32 32.03 9.27 15.40
CA LEU B 32 31.87 10.21 14.28
C LEU B 32 32.34 11.59 14.70
N ILE B 33 31.97 11.97 15.91
CA ILE B 33 32.42 13.20 16.54
C ILE B 33 33.95 13.18 16.67
N ASN B 34 34.49 12.03 17.02
CA ASN B 34 35.93 11.84 17.09
C ASN B 34 36.58 11.94 15.70
N ALA B 35 35.94 11.35 14.69
CA ALA B 35 36.51 11.29 13.36
C ALA B 35 36.57 12.67 12.72
N TYR B 36 35.60 13.53 13.06
CA TYR B 36 35.60 14.90 12.56
C TYR B 36 36.50 15.83 13.38
N LYS B 37 37.28 15.25 14.29
CA LYS B 37 38.26 15.98 15.12
C LYS B 37 37.65 17.03 16.07
N LEU B 38 36.43 16.77 16.52
CA LEU B 38 35.76 17.62 17.49
C LEU B 38 36.24 17.36 18.93
N ILE B 39 36.60 16.13 19.25
CA ILE B 39 36.92 15.75 20.63
C ILE B 39 38.00 16.66 21.27
N PRO B 40 39.08 17.01 20.53
CA PRO B 40 40.01 17.96 21.15
C PRO B 40 39.42 19.35 21.50
N GLU B 41 38.26 19.70 20.96
CA GLU B 41 37.63 21.00 21.26
C GLU B 41 36.80 20.94 22.54
N LEU B 42 36.54 19.73 22.98
CA LEU B 42 35.56 19.47 24.01
C LEU B 42 36.23 19.04 25.31
N SER B 43 35.63 19.42 26.42
CA SER B 43 36.07 18.96 27.74
CA SER B 43 36.07 18.96 27.73
C SER B 43 35.38 17.64 28.09
N ARG B 44 36.15 16.58 28.29
CA ARG B 44 35.54 15.32 28.69
C ARG B 44 34.93 15.46 30.08
N VAL B 45 33.64 15.13 30.21
CA VAL B 45 32.99 15.11 31.51
C VAL B 45 32.82 13.67 31.98
N PRO B 46 33.60 13.26 32.99
CA PRO B 46 33.52 11.85 33.36
C PRO B 46 32.19 11.54 34.05
N PRO B 47 31.62 10.36 33.78
CA PRO B 47 30.36 9.99 34.45
C PRO B 47 30.55 9.96 35.97
N LEU B 48 29.53 10.38 36.72
CA LEU B 48 29.56 10.39 38.17
C LEU B 48 29.68 8.96 38.70
N GLN B 49 30.54 8.76 39.70
CA GLN B 49 30.51 7.51 40.44
C GLN B 49 30.32 7.80 41.91
N TRP B 50 29.86 6.81 42.66
CA TRP B 50 29.52 7.05 44.05
C TRP B 50 30.46 6.32 45.05
N ASP B 51 30.40 6.76 46.31
CA ASP B 51 31.18 6.15 47.40
C ASP B 51 30.66 4.79 47.85
N SER B 52 29.40 4.48 47.52
CA SER B 52 28.78 3.27 48.05
C SER B 52 27.46 2.98 47.34
N PRO B 53 26.99 1.73 47.48
CA PRO B 53 25.66 1.41 46.95
C PRO B 53 24.60 2.31 47.55
N SER B 54 24.76 2.68 48.83
CA SER B 54 23.74 3.48 49.50
C SER B 54 23.68 4.89 48.95
N ARG B 55 24.83 5.48 48.62
CA ARG B 55 24.83 6.81 48.02
C ARG B 55 24.25 6.77 46.59
N MET B 56 24.57 5.71 45.85
CA MET B 56 23.99 5.51 44.52
C MET B 56 22.48 5.38 44.66
N TYR B 57 22.07 4.62 45.66
CA TYR B 57 20.66 4.34 45.88
C TYR B 57 19.92 5.61 46.22
N GLU B 58 20.56 6.46 47.00
CA GLU B 58 19.95 7.71 47.43
C GLU B 58 19.81 8.70 46.27
N ALA B 59 20.78 8.69 45.36
CA ALA B 59 20.71 9.61 44.24
C ALA B 59 19.60 9.17 43.29
N VAL B 60 19.51 7.86 43.03
CA VAL B 60 18.51 7.41 42.08
C VAL B 60 17.12 7.54 42.67
N THR B 61 16.97 7.28 43.98
CA THR B 61 15.65 7.38 44.59
C THR B 61 15.28 8.81 44.98
N ALA B 62 16.06 9.79 44.56
CA ALA B 62 15.60 11.17 44.62
C ALA B 62 14.35 11.33 43.75
N PHE B 63 14.25 10.51 42.69
CA PHE B 63 13.03 10.47 41.89
C PHE B 63 12.31 9.11 41.94
N HIS B 64 13.06 8.04 41.71
CA HIS B 64 12.44 6.72 41.58
C HIS B 64 12.17 6.07 42.93
N SER B 65 11.15 5.24 43.01
CA SER B 65 10.84 4.55 44.25
C SER B 65 11.91 3.51 44.54
N THR B 66 12.11 3.24 45.83
CA THR B 66 13.05 2.23 46.25
C THR B 66 12.67 0.88 45.70
N GLU B 67 11.38 0.58 45.68
CA GLU B 67 10.91 -0.73 45.20
C GLU B 67 11.11 -0.89 43.70
N TYR B 68 10.94 0.19 42.93
CA TYR B 68 11.23 0.13 41.50
C TYR B 68 12.73 -0.15 41.24
N VAL B 69 13.59 0.59 41.92
CA VAL B 69 15.03 0.41 41.73
C VAL B 69 15.48 -1.00 42.15
N ASP B 70 14.89 -1.54 43.22
CA ASP B 70 15.19 -2.90 43.66
C ASP B 70 14.85 -3.93 42.59
N ALA B 71 13.65 -3.82 42.02
CA ALA B 71 13.22 -4.70 40.94
C ALA B 71 14.18 -4.60 39.75
N LEU B 72 14.54 -3.37 39.41
CA LEU B 72 15.45 -3.13 38.31
C LEU B 72 16.78 -3.85 38.54
N LYS B 73 17.30 -3.73 39.75
CA LYS B 73 18.53 -4.43 40.10
C LYS B 73 18.34 -5.94 40.02
N LYS B 74 17.25 -6.44 40.61
CA LYS B 74 16.93 -7.86 40.56
C LYS B 74 16.78 -8.35 39.11
N LEU B 75 16.13 -7.54 38.26
CA LEU B 75 15.94 -7.89 36.86
C LEU B 75 17.29 -8.16 36.18
N GLN B 76 18.28 -7.34 36.50
CA GLN B 76 19.63 -7.53 35.97
C GLN B 76 20.26 -8.81 36.50
N MET B 77 20.21 -8.97 37.81
CA MET B 77 20.74 -10.19 38.43
C MET B 77 20.06 -11.42 37.81
N LEU B 78 18.73 -11.39 37.67
CA LEU B 78 18.01 -12.52 37.08
C LEU B 78 18.49 -12.86 35.66
N HIS B 79 18.77 -11.86 34.84
CA HIS B 79 19.18 -12.10 33.46
C HIS B 79 20.66 -12.51 33.31
N CYS B 80 21.47 -12.27 34.33
CA CYS B 80 22.87 -12.71 34.27
C CYS B 80 23.01 -14.21 34.50
N GLU B 81 22.27 -14.73 35.48
CA GLU B 81 22.05 -16.17 35.55
C GLU B 81 21.15 -16.53 34.37
N GLU B 82 21.22 -17.78 33.90
CA GLU B 82 20.45 -18.12 32.71
C GLU B 82 19.31 -19.10 32.99
N LYS B 83 18.79 -19.08 34.22
CA LYS B 83 17.62 -19.89 34.54
C LYS B 83 16.36 -19.06 34.32
N GLU B 84 15.23 -19.73 34.13
CA GLU B 84 13.96 -19.07 33.88
C GLU B 84 13.47 -18.29 35.09
N LEU B 85 12.71 -17.23 34.84
CA LEU B 85 12.11 -16.47 35.93
C LEU B 85 11.00 -17.28 36.58
N THR B 86 10.84 -17.12 37.90
CA THR B 86 9.72 -17.72 38.62
C THR B 86 8.44 -16.93 38.38
N ALA B 87 7.29 -17.57 38.60
CA ALA B 87 5.99 -16.94 38.38
C ALA B 87 5.85 -15.64 39.16
N ASP B 88 6.38 -15.60 40.38
CA ASP B 88 6.28 -14.38 41.18
C ASP B 88 7.34 -13.34 40.80
N ASP B 89 8.47 -13.81 40.28
CA ASP B 89 9.46 -12.90 39.69
C ASP B 89 8.79 -12.15 38.54
N GLU B 90 8.05 -12.90 37.72
CA GLU B 90 7.35 -12.33 36.57
C GLU B 90 6.36 -11.25 36.96
N LEU B 91 5.55 -11.52 37.99
CA LEU B 91 4.51 -10.57 38.38
C LEU B 91 5.13 -9.29 38.89
N LEU B 92 6.20 -9.44 39.68
CA LEU B 92 6.91 -8.28 40.21
C LEU B 92 7.46 -7.41 39.08
N MET B 93 8.10 -8.02 38.09
CA MET B 93 8.65 -7.24 36.98
C MET B 93 7.51 -6.58 36.19
N ASP B 94 6.45 -7.33 35.93
CA ASP B 94 5.29 -6.81 35.22
C ASP B 94 4.68 -5.60 35.94
N SER B 95 4.71 -5.62 37.27
CA SER B 95 4.12 -4.53 38.06
C SER B 95 4.91 -3.22 37.92
N PHE B 96 6.13 -3.28 37.37
CA PHE B 96 6.90 -2.06 37.10
C PHE B 96 7.08 -1.83 35.60
N SER B 97 6.30 -2.55 34.80
CA SER B 97 6.41 -2.55 33.34
C SER B 97 7.81 -2.94 32.86
N LEU B 98 8.47 -3.82 33.62
CA LEU B 98 9.79 -4.32 33.22
C LEU B 98 9.59 -5.52 32.30
N ASN B 99 9.00 -5.25 31.14
CA ASN B 99 8.61 -6.27 30.17
C ASN B 99 8.34 -5.66 28.79
N TYR B 100 8.06 -6.53 27.82
CA TYR B 100 7.64 -6.14 26.47
C TYR B 100 8.62 -5.18 25.80
N ASP B 101 8.32 -3.88 25.88
CA ASP B 101 9.17 -2.84 25.28
C ASP B 101 10.32 -2.39 26.18
N CYS B 102 10.23 -2.72 27.46
CA CYS B 102 11.32 -2.50 28.41
C CYS B 102 11.76 -3.80 29.06
N PRO B 103 12.31 -4.71 28.24
CA PRO B 103 12.66 -6.02 28.77
C PRO B 103 13.95 -6.01 29.58
N GLY B 104 14.18 -7.10 30.30
CA GLY B 104 15.45 -7.30 30.96
C GLY B 104 16.52 -7.73 29.97
N PHE B 105 17.75 -7.41 30.31
CA PHE B 105 18.90 -7.96 29.60
C PHE B 105 20.03 -7.95 30.63
N PRO B 106 21.10 -8.71 30.40
CA PRO B 106 22.13 -8.88 31.43
C PRO B 106 22.70 -7.60 32.05
N SER B 107 22.64 -6.48 31.35
CA SER B 107 23.21 -5.24 31.88
C SER B 107 22.15 -4.15 32.05
N VAL B 108 20.89 -4.54 32.16
CA VAL B 108 19.81 -3.56 32.14
C VAL B 108 19.98 -2.49 33.23
N PHE B 109 20.42 -2.86 34.43
CA PHE B 109 20.57 -1.86 35.48
C PHE B 109 21.80 -0.97 35.28
N ASP B 110 22.94 -1.57 34.97
CA ASP B 110 24.16 -0.83 34.64
C ASP B 110 23.95 0.12 33.44
N TYR B 111 23.25 -0.35 32.42
CA TYR B 111 22.94 0.48 31.27
C TYR B 111 22.11 1.69 31.69
N SER B 112 20.99 1.42 32.37
CA SER B 112 20.11 2.46 32.86
C SER B 112 20.82 3.45 33.78
N LEU B 113 21.65 2.92 34.67
CA LEU B 113 22.34 3.75 35.64
C LEU B 113 23.38 4.64 34.96
N ALA B 114 24.04 4.12 33.92
CA ALA B 114 25.08 4.87 33.25
C ALA B 114 24.55 6.21 32.73
N ALA B 115 23.33 6.24 32.19
CA ALA B 115 22.78 7.51 31.69
C ALA B 115 22.62 8.51 32.83
N VAL B 116 22.17 8.01 33.97
CA VAL B 116 22.06 8.83 35.17
C VAL B 116 23.41 9.40 35.59
N GLN B 117 24.42 8.53 35.60
CA GLN B 117 25.78 8.92 35.93
C GLN B 117 26.27 10.05 35.04
N GLY B 118 26.02 9.92 33.74
CA GLY B 118 26.46 10.94 32.80
C GLY B 118 25.73 12.26 32.98
N SER B 119 24.40 12.19 33.13
CA SER B 119 23.61 13.40 33.18
C SER B 119 23.77 14.14 34.50
N LEU B 120 23.92 13.40 35.59
CA LEU B 120 24.21 14.03 36.88
C LEU B 120 25.59 14.67 36.83
N ALA B 121 26.54 13.95 36.26
CA ALA B 121 27.86 14.51 36.08
C ALA B 121 27.79 15.78 35.22
N ALA B 122 26.96 15.73 34.18
CA ALA B 122 26.81 16.87 33.28
C ALA B 122 26.27 18.08 34.06
N ALA B 123 25.22 17.84 34.84
CA ALA B 123 24.60 18.91 35.62
C ALA B 123 25.60 19.52 36.60
N SER B 124 26.45 18.69 37.19
CA SER B 124 27.40 19.16 38.19
C SER B 124 28.49 20.03 37.56
N ALA B 125 28.82 19.75 36.31
CA ALA B 125 29.82 20.55 35.62
C ALA B 125 29.27 21.94 35.27
N LEU B 126 27.98 22.03 34.95
CA LEU B 126 27.32 23.32 34.78
C LEU B 126 27.28 24.10 36.10
N ILE B 127 26.93 23.42 37.18
CA ILE B 127 26.68 24.07 38.46
C ILE B 127 27.94 24.76 38.99
N CYS B 128 29.07 24.06 38.95
CA CYS B 128 30.33 24.64 39.39
C CYS B 128 30.98 25.51 38.30
N ARG B 129 30.26 25.70 37.21
CA ARG B 129 30.71 26.57 36.11
C ARG B 129 32.00 26.09 35.45
N HIS B 130 32.25 24.79 35.45
CA HIS B 130 33.38 24.24 34.71
C HIS B 130 33.06 24.25 33.21
N CYS B 131 31.79 24.04 32.86
CA CYS B 131 31.35 24.08 31.47
C CYS B 131 30.17 25.02 31.32
N GLU B 132 30.07 25.66 30.16
CA GLU B 132 28.92 26.50 29.84
C GLU B 132 27.83 25.63 29.26
N VAL B 133 28.25 24.61 28.53
CA VAL B 133 27.34 23.67 27.92
C VAL B 133 27.91 22.28 28.14
N VAL B 134 27.05 21.30 28.39
CA VAL B 134 27.51 19.92 28.44
C VAL B 134 26.59 19.04 27.61
N ILE B 135 27.19 18.17 26.84
CA ILE B 135 26.47 17.26 25.99
C ILE B 135 26.55 15.85 26.56
N ASN B 136 25.41 15.16 26.65
CA ASN B 136 25.46 13.73 26.94
C ASN B 136 24.66 12.95 25.91
N TRP B 137 25.31 12.44 24.88
CA TRP B 137 24.55 11.70 23.89
C TRP B 137 24.16 10.30 24.40
N GLY B 138 24.52 9.99 25.64
CA GLY B 138 24.10 8.75 26.25
C GLY B 138 22.85 8.90 27.10
N GLY B 139 22.48 10.14 27.41
CA GLY B 139 21.29 10.41 28.20
C GLY B 139 20.09 10.83 27.37
N GLY B 140 19.01 11.21 28.06
CA GLY B 140 17.82 11.68 27.39
C GLY B 140 16.63 10.75 27.47
N TRP B 141 16.55 9.95 28.53
CA TRP B 141 15.49 8.95 28.61
C TRP B 141 14.25 9.49 29.32
N HIS B 142 13.44 10.21 28.53
CA HIS B 142 12.41 11.09 29.08
C HIS B 142 11.11 10.39 29.46
N HIS B 143 10.94 9.09 29.13
CA HIS B 143 9.68 8.39 29.40
C HIS B 143 9.62 7.65 30.76
N ALA B 144 10.75 7.44 31.42
CA ALA B 144 10.78 6.62 32.63
C ALA B 144 10.05 7.32 33.77
N LYS B 145 9.19 6.58 34.46
CA LYS B 145 8.37 7.13 35.54
C LYS B 145 8.94 6.78 36.91
N ARG B 146 8.36 7.33 37.97
CA ARG B 146 8.84 7.09 39.33
C ARG B 146 8.94 5.59 39.65
N SER B 147 7.92 4.83 39.27
CA SER B 147 7.92 3.41 39.53
C SER B 147 7.56 2.60 38.30
N GLU B 148 8.04 3.02 37.15
CA GLU B 148 7.60 2.35 35.93
C GLU B 148 8.58 2.63 34.81
N ALA B 149 9.00 1.57 34.13
CA ALA B 149 9.78 1.69 32.90
C ALA B 149 8.82 2.00 31.77
N SER B 150 9.30 2.63 30.71
CA SER B 150 8.45 2.96 29.57
C SER B 150 9.30 3.37 28.39
N GLY B 151 8.90 2.96 27.19
CA GLY B 151 9.54 3.40 25.95
C GLY B 151 11.04 3.22 25.98
N PHE B 152 11.47 2.02 26.39
CA PHE B 152 12.87 1.68 26.64
C PHE B 152 13.62 2.67 27.54
N CYS B 153 12.87 3.40 28.36
CA CYS B 153 13.48 4.22 29.40
C CYS B 153 13.28 3.55 30.76
N TYR B 154 14.38 3.16 31.40
CA TYR B 154 14.29 2.50 32.70
C TYR B 154 14.53 3.47 33.85
N LEU B 155 15.51 4.36 33.70
CA LEU B 155 15.77 5.39 34.70
C LEU B 155 15.74 6.75 34.03
N ASN B 156 15.16 7.75 34.71
CA ASN B 156 15.00 9.06 34.09
C ASN B 156 16.15 9.98 34.47
N ASP B 157 17.22 9.90 33.68
CA ASP B 157 18.41 10.69 33.91
C ASP B 157 18.06 12.17 33.87
N ILE B 158 17.06 12.51 33.06
CA ILE B 158 16.69 13.90 32.87
C ILE B 158 16.08 14.52 34.12
N VAL B 159 15.09 13.86 34.70
CA VAL B 159 14.50 14.36 35.94
C VAL B 159 15.58 14.50 37.03
N LEU B 160 16.48 13.53 37.11
CA LEU B 160 17.52 13.60 38.14
C LEU B 160 18.48 14.75 37.87
N ALA B 161 18.86 14.99 36.61
CA ALA B 161 19.78 16.08 36.29
C ALA B 161 19.15 17.43 36.58
N ILE B 162 17.88 17.58 36.24
CA ILE B 162 17.14 18.81 36.47
C ILE B 162 16.96 19.05 37.97
N HIS B 163 16.65 17.99 38.71
CA HIS B 163 16.50 18.13 40.15
C HIS B 163 17.80 18.63 40.77
N ARG B 164 18.94 18.13 40.28
CA ARG B 164 20.22 18.63 40.75
C ARG B 164 20.42 20.12 40.43
N LEU B 165 20.11 20.53 39.19
CA LEU B 165 20.23 21.95 38.81
C LEU B 165 19.31 22.87 39.61
N VAL B 166 18.06 22.46 39.74
CA VAL B 166 17.04 23.31 40.33
C VAL B 166 17.18 23.39 41.85
N SER B 167 17.92 22.46 42.44
CA SER B 167 18.19 22.49 43.86
C SER B 167 19.65 22.79 44.14
N SER B 168 20.19 23.82 43.51
CA SER B 168 21.56 24.24 43.76
C SER B 168 21.63 25.74 44.09
N THR B 169 22.78 26.19 44.56
CA THR B 169 22.99 27.59 44.89
C THR B 169 23.67 28.34 43.75
N GLN B 178 14.18 31.40 43.04
CA GLN B 178 14.98 32.23 42.12
C GLN B 178 15.60 31.41 41.00
N THR B 179 15.96 30.16 41.28
CA THR B 179 16.51 29.28 40.26
C THR B 179 15.40 28.58 39.48
N ARG B 180 15.29 28.89 38.19
CA ARG B 180 14.34 28.21 37.33
C ARG B 180 15.04 27.43 36.21
N VAL B 181 14.50 26.27 35.90
CA VAL B 181 15.01 25.49 34.77
C VAL B 181 13.94 25.44 33.67
N LEU B 182 14.37 25.68 32.44
CA LEU B 182 13.54 25.46 31.26
C LEU B 182 13.97 24.14 30.64
N TYR B 183 13.02 23.22 30.49
CA TYR B 183 13.28 21.96 29.83
C TYR B 183 12.66 21.98 28.46
N VAL B 184 13.47 21.72 27.43
CA VAL B 184 13.01 21.77 26.05
C VAL B 184 13.14 20.38 25.41
N ASP B 185 12.01 19.79 25.06
CA ASP B 185 12.00 18.42 24.57
C ASP B 185 11.69 18.37 23.08
N LEU B 186 12.73 18.18 22.27
CA LEU B 186 12.62 18.25 20.81
C LEU B 186 12.36 16.90 20.13
N ASP B 187 12.29 15.86 20.94
CA ASP B 187 12.07 14.48 20.50
C ASP B 187 10.77 14.39 19.71
N LEU B 188 10.66 13.39 18.83
CA LEU B 188 9.40 13.08 18.15
C LEU B 188 8.25 12.80 19.13
N HIS B 189 8.56 12.21 20.28
CA HIS B 189 7.57 11.85 21.26
C HIS B 189 7.44 12.88 22.41
N HIS B 190 6.25 12.93 22.98
CA HIS B 190 5.97 13.74 24.16
C HIS B 190 6.83 13.29 25.34
N GLY B 191 7.53 14.22 25.95
CA GLY B 191 8.40 13.90 27.06
C GLY B 191 7.59 13.76 28.34
N ASP B 192 6.71 12.77 28.35
CA ASP B 192 5.74 12.63 29.44
C ASP B 192 6.38 12.43 30.81
N GLY B 193 7.46 11.66 30.89
CA GLY B 193 8.08 11.35 32.16
C GLY B 193 8.67 12.57 32.86
N VAL B 194 9.31 13.45 32.08
CA VAL B 194 9.83 14.70 32.63
C VAL B 194 8.74 15.68 33.04
N GLU B 195 7.75 15.85 32.16
CA GLU B 195 6.58 16.70 32.41
C GLU B 195 5.86 16.29 33.70
N GLU B 196 5.60 14.99 33.83
CA GLU B 196 4.88 14.44 34.96
C GLU B 196 5.64 14.69 36.26
N ALA B 197 6.96 14.53 36.22
CA ALA B 197 7.77 14.70 37.41
C ALA B 197 7.70 16.12 37.94
N PHE B 198 7.53 17.10 37.05
CA PHE B 198 7.49 18.49 37.51
C PHE B 198 6.14 19.17 37.35
N TRP B 199 5.10 18.35 37.19
CA TRP B 199 3.73 18.83 37.01
C TRP B 199 3.28 19.82 38.08
N TYR B 200 3.77 19.66 39.30
CA TYR B 200 3.41 20.56 40.40
C TYR B 200 4.48 21.57 40.77
N SER B 201 5.50 21.72 39.93
CA SER B 201 6.63 22.58 40.25
C SER B 201 6.74 23.75 39.30
N PRO B 202 6.56 24.97 39.82
CA PRO B 202 6.71 26.13 38.93
C PRO B 202 8.17 26.40 38.50
N ARG B 203 9.15 25.86 39.22
CA ARG B 203 10.54 26.25 38.98
C ARG B 203 11.17 25.45 37.83
N VAL B 204 10.50 24.37 37.43
CA VAL B 204 10.89 23.65 36.23
C VAL B 204 9.79 23.77 35.21
N VAL B 205 10.03 24.60 34.20
CA VAL B 205 9.06 24.78 33.14
C VAL B 205 9.41 23.80 32.04
N THR B 206 8.46 22.93 31.69
CA THR B 206 8.70 21.94 30.68
C THR B 206 8.00 22.35 29.39
N PHE B 207 8.68 22.11 28.26
CA PHE B 207 8.09 22.44 26.96
C PHE B 207 8.40 21.33 25.98
N SER B 208 7.37 20.66 25.49
CA SER B 208 7.60 19.59 24.55
C SER B 208 6.91 19.87 23.24
N VAL B 209 7.65 19.72 22.14
CA VAL B 209 7.06 19.75 20.81
C VAL B 209 7.17 18.31 20.29
N HIS B 210 6.15 17.82 19.61
CA HIS B 210 6.15 16.39 19.32
C HIS B 210 5.03 16.06 18.40
N HIS B 211 5.07 14.88 17.82
CA HIS B 211 3.86 14.38 17.20
C HIS B 211 2.89 13.80 18.23
N ALA B 212 1.61 14.00 18.01
CA ALA B 212 0.59 13.32 18.79
C ALA B 212 -0.61 13.02 17.91
N SER B 213 -1.14 11.81 18.04
CA SER B 213 -2.26 11.36 17.23
C SER B 213 -2.75 10.06 17.84
N PRO B 214 -3.99 9.64 17.52
CA PRO B 214 -4.54 8.49 18.24
C PRO B 214 -3.73 7.21 18.08
N GLY B 215 -3.41 6.58 19.21
CA GLY B 215 -2.65 5.34 19.20
C GLY B 215 -1.15 5.56 19.15
N PHE B 216 -0.73 6.81 19.03
CA PHE B 216 0.71 7.09 18.93
C PHE B 216 1.32 7.27 20.33
N PHE B 217 2.41 6.55 20.59
CA PHE B 217 3.14 6.63 21.87
C PHE B 217 3.64 8.04 22.17
N PRO B 218 3.53 8.50 23.43
CA PRO B 218 2.90 7.79 24.55
C PRO B 218 1.42 8.15 24.76
N GLY B 219 0.91 9.14 24.04
CA GLY B 219 -0.52 9.39 24.05
C GLY B 219 -0.91 10.72 24.66
N THR B 220 0.04 11.33 25.36
CA THR B 220 -0.19 12.59 26.06
C THR B 220 0.46 13.74 25.30
N GLY B 221 0.46 14.91 25.92
CA GLY B 221 1.01 16.10 25.29
C GLY B 221 0.04 16.68 24.27
N THR B 222 -1.23 16.41 24.46
CA THR B 222 -2.25 16.94 23.53
C THR B 222 -3.58 17.19 24.24
N TRP B 223 -4.60 17.53 23.47
CA TRP B 223 -5.90 17.85 24.02
C TRP B 223 -6.46 16.74 24.90
N ASN B 224 -7.11 17.13 25.99
CA ASN B 224 -7.83 16.22 26.85
C ASN B 224 -9.32 16.33 26.53
N MET B 225 -9.99 15.20 26.33
CA MET B 225 -11.43 15.19 26.13
C MET B 225 -12.17 14.63 27.33
N LEU B 231 -15.99 21.19 25.57
CA LEU B 231 -14.85 21.57 24.72
C LEU B 231 -13.55 20.99 25.29
N PRO B 232 -12.65 20.52 24.41
CA PRO B 232 -11.37 19.95 24.83
C PRO B 232 -10.37 21.01 25.27
N ILE B 233 -9.59 20.71 26.31
CA ILE B 233 -8.62 21.64 26.86
C ILE B 233 -7.22 21.04 26.97
N PHE B 234 -6.21 21.90 27.04
CA PHE B 234 -4.86 21.46 27.36
C PHE B 234 -4.61 21.50 28.86
N LEU B 235 -4.36 20.34 29.45
CA LEU B 235 -3.82 20.29 30.81
C LEU B 235 -2.38 20.84 30.77
N ASN B 236 -2.03 21.67 31.75
CA ASN B 236 -0.76 22.35 31.68
C ASN B 236 -0.05 22.49 33.03
N GLY B 237 -0.17 21.46 33.87
CA GLY B 237 0.38 21.52 35.21
C GLY B 237 -0.73 21.77 36.23
N ALA B 238 -0.47 21.45 37.50
CA ALA B 238 -1.48 21.66 38.53
C ALA B 238 -0.88 22.25 39.80
N GLY B 239 -1.75 22.75 40.68
CA GLY B 239 -1.33 23.32 41.95
C GLY B 239 -0.41 24.51 41.76
N ARG B 240 0.71 24.50 42.47
CA ARG B 240 1.71 25.54 42.27
C ARG B 240 2.29 25.44 40.85
N GLY B 241 2.16 24.27 40.24
CA GLY B 241 2.71 24.05 38.90
C GLY B 241 1.82 24.42 37.73
N ARG B 242 0.63 24.98 38.00
CA ARG B 242 -0.29 25.34 36.92
C ARG B 242 0.40 26.28 35.92
N PHE B 243 0.12 26.05 34.64
CA PHE B 243 0.64 26.83 33.52
C PHE B 243 2.14 26.63 33.25
N SER B 244 2.78 25.71 33.97
CA SER B 244 4.23 25.52 33.85
C SER B 244 4.62 24.37 32.94
N ALA B 245 3.63 23.65 32.39
CA ALA B 245 3.88 22.58 31.44
C ALA B 245 3.30 22.95 30.05
N PHE B 246 4.18 23.13 29.08
CA PHE B 246 3.82 23.59 27.75
C PHE B 246 3.94 22.46 26.74
N ASN B 247 3.00 22.38 25.84
CA ASN B 247 3.01 21.34 24.86
C ASN B 247 2.61 21.88 23.50
N LEU B 248 3.35 21.50 22.47
CA LEU B 248 3.00 21.82 21.09
C LEU B 248 2.93 20.52 20.29
N PRO B 249 1.73 19.95 20.14
CA PRO B 249 1.59 18.75 19.32
C PRO B 249 1.51 19.13 17.86
N LEU B 250 2.19 18.42 16.96
CA LEU B 250 2.15 18.75 15.55
C LEU B 250 1.76 17.55 14.71
N GLU B 251 1.18 17.84 13.55
CA GLU B 251 0.76 16.79 12.64
C GLU B 251 1.97 16.22 11.92
N GLU B 252 1.86 14.98 11.49
CA GLU B 252 2.97 14.35 10.79
C GLU B 252 3.32 15.10 9.52
N GLY B 253 4.56 14.96 9.06
CA GLY B 253 4.97 15.47 7.77
C GLY B 253 5.70 16.81 7.79
N ILE B 254 5.84 17.43 8.96
CA ILE B 254 6.42 18.77 9.03
C ILE B 254 7.93 18.82 8.67
N ASN B 255 8.33 19.86 7.92
CA ASN B 255 9.70 20.01 7.47
C ASN B 255 10.49 20.97 8.37
N ASP B 256 11.77 21.16 8.08
CA ASP B 256 12.66 21.99 8.90
C ASP B 256 12.14 23.43 9.12
N LEU B 257 11.70 24.09 8.05
CA LEU B 257 11.33 25.52 8.16
C LEU B 257 10.07 25.70 8.99
N ASP B 258 9.04 24.91 8.70
CA ASP B 258 7.82 24.99 9.48
C ASP B 258 8.02 24.60 10.96
N TRP B 259 8.80 23.54 11.22
CA TRP B 259 9.09 23.14 12.60
C TRP B 259 9.84 24.26 13.31
N SER B 260 10.78 24.84 12.59
CA SER B 260 11.54 25.99 13.09
C SER B 260 10.63 27.17 13.45
N ASN B 261 9.83 27.59 12.49
CA ASN B 261 8.87 28.69 12.68
C ASN B 261 7.87 28.41 13.79
N ALA B 262 7.56 27.13 13.99
CA ALA B 262 6.59 26.72 14.98
C ALA B 262 7.11 26.98 16.40
N ILE B 263 8.39 26.70 16.65
CA ILE B 263 8.89 26.71 18.02
C ILE B 263 9.89 27.81 18.34
N GLY B 264 10.49 28.41 17.32
CA GLY B 264 11.40 29.52 17.52
C GLY B 264 10.87 30.65 18.40
N PRO B 265 9.69 31.21 18.04
CA PRO B 265 9.09 32.27 18.85
C PRO B 265 8.62 31.80 20.23
N ILE B 266 8.19 30.55 20.34
CA ILE B 266 7.77 30.04 21.62
C ILE B 266 9.00 29.94 22.54
N LEU B 267 10.11 29.43 21.99
CA LEU B 267 11.36 29.32 22.74
C LEU B 267 11.85 30.68 23.26
N ASP B 268 11.90 31.65 22.36
CA ASP B 268 12.29 33.02 22.72
C ASP B 268 11.36 33.67 23.76
N SER B 269 10.06 33.48 23.62
CA SER B 269 9.11 34.00 24.61
CA SER B 269 9.13 34.01 24.61
C SER B 269 9.31 33.33 25.97
N LEU B 270 9.50 32.01 25.96
CA LEU B 270 9.68 31.28 27.20
C LEU B 270 10.94 31.78 27.93
N ASN B 271 11.99 32.04 27.16
CA ASN B 271 13.23 32.55 27.75
C ASN B 271 13.06 33.96 28.30
N ILE B 272 12.35 34.82 27.57
CA ILE B 272 12.12 36.20 28.01
C ILE B 272 11.38 36.24 29.34
N VAL B 273 10.31 35.47 29.42
CA VAL B 273 9.42 35.54 30.56
C VAL B 273 9.96 34.74 31.74
N ILE B 274 10.38 33.51 31.49
CA ILE B 274 10.85 32.67 32.58
C ILE B 274 12.28 32.99 33.07
N GLN B 275 13.14 33.47 32.18
CA GLN B 275 14.50 33.80 32.57
C GLN B 275 15.19 32.62 33.29
N PRO B 276 15.25 31.45 32.65
CA PRO B 276 15.80 30.28 33.34
C PRO B 276 17.29 30.45 33.72
N SER B 277 17.73 29.78 34.77
CA SER B 277 19.16 29.79 35.12
C SER B 277 19.88 28.68 34.36
N TYR B 278 19.12 27.70 33.93
CA TYR B 278 19.64 26.57 33.17
C TYR B 278 18.60 26.16 32.14
N VAL B 279 19.08 25.74 30.98
CA VAL B 279 18.22 25.13 29.99
C VAL B 279 18.64 23.67 29.85
N VAL B 280 17.68 22.76 29.82
CA VAL B 280 17.99 21.37 29.51
C VAL B 280 17.24 21.01 28.22
N VAL B 281 17.98 20.54 27.22
CA VAL B 281 17.39 20.21 25.92
C VAL B 281 17.49 18.72 25.62
N GLN B 282 16.35 18.04 25.49
CA GLN B 282 16.36 16.67 24.98
C GLN B 282 16.33 16.75 23.45
N CYS B 283 17.34 16.16 22.79
CA CYS B 283 17.51 16.30 21.34
CA CYS B 283 17.51 16.28 21.34
C CYS B 283 17.34 14.97 20.61
N GLY B 284 16.24 14.27 20.90
CA GLY B 284 15.94 13.01 20.25
C GLY B 284 15.90 13.16 18.73
N ALA B 285 16.54 12.23 18.03
CA ALA B 285 16.75 12.36 16.60
C ALA B 285 15.68 11.68 15.76
N ASP B 286 14.59 11.24 16.39
CA ASP B 286 13.60 10.51 15.61
C ASP B 286 12.65 11.41 14.82
N CYS B 287 12.92 12.72 14.81
CA CYS B 287 12.19 13.63 13.93
C CYS B 287 12.79 13.69 12.53
N LEU B 288 14.01 13.17 12.37
CA LEU B 288 14.69 13.13 11.06
C LEU B 288 13.84 12.41 10.04
N ALA B 289 13.85 12.91 8.80
CA ALA B 289 13.05 12.35 7.72
C ALA B 289 13.33 10.87 7.49
N THR B 290 14.57 10.47 7.78
CA THR B 290 15.03 9.11 7.48
C THR B 290 14.94 8.19 8.70
N ASP B 291 14.32 8.66 9.76
CA ASP B 291 14.08 7.79 10.91
C ASP B 291 13.07 6.72 10.49
N PRO B 292 13.22 5.46 10.99
CA PRO B 292 12.21 4.46 10.61
C PRO B 292 10.77 4.82 11.06
N HIS B 293 10.59 5.77 11.98
CA HIS B 293 9.23 6.26 12.26
C HIS B 293 8.61 6.93 11.03
N ARG B 294 9.42 7.68 10.30
CA ARG B 294 8.95 8.39 9.11
C ARG B 294 7.73 9.25 9.42
N ILE B 295 7.82 10.13 10.41
CA ILE B 295 6.68 10.98 10.74
C ILE B 295 6.93 12.46 10.47
N PHE B 296 8.00 13.03 11.05
CA PHE B 296 8.43 14.37 10.68
C PHE B 296 9.47 14.25 9.57
N ARG B 297 9.80 15.38 8.94
CA ARG B 297 10.75 15.33 7.85
C ARG B 297 11.88 16.31 8.09
N LEU B 298 12.38 16.33 9.32
CA LEU B 298 13.52 17.17 9.65
C LEU B 298 14.80 16.59 9.06
N THR B 299 15.83 17.42 8.96
CA THR B 299 17.09 17.02 8.37
C THR B 299 18.25 17.45 9.25
N ASN B 300 19.47 17.18 8.81
CA ASN B 300 20.62 17.67 9.53
C ASN B 300 21.36 18.69 8.66
N PHE B 301 20.67 19.24 7.67
CA PHE B 301 21.31 20.12 6.70
C PHE B 301 21.79 21.44 7.31
N TYR B 302 22.99 21.86 6.92
CA TYR B 302 23.57 23.10 7.40
C TYR B 302 24.23 23.86 6.23
N PRO B 303 23.64 24.99 5.83
CA PRO B 303 24.06 25.72 4.62
C PRO B 303 25.46 26.29 4.73
N SER B 316 16.40 24.42 4.07
CA SER B 316 17.84 24.49 3.80
C SER B 316 18.62 24.49 5.12
N LEU B 317 17.91 24.52 6.24
CA LEU B 317 18.55 24.51 7.55
C LEU B 317 17.82 23.61 8.53
N SER B 318 18.54 22.63 9.06
CA SER B 318 18.02 21.74 10.08
C SER B 318 17.25 22.48 11.15
N GLY B 319 15.99 22.09 11.35
CA GLY B 319 15.20 22.69 12.41
C GLY B 319 15.87 22.46 13.74
N TYR B 320 16.42 21.27 13.92
CA TYR B 320 17.24 20.96 15.09
C TYR B 320 18.34 21.99 15.34
N LEU B 321 19.10 22.28 14.29
CA LEU B 321 20.26 23.13 14.43
C LEU B 321 19.79 24.55 14.63
N TYR B 322 18.67 24.89 14.00
CA TYR B 322 18.06 26.19 14.21
C TYR B 322 17.65 26.35 15.68
N ALA B 323 16.95 25.37 16.21
CA ALA B 323 16.50 25.41 17.60
C ALA B 323 17.69 25.46 18.56
N ILE B 324 18.71 24.64 18.31
CA ILE B 324 19.85 24.59 19.21
C ILE B 324 20.61 25.92 19.15
N LYS B 325 20.79 26.45 17.95
CA LYS B 325 21.48 27.73 17.80
C LYS B 325 20.76 28.84 18.58
N LYS B 326 19.44 28.91 18.43
CA LYS B 326 18.61 29.88 19.15
C LYS B 326 18.76 29.77 20.68
N ILE B 327 18.68 28.55 21.19
CA ILE B 327 18.80 28.33 22.63
C ILE B 327 20.18 28.76 23.14
N LEU B 328 21.23 28.39 22.41
CA LEU B 328 22.59 28.78 22.79
C LEU B 328 22.82 30.29 22.76
N SER B 329 22.08 30.99 21.90
CA SER B 329 22.20 32.44 21.78
C SER B 329 21.79 33.14 23.08
N TRP B 330 20.95 32.49 23.89
CA TRP B 330 20.51 33.07 25.15
C TRP B 330 21.64 33.19 26.18
N LYS B 331 22.72 32.46 25.96
CA LYS B 331 23.90 32.45 26.85
C LYS B 331 23.52 31.99 28.26
N VAL B 332 22.63 31.01 28.34
CA VAL B 332 22.27 30.38 29.60
C VAL B 332 22.94 29.01 29.66
N PRO B 333 23.53 28.66 30.80
CA PRO B 333 24.12 27.33 30.98
C PRO B 333 23.17 26.22 30.55
N THR B 334 23.65 25.27 29.75
CA THR B 334 22.75 24.36 29.05
C THR B 334 23.24 22.92 29.05
N LEU B 335 22.30 22.00 29.26
CA LEU B 335 22.55 20.58 29.07
C LEU B 335 21.93 20.14 27.79
N ILE B 336 22.69 19.48 26.93
CA ILE B 336 22.14 18.91 25.73
C ILE B 336 22.17 17.39 25.79
N LEU B 337 21.00 16.77 25.70
CA LEU B 337 20.86 15.33 25.84
C LEU B 337 20.41 14.70 24.54
N GLY B 338 20.71 13.41 24.40
CA GLY B 338 20.24 12.61 23.29
C GLY B 338 18.77 12.20 23.46
N GLY B 339 18.47 10.96 23.16
CA GLY B 339 17.10 10.48 23.26
C GLY B 339 16.82 9.48 22.18
N GLY B 340 15.63 9.53 21.60
CA GLY B 340 15.26 8.61 20.54
C GLY B 340 16.08 8.85 19.29
N GLY B 341 16.01 7.93 18.34
CA GLY B 341 16.78 8.02 17.11
C GLY B 341 17.20 6.62 16.70
N TYR B 342 16.44 6.03 15.78
CA TYR B 342 16.54 4.61 15.51
C TYR B 342 17.20 4.29 14.17
N ASN B 343 17.52 5.34 13.43
CA ASN B 343 18.45 5.25 12.31
C ASN B 343 19.82 5.64 12.87
N PHE B 344 20.66 4.66 13.19
CA PHE B 344 21.88 4.98 13.97
C PHE B 344 22.88 5.87 13.19
N PRO B 345 23.23 5.50 11.94
CA PRO B 345 24.10 6.42 11.20
C PRO B 345 23.54 7.84 11.07
N ASP B 346 22.25 7.97 10.84
CA ASP B 346 21.66 9.30 10.66
C ASP B 346 21.58 10.06 11.98
N THR B 347 21.29 9.37 13.08
CA THR B 347 21.40 9.99 14.39
C THR B 347 22.82 10.55 14.64
N ALA B 348 23.84 9.73 14.38
CA ALA B 348 25.22 10.19 14.53
C ALA B 348 25.51 11.40 13.61
N ARG B 349 24.98 11.39 12.39
CA ARG B 349 25.11 12.53 11.48
C ARG B 349 24.49 13.82 12.06
N LEU B 350 23.33 13.70 12.68
CA LEU B 350 22.71 14.87 13.30
C LEU B 350 23.48 15.33 14.56
N TRP B 351 23.80 14.39 15.44
CA TRP B 351 24.38 14.80 16.70
C TRP B 351 25.81 15.32 16.55
N THR B 352 26.52 14.86 15.52
CA THR B 352 27.84 15.42 15.22
C THR B 352 27.74 16.90 14.80
N ARG B 353 26.71 17.24 14.03
CA ARG B 353 26.49 18.64 13.64
C ARG B 353 25.99 19.51 14.79
N VAL B 354 25.10 18.97 15.63
CA VAL B 354 24.71 19.64 16.87
C VAL B 354 25.95 19.93 17.72
N THR B 355 26.81 18.94 17.82
CA THR B 355 28.04 19.09 18.58
C THR B 355 28.96 20.18 17.98
N ALA B 356 29.14 20.16 16.65
CA ALA B 356 29.99 21.14 15.99
C ALA B 356 29.44 22.54 16.19
N LEU B 357 28.12 22.67 16.09
CA LEU B 357 27.42 23.94 16.26
C LEU B 357 27.57 24.48 17.68
N THR B 358 27.48 23.58 18.65
CA THR B 358 27.62 24.01 20.03
C THR B 358 29.02 24.56 20.24
N ILE B 359 30.01 23.93 19.63
CA ILE B 359 31.37 24.39 19.76
C ILE B 359 31.51 25.80 19.19
N GLU B 360 30.96 26.02 17.99
CA GLU B 360 30.97 27.32 17.35
C GLU B 360 30.27 28.39 18.16
N GLU B 361 29.05 28.10 18.60
CA GLU B 361 28.23 29.10 19.27
C GLU B 361 28.82 29.49 20.62
N VAL B 362 29.49 28.55 21.27
CA VAL B 362 29.97 28.84 22.62
C VAL B 362 31.40 29.38 22.62
N LYS B 363 32.28 28.75 21.87
CA LYS B 363 33.68 29.19 21.83
C LYS B 363 33.94 30.27 20.77
N GLY B 364 32.96 30.53 19.90
CA GLY B 364 33.15 31.50 18.83
C GLY B 364 34.18 31.02 17.82
N LYS B 365 34.23 29.71 17.63
CA LYS B 365 35.29 29.07 16.85
C LYS B 365 34.67 28.30 15.70
N LYS B 366 34.99 28.69 14.46
CA LYS B 366 34.39 28.06 13.28
C LYS B 366 34.71 26.58 13.17
N MET B 367 33.67 25.78 12.98
CA MET B 367 33.84 24.34 12.83
C MET B 367 33.41 23.94 11.41
N THR B 368 34.38 23.67 10.56
CA THR B 368 34.05 23.28 9.20
C THR B 368 34.08 21.78 9.11
N ILE B 369 32.93 21.22 8.79
CA ILE B 369 32.80 19.79 8.70
C ILE B 369 32.82 19.34 7.24
N SER B 370 33.80 18.50 6.88
CA SER B 370 33.83 17.88 5.57
C SER B 370 32.49 17.25 5.21
N PRO B 371 32.03 17.43 3.97
CA PRO B 371 30.75 16.81 3.56
C PRO B 371 30.90 15.29 3.43
N GLU B 372 32.13 14.81 3.31
CA GLU B 372 32.36 13.38 3.19
C GLU B 372 32.70 12.82 4.57
N ILE B 373 32.10 11.70 4.93
CA ILE B 373 32.37 11.05 6.22
C ILE B 373 33.85 10.66 6.31
N PRO B 374 34.52 11.04 7.41
CA PRO B 374 35.96 10.76 7.53
C PRO B 374 36.22 9.28 7.78
N GLU B 375 37.42 8.86 7.41
CA GLU B 375 37.91 7.52 7.71
C GLU B 375 37.85 7.23 9.20
N HIS B 376 37.22 6.11 9.56
CA HIS B 376 37.24 5.61 10.94
C HIS B 376 36.57 4.24 10.94
N SER B 377 36.57 3.57 12.09
CA SER B 377 36.24 2.15 12.15
C SER B 377 34.77 1.87 11.81
N TYR B 378 33.91 2.86 12.00
CA TYR B 378 32.51 2.71 11.57
C TYR B 378 32.19 3.37 10.21
N PHE B 379 33.21 3.79 9.45
CA PHE B 379 33.01 4.37 8.10
C PHE B 379 32.02 3.60 7.24
N SER B 380 32.11 2.27 7.25
CA SER B 380 31.25 1.46 6.40
C SER B 380 29.75 1.59 6.72
N ARG B 381 29.42 2.13 7.88
CA ARG B 381 28.02 2.21 8.28
C ARG B 381 27.32 3.41 7.63
N TYR B 382 28.08 4.28 6.96
CA TYR B 382 27.52 5.51 6.39
C TYR B 382 27.25 5.40 4.91
N GLY B 383 27.12 4.18 4.41
CA GLY B 383 26.89 3.97 2.99
C GLY B 383 25.42 4.14 2.62
N PRO B 384 25.12 4.16 1.30
CA PRO B 384 26.03 4.00 0.18
C PRO B 384 26.73 5.30 -0.21
N ASP B 385 26.30 6.41 0.38
CA ASP B 385 26.81 7.73 0.02
C ASP B 385 28.06 8.14 0.78
N PHE B 386 28.17 7.73 2.05
CA PHE B 386 29.27 8.14 2.93
C PHE B 386 29.40 9.66 3.03
N GLU B 387 28.26 10.32 3.08
CA GLU B 387 28.22 11.76 3.24
C GLU B 387 27.55 12.15 4.54
N LEU B 388 27.91 13.33 5.04
CA LEU B 388 27.36 13.80 6.30
C LEU B 388 25.87 14.16 6.24
N ASP B 389 25.44 14.83 5.16
CA ASP B 389 24.02 15.14 4.96
C ASP B 389 23.24 13.86 4.94
N ILE B 390 22.11 13.79 5.63
CA ILE B 390 21.31 12.58 5.51
C ILE B 390 20.82 12.43 4.07
N ASP B 391 20.56 11.19 3.67
CA ASP B 391 20.16 10.88 2.29
C ASP B 391 18.68 11.12 2.07
N TYR B 392 18.30 12.38 1.99
CA TYR B 392 16.90 12.75 1.90
C TYR B 392 16.71 13.99 1.02
N PHE B 393 15.64 14.00 0.25
CA PHE B 393 15.33 15.13 -0.61
C PHE B 393 14.04 15.81 -0.21
N PRO B 394 14.14 16.93 0.51
CA PRO B 394 12.96 17.67 0.96
C PRO B 394 12.13 18.18 -0.20
N HIS B 395 10.85 17.90 -0.18
CA HIS B 395 9.95 18.32 -1.24
C HIS B 395 8.70 18.92 -0.59
N GLU B 396 7.75 19.37 -1.40
CA GLU B 396 6.51 19.93 -0.85
C GLU B 396 5.30 19.52 -1.69
N THR B 401 -1.94 28.71 3.94
CA THR B 401 -2.13 27.27 4.08
C THR B 401 -2.90 26.94 5.35
N LEU B 402 -3.57 25.78 5.34
CA LEU B 402 -4.40 25.34 6.46
C LEU B 402 -3.64 24.50 7.50
N ASP B 403 -2.34 24.31 7.29
CA ASP B 403 -1.51 23.52 8.22
C ASP B 403 -0.87 24.35 9.34
N SER B 404 -1.31 25.60 9.52
CA SER B 404 -0.65 26.50 10.43
C SER B 404 -1.10 26.26 11.88
N ILE B 405 -0.33 26.78 12.83
CA ILE B 405 -0.58 26.50 14.24
C ILE B 405 -0.64 27.80 15.03
N GLN B 406 -1.15 28.84 14.38
CA GLN B 406 -1.21 30.18 14.99
C GLN B 406 -2.13 30.21 16.22
N LYS B 407 -3.17 29.39 16.24
CA LYS B 407 -4.00 29.31 17.44
C LYS B 407 -3.26 28.60 18.58
N HIS B 408 -2.27 27.75 18.26
CA HIS B 408 -1.44 27.17 19.33
C HIS B 408 -0.52 28.23 19.91
N HIS B 409 -0.05 29.13 19.04
CA HIS B 409 0.81 30.21 19.51
C HIS B 409 0.06 31.07 20.49
N ARG B 410 -1.19 31.38 20.14
CA ARG B 410 -2.00 32.26 20.96
C ARG B 410 -2.32 31.59 22.29
N ARG B 411 -2.62 30.30 22.20
CA ARG B 411 -2.87 29.48 23.37
C ARG B 411 -1.64 29.42 24.29
N ILE B 412 -0.49 29.12 23.70
CA ILE B 412 0.74 28.96 24.49
C ILE B 412 1.16 30.29 25.12
N LEU B 413 1.08 31.38 24.37
CA LEU B 413 1.39 32.70 24.92
C LEU B 413 0.43 33.08 26.07
N GLU B 414 -0.87 32.77 25.92
CA GLU B 414 -1.83 33.01 27.01
C GLU B 414 -1.44 32.21 28.26
N GLN B 415 -1.10 30.95 28.07
CA GLN B 415 -0.60 30.13 29.17
C GLN B 415 0.63 30.74 29.84
N LEU B 416 1.55 31.24 29.02
CA LEU B 416 2.73 31.91 29.53
C LEU B 416 2.36 33.18 30.33
N ARG B 417 1.35 33.89 29.87
CA ARG B 417 0.87 35.07 30.59
C ARG B 417 0.26 34.66 31.92
N ASN B 418 -0.39 33.50 31.93
CA ASN B 418 -1.00 32.98 33.15
C ASN B 418 0.06 32.49 34.10
N TYR B 419 1.13 31.91 33.56
CA TYR B 419 2.23 31.43 34.38
C TYR B 419 2.93 32.62 35.03
N ALA B 420 3.19 33.67 34.25
CA ALA B 420 3.81 34.86 34.82
C ALA B 420 2.93 35.47 35.93
N ASP B 421 1.62 35.50 35.72
CA ASP B 421 0.68 36.09 36.69
C ASP B 421 0.69 35.31 38.01
N LEU B 422 0.55 34.00 37.90
CA LEU B 422 0.54 33.15 39.08
C LEU B 422 1.84 33.25 39.88
N ASN B 423 2.98 33.37 39.19
CA ASN B 423 4.26 33.28 39.89
C ASN B 423 4.92 34.63 40.16
N LYS B 424 4.16 35.71 39.94
CA LYS B 424 4.60 37.08 40.20
C LYS B 424 5.86 37.47 39.41
N LEU B 425 5.89 37.11 38.13
CA LEU B 425 7.01 37.47 37.26
C LEU B 425 6.58 38.58 36.33
N ILE B 426 7.51 39.43 35.96
CA ILE B 426 7.26 40.47 34.97
C ILE B 426 6.95 39.82 33.62
N TYR B 427 5.74 40.04 33.12
CA TYR B 427 5.44 39.67 31.75
C TYR B 427 5.71 40.87 30.84
N ASP B 428 6.89 40.89 30.23
CA ASP B 428 7.28 41.97 29.33
C ASP B 428 6.54 41.86 28.01
N TYR B 429 5.29 42.34 27.98
CA TYR B 429 4.46 42.31 26.79
C TYR B 429 5.15 42.90 25.57
N ASP B 430 5.87 44.00 25.79
CA ASP B 430 6.48 44.72 24.69
C ASP B 430 7.54 43.90 23.99
N GLN B 431 8.38 43.22 24.77
CA GLN B 431 9.43 42.40 24.18
C GLN B 431 8.86 41.14 23.51
N VAL B 432 7.88 40.51 24.15
CA VAL B 432 7.23 39.35 23.54
C VAL B 432 6.49 39.79 22.28
N TYR B 433 5.97 41.02 22.27
CA TYR B 433 5.28 41.54 21.09
C TYR B 433 6.24 41.72 19.92
N GLN B 434 7.35 42.41 20.16
CA GLN B 434 8.31 42.68 19.09
C GLN B 434 8.87 41.40 18.50
N LEU B 435 9.06 40.41 19.36
CA LEU B 435 9.43 39.06 18.93
C LEU B 435 8.50 38.55 17.83
N TYR B 436 7.21 38.45 18.15
CA TYR B 436 6.24 37.88 17.23
C TYR B 436 5.97 38.82 16.05
N ASN B 437 6.26 40.11 16.25
CA ASN B 437 5.99 41.07 15.20
C ASN B 437 7.07 41.03 14.13
N LEU B 438 8.15 40.29 14.40
CA LEU B 438 9.21 40.09 13.41
C LEU B 438 8.67 39.27 12.24
N THR B 439 7.55 38.60 12.45
CA THR B 439 6.91 37.81 11.41
C THR B 439 5.45 38.22 11.23
N GLY B 440 5.13 39.46 11.59
CA GLY B 440 3.78 39.98 11.45
C GLY B 440 2.74 39.27 12.28
N MET B 441 3.17 38.65 13.37
CA MET B 441 2.26 37.91 14.24
C MET B 441 2.18 38.51 15.64
N GLY B 442 2.46 39.82 15.74
CA GLY B 442 2.38 40.50 17.03
C GLY B 442 1.02 40.45 17.68
N SER B 443 -0.02 40.34 16.87
CA SER B 443 -1.39 40.32 17.37
C SER B 443 -1.71 39.10 18.21
N LEU B 444 -0.85 38.10 18.17
CA LEU B 444 -1.11 36.86 18.89
C LEU B 444 -0.70 36.97 20.35
N VAL B 445 0.06 38.02 20.66
CA VAL B 445 0.55 38.24 22.02
C VAL B 445 -0.49 38.99 22.86
N PRO B 446 -0.89 38.39 24.00
CA PRO B 446 -1.86 39.01 24.92
C PRO B 446 -1.23 40.08 25.81
N ARG B 447 -1.98 41.10 26.17
CA ARG B 447 -1.46 42.19 26.99
C ARG B 447 -1.06 41.73 28.39
N SER C 3 -14.50 -41.91 -26.03
CA SER C 3 -13.05 -41.92 -25.90
C SER C 3 -12.50 -40.52 -25.65
N VAL C 4 -11.85 -40.35 -24.52
CA VAL C 4 -11.20 -39.09 -24.17
C VAL C 4 -9.72 -39.19 -24.44
N GLY C 5 -9.23 -38.38 -25.37
CA GLY C 5 -7.83 -38.37 -25.70
C GLY C 5 -7.07 -37.31 -24.93
N ILE C 6 -5.76 -37.49 -24.80
CA ILE C 6 -4.93 -36.49 -24.17
C ILE C 6 -3.58 -36.51 -24.87
N VAL C 7 -3.07 -35.32 -25.16
CA VAL C 7 -1.85 -35.22 -25.94
C VAL C 7 -0.62 -35.31 -25.06
N TYR C 8 0.21 -36.32 -25.30
N TYR C 8 0.24 -36.29 -25.35
CA TYR C 8 1.53 -36.34 -24.67
CA TYR C 8 1.47 -36.46 -24.58
C TYR C 8 2.48 -37.29 -25.36
C TYR C 8 2.48 -37.30 -25.36
N GLY C 9 3.75 -37.17 -24.98
CA GLY C 9 4.82 -37.97 -25.53
C GLY C 9 6.09 -37.55 -24.82
N ASP C 10 7.12 -38.38 -24.88
CA ASP C 10 8.37 -38.12 -24.21
C ASP C 10 9.06 -36.85 -24.74
N GLN C 11 9.25 -36.78 -26.04
CA GLN C 11 9.86 -35.60 -26.63
C GLN C 11 8.98 -34.38 -26.41
N TYR C 12 7.67 -34.56 -26.58
CA TYR C 12 6.69 -33.49 -26.41
C TYR C 12 6.85 -32.84 -25.04
N ARG C 13 6.98 -33.68 -24.03
CA ARG C 13 7.08 -33.20 -22.66
C ARG C 13 8.36 -32.40 -22.50
N GLN C 14 9.44 -32.92 -23.09
CA GLN C 14 10.71 -32.23 -23.02
C GLN C 14 10.56 -30.85 -23.64
N LEU C 15 9.91 -30.79 -24.80
CA LEU C 15 9.80 -29.55 -25.56
C LEU C 15 8.88 -28.56 -24.87
N CYS C 16 7.72 -29.03 -24.41
CA CYS C 16 6.79 -28.17 -23.67
C CYS C 16 7.43 -27.61 -22.40
N CYS C 17 8.46 -28.27 -21.89
CA CYS C 17 9.11 -27.83 -20.64
C CYS C 17 10.40 -27.05 -20.87
N SER C 18 10.63 -26.59 -22.10
CA SER C 18 11.92 -26.00 -22.43
C SER C 18 11.91 -24.46 -22.43
N SER C 19 10.75 -23.86 -22.24
CA SER C 19 10.64 -22.39 -22.27
C SER C 19 10.97 -21.76 -20.92
N PRO C 20 11.57 -20.55 -20.93
CA PRO C 20 11.87 -19.81 -19.70
C PRO C 20 10.61 -19.33 -18.97
N LYS C 21 9.57 -19.01 -19.72
CA LYS C 21 8.34 -18.51 -19.13
C LYS C 21 7.55 -19.61 -18.38
N PHE C 22 7.39 -20.77 -18.98
CA PHE C 22 6.49 -21.74 -18.37
C PHE C 22 7.19 -22.92 -17.72
N GLY C 23 8.52 -22.87 -17.74
CA GLY C 23 9.36 -23.86 -17.06
C GLY C 23 8.82 -25.27 -17.21
N ASP C 24 8.60 -25.94 -16.09
CA ASP C 24 8.17 -27.34 -16.11
C ASP C 24 6.67 -27.48 -15.84
N ARG C 25 5.90 -26.43 -16.10
CA ARG C 25 4.46 -26.47 -15.80
C ARG C 25 3.77 -27.70 -16.41
N TYR C 26 4.09 -27.98 -17.66
CA TYR C 26 3.47 -29.09 -18.37
C TYR C 26 3.78 -30.40 -17.67
N ALA C 27 5.01 -30.55 -17.18
CA ALA C 27 5.40 -31.77 -16.50
C ALA C 27 4.59 -31.95 -15.23
N LEU C 28 4.45 -30.87 -14.46
CA LEU C 28 3.64 -30.91 -13.23
C LEU C 28 2.22 -31.35 -13.53
N VAL C 29 1.64 -30.81 -14.59
CA VAL C 29 0.26 -31.05 -14.93
C VAL C 29 0.06 -32.52 -15.29
N MET C 30 0.90 -33.02 -16.18
CA MET C 30 0.75 -34.38 -16.67
C MET C 30 1.07 -35.39 -15.57
N ASP C 31 2.08 -35.09 -14.74
CA ASP C 31 2.40 -35.98 -13.63
C ASP C 31 1.36 -35.99 -12.50
N LEU C 32 0.65 -34.87 -12.32
CA LEU C 32 -0.40 -34.86 -11.31
C LEU C 32 -1.56 -35.69 -11.85
N ILE C 33 -1.83 -35.55 -13.14
CA ILE C 33 -2.88 -36.33 -13.79
C ILE C 33 -2.50 -37.79 -13.70
N ASN C 34 -1.23 -38.08 -13.97
CA ASN C 34 -0.69 -39.43 -13.79
C ASN C 34 -0.75 -39.91 -12.32
N ALA C 35 -0.45 -39.03 -11.38
CA ALA C 35 -0.43 -39.46 -9.98
C ALA C 35 -1.83 -39.86 -9.51
N TYR C 36 -2.85 -39.14 -9.99
CA TYR C 36 -4.21 -39.50 -9.66
C TYR C 36 -4.75 -40.69 -10.48
N LYS C 37 -3.87 -41.37 -11.22
CA LYS C 37 -4.24 -42.57 -11.99
C LYS C 37 -5.27 -42.31 -13.08
N LEU C 38 -5.29 -41.10 -13.62
CA LEU C 38 -6.21 -40.80 -14.72
C LEU C 38 -5.70 -41.32 -16.06
N ILE C 39 -4.38 -41.40 -16.22
CA ILE C 39 -3.76 -41.72 -17.52
C ILE C 39 -4.26 -43.04 -18.16
N PRO C 40 -4.47 -44.11 -17.36
CA PRO C 40 -5.10 -45.31 -17.95
C PRO C 40 -6.54 -45.12 -18.44
N GLU C 41 -7.23 -44.05 -18.03
CA GLU C 41 -8.58 -43.80 -18.57
C GLU C 41 -8.56 -43.13 -19.93
N LEU C 42 -7.40 -42.58 -20.28
CA LEU C 42 -7.26 -41.69 -21.44
C LEU C 42 -6.51 -42.34 -22.60
N SER C 43 -6.88 -41.99 -23.82
CA SER C 43 -6.16 -42.44 -24.99
C SER C 43 -5.09 -41.41 -25.35
N ARG C 44 -3.82 -41.83 -25.29
CA ARG C 44 -2.69 -40.95 -25.66
C ARG C 44 -2.82 -40.55 -27.12
N VAL C 45 -2.82 -39.25 -27.39
CA VAL C 45 -2.81 -38.77 -28.76
C VAL C 45 -1.40 -38.26 -29.07
N PRO C 46 -0.65 -39.01 -29.89
CA PRO C 46 0.74 -38.64 -30.20
C PRO C 46 0.80 -37.31 -30.97
N PRO C 47 1.77 -36.43 -30.64
CA PRO C 47 1.91 -35.19 -31.42
C PRO C 47 2.13 -35.45 -32.92
N LEU C 48 1.62 -34.59 -33.78
CA LEU C 48 1.73 -34.80 -35.22
C LEU C 48 3.18 -34.60 -35.67
N GLN C 49 3.68 -35.48 -36.52
CA GLN C 49 4.96 -35.24 -37.16
C GLN C 49 4.80 -35.23 -38.67
N TRP C 50 5.75 -34.62 -39.35
CA TRP C 50 5.66 -34.49 -40.80
C TRP C 50 6.79 -35.22 -41.51
N ASP C 51 6.57 -35.57 -42.77
CA ASP C 51 7.53 -36.30 -43.57
C ASP C 51 8.58 -35.39 -44.25
N SER C 52 8.51 -34.08 -44.00
CA SER C 52 9.53 -33.18 -44.55
C SER C 52 9.41 -31.80 -43.94
N PRO C 53 10.52 -31.04 -43.95
CA PRO C 53 10.42 -29.62 -43.56
C PRO C 53 9.33 -28.89 -44.36
N SER C 54 9.18 -29.20 -45.64
CA SER C 54 8.22 -28.49 -46.47
C SER C 54 6.79 -28.84 -46.09
N ARG C 55 6.54 -30.10 -45.72
CA ARG C 55 5.21 -30.43 -45.21
C ARG C 55 4.95 -29.69 -43.89
N MET C 56 5.96 -29.57 -43.04
CA MET C 56 5.82 -28.86 -41.78
C MET C 56 5.53 -27.40 -42.06
N TYR C 57 6.34 -26.84 -42.95
CA TYR C 57 6.23 -25.43 -43.34
C TYR C 57 4.86 -25.11 -43.93
N GLU C 58 4.36 -26.00 -44.77
CA GLU C 58 3.04 -25.85 -45.36
C GLU C 58 1.98 -25.81 -44.26
N ALA C 59 2.12 -26.68 -43.27
CA ALA C 59 1.15 -26.75 -42.18
C ALA C 59 1.10 -25.46 -41.37
N VAL C 60 2.26 -24.96 -40.96
CA VAL C 60 2.29 -23.79 -40.12
C VAL C 60 1.88 -22.56 -40.89
N THR C 61 2.20 -22.53 -42.18
CA THR C 61 1.88 -21.33 -42.96
C THR C 61 0.47 -21.35 -43.52
N ALA C 62 -0.38 -22.24 -43.01
CA ALA C 62 -1.81 -22.16 -43.29
C ALA C 62 -2.36 -20.91 -42.61
N PHE C 63 -1.70 -20.51 -41.52
CA PHE C 63 -2.01 -19.27 -40.82
C PHE C 63 -0.86 -18.27 -40.87
N HIS C 64 0.33 -18.71 -40.47
CA HIS C 64 1.45 -17.79 -40.29
C HIS C 64 2.15 -17.47 -41.57
N SER C 65 2.72 -16.26 -41.67
CA SER C 65 3.47 -15.87 -42.85
C SER C 65 4.78 -16.61 -42.91
N THR C 66 5.24 -16.84 -44.14
CA THR C 66 6.51 -17.50 -44.40
C THR C 66 7.67 -16.76 -43.74
N GLU C 67 7.68 -15.44 -43.87
CA GLU C 67 8.79 -14.67 -43.32
C GLU C 67 8.81 -14.72 -41.79
N TYR C 68 7.63 -14.81 -41.14
CA TYR C 68 7.59 -14.84 -39.69
C TYR C 68 8.14 -16.18 -39.20
N VAL C 69 7.66 -17.27 -39.81
CA VAL C 69 8.13 -18.61 -39.46
C VAL C 69 9.64 -18.72 -39.67
N ASP C 70 10.13 -18.15 -40.77
CA ASP C 70 11.56 -18.14 -41.07
C ASP C 70 12.37 -17.43 -39.98
N ALA C 71 11.87 -16.28 -39.55
CA ALA C 71 12.52 -15.48 -38.52
C ALA C 71 12.56 -16.26 -37.21
N LEU C 72 11.48 -16.98 -36.94
CA LEU C 72 11.36 -17.78 -35.74
C LEU C 72 12.32 -18.95 -35.77
N LYS C 73 12.47 -19.59 -36.93
CA LYS C 73 13.48 -20.65 -37.08
C LYS C 73 14.86 -20.06 -36.84
N LYS C 74 15.08 -18.87 -37.39
CA LYS C 74 16.39 -18.22 -37.31
C LYS C 74 16.68 -17.82 -35.87
N LEU C 75 15.64 -17.39 -35.16
CA LEU C 75 15.83 -16.92 -33.79
C LEU C 75 16.37 -18.08 -32.95
N GLN C 76 15.86 -19.28 -33.21
CA GLN C 76 16.33 -20.46 -32.51
C GLN C 76 17.77 -20.77 -32.88
N MET C 77 18.10 -20.70 -34.18
CA MET C 77 19.47 -20.95 -34.59
C MET C 77 20.41 -20.01 -33.86
N LEU C 78 20.09 -18.72 -33.86
CA LEU C 78 20.91 -17.70 -33.20
C LEU C 78 21.14 -17.95 -31.71
N HIS C 79 20.13 -18.46 -31.02
CA HIS C 79 20.26 -18.69 -29.59
C HIS C 79 20.97 -20.02 -29.29
N CYS C 80 21.23 -20.81 -30.33
CA CYS C 80 21.96 -22.06 -30.15
C CYS C 80 23.45 -21.88 -30.40
N GLU C 81 23.90 -20.63 -30.38
CA GLU C 81 25.31 -20.32 -30.60
C GLU C 81 25.82 -19.27 -29.60
N LYS C 83 27.03 -16.70 -30.65
CA LYS C 83 27.40 -15.29 -30.73
C LYS C 83 26.18 -14.40 -30.51
N GLU C 84 26.43 -13.11 -30.25
CA GLU C 84 25.37 -12.12 -30.14
C GLU C 84 24.78 -11.81 -31.50
N LEU C 85 23.56 -11.31 -31.51
CA LEU C 85 22.85 -10.97 -32.75
C LEU C 85 23.48 -9.76 -33.40
N THR C 86 23.51 -9.72 -34.73
CA THR C 86 23.94 -8.52 -35.44
C THR C 86 22.82 -7.47 -35.37
N ALA C 87 23.15 -6.22 -35.70
CA ALA C 87 22.17 -5.14 -35.68
C ALA C 87 21.00 -5.50 -36.60
N ASP C 88 21.32 -6.06 -37.77
CA ASP C 88 20.28 -6.47 -38.72
C ASP C 88 19.43 -7.62 -38.17
N ASP C 89 20.05 -8.61 -37.54
CA ASP C 89 19.32 -9.67 -36.84
C ASP C 89 18.33 -9.07 -35.82
N GLU C 90 18.80 -8.10 -35.04
CA GLU C 90 17.95 -7.47 -34.02
C GLU C 90 16.74 -6.80 -34.66
N LEU C 91 16.96 -6.04 -35.74
CA LEU C 91 15.86 -5.36 -36.42
C LEU C 91 14.84 -6.39 -36.96
N LEU C 92 15.35 -7.46 -37.55
CA LEU C 92 14.49 -8.53 -38.06
C LEU C 92 13.57 -9.08 -36.97
N MET C 93 14.16 -9.54 -35.87
CA MET C 93 13.38 -10.05 -34.76
C MET C 93 12.40 -9.00 -34.21
N ASP C 94 12.85 -7.77 -34.06
CA ASP C 94 11.98 -6.70 -33.56
C ASP C 94 10.76 -6.50 -34.47
N SER C 95 10.95 -6.64 -35.77
CA SER C 95 9.86 -6.52 -36.72
C SER C 95 8.78 -7.61 -36.57
N PHE C 96 9.06 -8.70 -35.84
CA PHE C 96 8.06 -9.74 -35.60
C PHE C 96 7.70 -9.83 -34.12
N SER C 97 8.11 -8.82 -33.36
CA SER C 97 7.93 -8.77 -31.92
C SER C 97 8.60 -9.96 -31.24
N LEU C 98 9.66 -10.48 -31.84
CA LEU C 98 10.41 -11.56 -31.21
C LEU C 98 11.41 -10.96 -30.24
N ASN C 99 10.86 -10.29 -29.24
CA ASN C 99 11.62 -9.56 -28.23
C ASN C 99 10.82 -9.44 -26.94
N TYR C 100 11.36 -8.71 -25.96
CA TYR C 100 10.71 -8.37 -24.71
C TYR C 100 9.95 -9.55 -24.10
N ASP C 101 8.62 -9.54 -24.18
CA ASP C 101 7.80 -10.61 -23.60
C ASP C 101 7.88 -11.93 -24.40
N CYS C 102 8.38 -11.86 -25.63
CA CYS C 102 8.54 -13.05 -26.46
C CYS C 102 9.97 -13.22 -26.92
N PRO C 103 10.89 -13.45 -25.97
CA PRO C 103 12.31 -13.48 -26.34
C PRO C 103 12.67 -14.78 -27.03
N GLY C 104 13.88 -14.84 -27.56
CA GLY C 104 14.38 -16.09 -28.12
C GLY C 104 15.03 -16.91 -27.03
N PHE C 105 15.02 -18.22 -27.20
CA PHE C 105 15.78 -19.11 -26.33
C PHE C 105 16.19 -20.29 -27.21
N PRO C 106 17.12 -21.13 -26.74
CA PRO C 106 17.65 -22.18 -27.65
C PRO C 106 16.62 -23.11 -28.30
N SER C 107 15.44 -23.27 -27.72
CA SER C 107 14.46 -24.18 -28.33
C SER C 107 13.16 -23.47 -28.69
N VAL C 108 13.22 -22.16 -28.92
CA VAL C 108 12.01 -21.39 -29.14
C VAL C 108 11.19 -21.91 -30.33
N PHE C 109 11.83 -22.33 -31.42
CA PHE C 109 11.02 -22.82 -32.53
C PHE C 109 10.47 -24.22 -32.24
N ASP C 110 11.31 -25.12 -31.72
CA ASP C 110 10.87 -26.46 -31.30
C ASP C 110 9.69 -26.39 -30.33
N TYR C 111 9.84 -25.56 -29.31
CA TYR C 111 8.82 -25.34 -28.30
C TYR C 111 7.50 -24.89 -28.92
N SER C 112 7.57 -23.87 -29.76
CA SER C 112 6.39 -23.30 -30.42
C SER C 112 5.69 -24.31 -31.34
N LEU C 113 6.50 -25.07 -32.06
CA LEU C 113 5.97 -26.04 -33.00
C LEU C 113 5.32 -27.19 -32.27
N ALA C 114 5.90 -27.56 -31.13
CA ALA C 114 5.37 -28.67 -30.34
C ALA C 114 3.88 -28.47 -30.07
N ALA C 115 3.48 -27.28 -29.61
CA ALA C 115 2.07 -27.00 -29.35
C ALA C 115 1.22 -27.17 -30.60
N VAL C 116 1.74 -26.72 -31.74
CA VAL C 116 1.04 -26.93 -32.99
C VAL C 116 0.89 -28.42 -33.32
N GLN C 117 1.97 -29.18 -33.13
CA GLN C 117 1.95 -30.62 -33.37
C GLN C 117 0.91 -31.33 -32.52
N GLY C 118 0.82 -30.95 -31.24
CA GLY C 118 -0.15 -31.55 -30.36
C GLY C 118 -1.59 -31.22 -30.72
N SER C 119 -1.84 -29.93 -30.98
CA SER C 119 -3.21 -29.47 -31.24
C SER C 119 -3.71 -29.90 -32.62
N LEU C 120 -2.82 -29.96 -33.61
CA LEU C 120 -3.20 -30.54 -34.90
C LEU C 120 -3.52 -32.05 -34.78
N ALA C 121 -2.74 -32.78 -33.98
CA ALA C 121 -3.05 -34.19 -33.75
C ALA C 121 -4.40 -34.31 -33.08
N ALA C 122 -4.62 -33.44 -32.09
CA ALA C 122 -5.88 -33.41 -31.36
C ALA C 122 -7.04 -33.22 -32.34
N ALA C 123 -6.94 -32.22 -33.22
CA ALA C 123 -7.98 -31.99 -34.21
C ALA C 123 -8.20 -33.23 -35.08
N SER C 124 -7.11 -33.88 -35.49
CA SER C 124 -7.22 -35.05 -36.36
C SER C 124 -7.95 -36.21 -35.70
N ALA C 125 -7.70 -36.43 -34.41
CA ALA C 125 -8.33 -37.53 -33.70
C ALA C 125 -9.86 -37.30 -33.57
N LEU C 126 -10.26 -36.05 -33.37
CA LEU C 126 -11.69 -35.69 -33.33
C LEU C 126 -12.35 -35.94 -34.68
N ILE C 127 -11.63 -35.56 -35.75
CA ILE C 127 -12.12 -35.67 -37.13
C ILE C 127 -12.34 -37.11 -37.58
N CYS C 128 -11.35 -37.97 -37.37
CA CYS C 128 -11.53 -39.38 -37.69
C CYS C 128 -12.36 -40.08 -36.61
N ARG C 129 -12.81 -39.31 -35.62
CA ARG C 129 -13.69 -39.81 -34.57
C ARG C 129 -13.02 -40.91 -33.74
N HIS C 130 -11.69 -40.89 -33.66
CA HIS C 130 -10.99 -41.74 -32.71
C HIS C 130 -11.30 -41.32 -31.27
N CYS C 131 -11.49 -40.01 -31.06
CA CYS C 131 -11.83 -39.49 -29.75
C CYS C 131 -13.05 -38.58 -29.80
N GLU C 132 -13.83 -38.57 -28.73
CA GLU C 132 -14.97 -37.67 -28.67
C GLU C 132 -14.53 -36.32 -28.14
N VAL C 133 -13.47 -36.36 -27.32
CA VAL C 133 -12.90 -35.19 -26.70
C VAL C 133 -11.40 -35.39 -26.63
N VAL C 134 -10.63 -34.35 -26.94
CA VAL C 134 -9.20 -34.45 -26.79
C VAL C 134 -8.70 -33.25 -26.01
N ILE C 135 -7.84 -33.54 -25.04
CA ILE C 135 -7.17 -32.55 -24.22
C ILE C 135 -5.71 -32.30 -24.69
N ASN C 136 -5.31 -31.05 -24.83
CA ASN C 136 -3.90 -30.72 -24.97
C ASN C 136 -3.47 -29.62 -23.99
N TRP C 137 -2.86 -30.03 -22.89
CA TRP C 137 -2.43 -29.07 -21.87
C TRP C 137 -1.14 -28.37 -22.27
N GLY C 138 -0.56 -28.77 -23.39
CA GLY C 138 0.61 -28.06 -23.90
C GLY C 138 0.28 -27.01 -24.94
N GLY C 139 -1.01 -26.83 -25.20
CA GLY C 139 -1.45 -25.94 -26.24
C GLY C 139 -2.26 -24.76 -25.70
N GLY C 140 -2.79 -23.95 -26.60
CA GLY C 140 -3.71 -22.90 -26.23
C GLY C 140 -3.14 -21.51 -26.33
N TRP C 141 -2.21 -21.31 -27.26
CA TRP C 141 -1.53 -20.03 -27.34
C TRP C 141 -2.30 -19.10 -28.29
N HIS C 142 -3.28 -18.42 -27.71
CA HIS C 142 -4.33 -17.72 -28.44
C HIS C 142 -3.91 -16.32 -28.85
N HIS C 143 -2.76 -15.84 -28.36
CA HIS C 143 -2.33 -14.47 -28.69
C HIS C 143 -1.52 -14.35 -29.96
N ALA C 144 -1.04 -15.46 -30.50
CA ALA C 144 -0.07 -15.39 -31.60
C ALA C 144 -0.75 -14.88 -32.87
N LYS C 145 -0.12 -13.93 -33.55
CA LYS C 145 -0.68 -13.37 -34.79
C LYS C 145 0.00 -13.95 -36.03
N ARG C 146 -0.59 -13.68 -37.19
CA ARG C 146 -0.06 -14.13 -38.47
C ARG C 146 1.44 -13.90 -38.61
N SER C 147 1.88 -12.72 -38.23
CA SER C 147 3.28 -12.34 -38.38
C SER C 147 3.84 -11.67 -37.15
N GLU C 148 3.43 -12.13 -35.97
CA GLU C 148 3.82 -11.46 -34.75
C GLU C 148 3.67 -12.37 -33.53
N ALA C 149 4.72 -12.47 -32.73
CA ALA C 149 4.67 -13.13 -31.43
C ALA C 149 3.97 -12.21 -30.45
N SER C 150 3.20 -12.77 -29.52
CA SER C 150 2.50 -11.93 -28.55
C SER C 150 2.18 -12.71 -27.27
N GLY C 151 2.44 -12.09 -26.12
CA GLY C 151 2.09 -12.66 -24.83
C GLY C 151 2.60 -14.08 -24.65
N PHE C 152 3.90 -14.23 -24.90
CA PHE C 152 4.62 -15.52 -24.97
C PHE C 152 3.95 -16.57 -25.83
N CYS C 153 3.15 -16.13 -26.80
CA CYS C 153 2.65 -17.05 -27.82
C CYS C 153 3.42 -16.79 -29.10
N TYR C 154 4.10 -17.80 -29.63
CA TYR C 154 4.89 -17.65 -30.85
C TYR C 154 4.16 -18.17 -32.07
N LEU C 155 3.54 -19.33 -31.95
CA LEU C 155 2.74 -19.91 -33.03
C LEU C 155 1.34 -20.20 -32.49
N ASN C 156 0.32 -19.89 -33.27
CA ASN C 156 -1.05 -20.05 -32.78
C ASN C 156 -1.60 -21.44 -33.11
N ASP C 157 -1.34 -22.39 -32.21
CA ASP C 157 -1.80 -23.75 -32.35
C ASP C 157 -3.32 -23.80 -32.42
N ILE C 158 -3.99 -22.82 -31.82
CA ILE C 158 -5.44 -22.87 -31.81
C ILE C 158 -6.01 -22.55 -33.19
N VAL C 159 -5.49 -21.51 -33.83
CA VAL C 159 -5.97 -21.14 -35.18
C VAL C 159 -5.75 -22.30 -36.14
N LEU C 160 -4.59 -22.94 -36.02
CA LEU C 160 -4.25 -24.02 -36.93
C LEU C 160 -5.12 -25.24 -36.70
N ALA C 161 -5.48 -25.50 -35.44
CA ALA C 161 -6.34 -26.64 -35.14
C ALA C 161 -7.79 -26.38 -35.58
N ILE C 162 -8.30 -25.18 -35.31
CA ILE C 162 -9.65 -24.81 -35.74
C ILE C 162 -9.76 -24.87 -37.26
N HIS C 163 -8.73 -24.39 -37.93
CA HIS C 163 -8.67 -24.41 -39.40
C HIS C 163 -8.80 -25.83 -39.93
N ARG C 164 -8.10 -26.77 -39.29
CA ARG C 164 -8.21 -28.17 -39.68
C ARG C 164 -9.63 -28.69 -39.47
N LEU C 165 -10.23 -28.37 -38.32
CA LEU C 165 -11.60 -28.80 -38.02
C LEU C 165 -12.60 -28.23 -39.03
N VAL C 166 -12.49 -26.94 -39.29
CA VAL C 166 -13.48 -26.24 -40.10
C VAL C 166 -13.36 -26.61 -41.58
N SER C 167 -12.21 -27.17 -41.98
CA SER C 167 -11.96 -27.59 -43.36
C SER C 167 -12.46 -29.00 -43.69
N SER C 168 -12.67 -29.83 -42.67
CA SER C 168 -13.08 -31.22 -42.88
C SER C 168 -14.60 -31.34 -43.16
N THR C 169 -15.07 -32.58 -43.24
CA THR C 169 -16.51 -32.87 -43.25
C THR C 169 -16.77 -34.28 -42.72
N GLN C 178 -21.34 -25.77 -44.00
CA GLN C 178 -22.25 -26.20 -42.93
C GLN C 178 -21.51 -26.62 -41.66
N THR C 179 -20.22 -26.96 -41.79
CA THR C 179 -19.39 -27.27 -40.63
C THR C 179 -19.09 -25.99 -39.87
N ARG C 180 -19.49 -25.95 -38.60
CA ARG C 180 -19.24 -24.78 -37.78
C ARG C 180 -18.49 -25.13 -36.51
N VAL C 181 -17.53 -24.30 -36.17
CA VAL C 181 -16.78 -24.47 -34.92
C VAL C 181 -17.10 -23.34 -33.95
N LEU C 182 -17.40 -23.70 -32.70
CA LEU C 182 -17.50 -22.70 -31.67
C LEU C 182 -16.25 -22.70 -30.85
N TYR C 183 -15.62 -21.54 -30.81
CA TYR C 183 -14.43 -21.35 -30.01
C TYR C 183 -14.75 -20.54 -28.76
N VAL C 184 -14.39 -21.12 -27.63
CA VAL C 184 -14.69 -20.55 -26.32
C VAL C 184 -13.40 -20.30 -25.57
N ASP C 185 -13.12 -19.03 -25.30
CA ASP C 185 -11.88 -18.65 -24.64
C ASP C 185 -12.11 -18.24 -23.18
N LEU C 186 -11.72 -19.11 -22.26
CA LEU C 186 -11.99 -18.91 -20.84
C LEU C 186 -10.83 -18.24 -20.10
N ASP C 187 -9.72 -18.04 -20.81
CA ASP C 187 -8.52 -17.39 -20.24
C ASP C 187 -8.87 -16.03 -19.64
N LEU C 188 -8.11 -15.59 -18.65
CA LEU C 188 -8.23 -14.24 -18.09
C LEU C 188 -8.10 -13.15 -19.16
N HIS C 189 -7.33 -13.43 -20.20
CA HIS C 189 -7.06 -12.47 -21.26
C HIS C 189 -7.94 -12.69 -22.48
N HIS C 190 -8.25 -11.61 -23.16
CA HIS C 190 -8.94 -11.70 -24.44
C HIS C 190 -8.16 -12.57 -25.45
N GLY C 191 -8.84 -13.52 -26.09
CA GLY C 191 -8.17 -14.35 -27.09
C GLY C 191 -8.09 -13.65 -28.44
N ASP C 192 -7.34 -12.54 -28.49
CA ASP C 192 -7.33 -11.65 -29.64
C ASP C 192 -6.81 -12.31 -30.92
N GLY C 193 -5.82 -13.17 -30.79
CA GLY C 193 -5.19 -13.80 -31.95
C GLY C 193 -6.14 -14.71 -32.71
N VAL C 194 -6.92 -15.50 -31.98
CA VAL C 194 -7.93 -16.37 -32.59
C VAL C 194 -9.05 -15.55 -33.18
N GLU C 195 -9.48 -14.54 -32.46
CA GLU C 195 -10.63 -13.74 -32.89
C GLU C 195 -10.33 -13.01 -34.19
N GLU C 196 -9.12 -12.48 -34.27
CA GLU C 196 -8.65 -11.74 -35.43
C GLU C 196 -8.50 -12.66 -36.63
N ALA C 197 -8.01 -13.88 -36.39
CA ALA C 197 -7.78 -14.83 -37.47
C ALA C 197 -9.08 -15.15 -38.19
N PHE C 198 -10.17 -15.22 -37.44
CA PHE C 198 -11.47 -15.62 -38.02
C PHE C 198 -12.47 -14.48 -38.11
N TRP C 199 -11.98 -13.25 -37.96
CA TRP C 199 -12.78 -12.03 -38.01
C TRP C 199 -13.72 -11.99 -39.22
N TYR C 200 -13.27 -12.46 -40.38
CA TYR C 200 -14.14 -12.44 -41.58
C TYR C 200 -14.83 -13.76 -41.85
N SER C 201 -14.78 -14.70 -40.92
CA SER C 201 -15.34 -16.04 -41.16
C SER C 201 -16.52 -16.36 -40.25
N PRO C 202 -17.71 -16.56 -40.83
CA PRO C 202 -18.91 -16.90 -40.06
C PRO C 202 -18.94 -18.33 -39.53
N ARG C 203 -18.06 -19.19 -40.03
CA ARG C 203 -18.16 -20.62 -39.67
C ARG C 203 -17.35 -20.93 -38.42
N VAL C 204 -16.54 -19.98 -38.00
CA VAL C 204 -15.86 -20.09 -36.74
C VAL C 204 -16.36 -18.97 -35.86
N VAL C 205 -17.24 -19.31 -34.92
CA VAL C 205 -17.74 -18.33 -34.00
C VAL C 205 -16.82 -18.30 -32.79
N THR C 206 -16.31 -17.13 -32.45
CA THR C 206 -15.42 -17.02 -31.30
C THR C 206 -16.14 -16.36 -30.13
N PHE C 207 -15.89 -16.86 -28.92
CA PHE C 207 -16.47 -16.27 -27.71
C PHE C 207 -15.43 -16.18 -26.62
N SER C 208 -15.08 -14.95 -26.23
CA SER C 208 -14.08 -14.77 -25.20
C SER C 208 -14.70 -14.11 -23.97
N VAL C 209 -14.43 -14.67 -22.80
CA VAL C 209 -14.81 -14.02 -21.56
C VAL C 209 -13.52 -13.71 -20.86
N HIS C 210 -13.39 -12.52 -20.30
CA HIS C 210 -12.05 -12.08 -19.92
C HIS C 210 -12.12 -10.82 -19.12
N HIS C 211 -11.03 -10.49 -18.45
CA HIS C 211 -10.88 -9.16 -17.91
C HIS C 211 -10.46 -8.18 -18.98
N ALA C 212 -10.99 -6.96 -18.91
CA ALA C 212 -10.49 -5.88 -19.75
C ALA C 212 -10.62 -4.58 -18.97
N SER C 213 -9.62 -3.70 -19.11
CA SER C 213 -9.54 -2.45 -18.37
C SER C 213 -8.31 -1.71 -18.90
N PRO C 214 -8.23 -0.38 -18.68
CA PRO C 214 -7.18 0.39 -19.34
C PRO C 214 -5.77 -0.05 -18.97
N GLY C 215 -4.98 -0.31 -20.00
CA GLY C 215 -3.59 -0.72 -19.83
C GLY C 215 -3.41 -2.22 -19.67
N PHE C 216 -4.52 -2.96 -19.59
CA PHE C 216 -4.44 -4.40 -19.36
C PHE C 216 -4.30 -5.17 -20.66
N PHE C 217 -3.31 -6.06 -20.71
CA PHE C 217 -3.05 -6.90 -21.90
C PHE C 217 -4.26 -7.75 -22.32
N PRO C 218 -4.52 -7.82 -23.63
CA PRO C 218 -3.86 -7.09 -24.72
C PRO C 218 -4.58 -5.79 -25.12
N GLY C 219 -5.66 -5.44 -24.44
CA GLY C 219 -6.33 -4.17 -24.69
C GLY C 219 -7.64 -4.29 -25.45
N THR C 220 -7.84 -5.42 -26.13
CA THR C 220 -9.02 -5.65 -26.96
C THR C 220 -10.12 -6.43 -26.25
N GLY C 221 -11.18 -6.77 -26.98
CA GLY C 221 -12.31 -7.53 -26.44
C GLY C 221 -13.24 -6.70 -25.56
N THR C 222 -13.31 -5.40 -25.83
CA THR C 222 -14.16 -4.55 -25.03
C THR C 222 -14.70 -3.42 -25.91
N TRP C 223 -15.24 -2.38 -25.29
CA TRP C 223 -15.83 -1.27 -26.04
C TRP C 223 -14.80 -0.56 -26.92
N ASN C 224 -15.20 -0.23 -28.15
CA ASN C 224 -14.37 0.60 -29.03
C ASN C 224 -14.83 2.06 -28.99
N MET C 225 -13.88 2.98 -28.81
CA MET C 225 -14.20 4.39 -28.67
C MET C 225 -13.34 5.27 -29.58
N LEU C 231 -20.85 7.42 -28.94
CA LEU C 231 -21.15 6.35 -28.00
C LEU C 231 -20.41 5.05 -28.40
N PRO C 232 -19.67 4.45 -27.46
CA PRO C 232 -18.85 3.27 -27.73
C PRO C 232 -19.68 2.06 -28.16
N ILE C 233 -19.09 1.19 -28.99
CA ILE C 233 -19.75 -0.04 -29.43
C ILE C 233 -18.75 -1.20 -29.43
N PHE C 234 -19.27 -2.42 -29.52
CA PHE C 234 -18.44 -3.62 -29.74
C PHE C 234 -18.29 -3.94 -31.21
N LEU C 235 -17.07 -3.97 -31.72
CA LEU C 235 -16.83 -4.59 -33.02
C LEU C 235 -17.08 -6.10 -32.83
N ASN C 236 -17.53 -6.79 -33.87
CA ASN C 236 -17.91 -8.19 -33.69
C ASN C 236 -17.72 -9.02 -34.95
N GLY C 237 -16.79 -8.61 -35.79
CA GLY C 237 -16.51 -9.30 -37.04
C GLY C 237 -16.80 -8.38 -38.22
N ALA C 238 -16.33 -8.74 -39.40
CA ALA C 238 -16.62 -7.92 -40.57
C ALA C 238 -16.96 -8.79 -41.77
N GLY C 239 -17.49 -8.16 -42.82
CA GLY C 239 -17.84 -8.87 -44.04
C GLY C 239 -18.80 -9.99 -43.76
N ARG C 240 -18.49 -11.18 -44.26
CA ARG C 240 -19.29 -12.35 -43.96
C ARG C 240 -19.17 -12.75 -42.49
N GLY C 241 -18.11 -12.28 -41.82
CA GLY C 241 -17.89 -12.61 -40.42
C GLY C 241 -18.60 -11.69 -39.46
N ARG C 242 -19.43 -10.78 -39.98
CA ARG C 242 -20.11 -9.84 -39.10
C ARG C 242 -21.00 -10.56 -38.08
N PHE C 243 -20.97 -10.07 -36.83
CA PHE C 243 -21.69 -10.64 -35.69
C PHE C 243 -21.12 -11.98 -35.18
N SER C 244 -20.00 -12.44 -35.74
CA SER C 244 -19.49 -13.77 -35.39
C SER C 244 -18.40 -13.76 -34.33
N ALA C 245 -17.97 -12.58 -33.88
CA ALA C 245 -16.99 -12.48 -32.80
C ALA C 245 -17.67 -11.96 -31.53
N PHE C 246 -17.73 -12.81 -30.50
CA PHE C 246 -18.46 -12.48 -29.27
C PHE C 246 -17.49 -12.21 -28.12
N ASN C 247 -17.78 -11.19 -27.33
CA ASN C 247 -16.87 -10.81 -26.27
C ASN C 247 -17.61 -10.41 -25.02
N LEU C 248 -17.13 -10.91 -23.90
CA LEU C 248 -17.74 -10.55 -22.61
C LEU C 248 -16.63 -10.09 -21.66
N PRO C 249 -16.36 -8.79 -21.62
CA PRO C 249 -15.36 -8.28 -20.69
C PRO C 249 -15.95 -8.18 -19.28
N LEU C 250 -15.20 -8.57 -18.26
CA LEU C 250 -15.71 -8.54 -16.88
C LEU C 250 -14.77 -7.77 -15.94
N GLU C 251 -15.32 -7.15 -14.92
CA GLU C 251 -14.52 -6.42 -13.94
C GLU C 251 -13.72 -7.37 -13.03
N GLU C 252 -12.68 -6.86 -12.41
CA GLU C 252 -11.89 -7.68 -11.51
C GLU C 252 -12.71 -8.10 -10.30
N GLY C 253 -12.32 -9.21 -9.71
CA GLY C 253 -12.89 -9.66 -8.45
C GLY C 253 -13.95 -10.73 -8.59
N ILE C 254 -14.31 -11.12 -9.81
CA ILE C 254 -15.46 -11.99 -9.98
C ILE C 254 -15.20 -13.41 -9.43
N ASN C 255 -16.23 -13.99 -8.81
CA ASN C 255 -16.08 -15.30 -8.18
C ASN C 255 -16.68 -16.41 -9.05
N ASP C 256 -16.58 -17.66 -8.60
CA ASP C 256 -16.98 -18.81 -9.43
C ASP C 256 -18.42 -18.71 -9.91
N LEU C 257 -19.33 -18.44 -8.97
CA LEU C 257 -20.77 -18.42 -9.22
C LEU C 257 -21.23 -17.31 -10.17
N ASP C 258 -20.72 -16.10 -9.98
CA ASP C 258 -21.09 -14.98 -10.83
C ASP C 258 -20.52 -15.16 -12.24
N TRP C 259 -19.30 -15.67 -12.31
CA TRP C 259 -18.68 -16.02 -13.58
C TRP C 259 -19.51 -17.11 -14.28
N SER C 260 -19.92 -18.11 -13.52
CA SER C 260 -20.71 -19.22 -14.05
C SER C 260 -22.05 -18.73 -14.54
N ASN C 261 -22.64 -17.83 -13.78
CA ASN C 261 -23.90 -17.21 -14.15
C ASN C 261 -23.76 -16.24 -15.33
N ALA C 262 -22.61 -15.61 -15.45
CA ALA C 262 -22.34 -14.74 -16.59
C ALA C 262 -22.30 -15.52 -17.90
N ILE C 263 -21.59 -16.63 -17.93
CA ILE C 263 -21.36 -17.28 -19.22
C ILE C 263 -22.16 -18.56 -19.47
N GLY C 264 -22.70 -19.17 -18.44
CA GLY C 264 -23.61 -20.30 -18.63
C GLY C 264 -24.68 -20.11 -19.71
N PRO C 265 -25.53 -19.08 -19.55
CA PRO C 265 -26.61 -18.87 -20.53
C PRO C 265 -26.10 -18.49 -21.91
N ILE C 266 -25.00 -17.73 -21.97
CA ILE C 266 -24.44 -17.33 -23.26
C ILE C 266 -23.94 -18.56 -24.02
N LEU C 267 -23.31 -19.49 -23.30
CA LEU C 267 -22.79 -20.72 -23.93
C LEU C 267 -23.91 -21.60 -24.45
N ASP C 268 -24.94 -21.79 -23.64
CA ASP C 268 -26.08 -22.59 -24.02
C ASP C 268 -26.80 -21.99 -25.23
N SER C 269 -26.90 -20.67 -25.28
CA SER C 269 -27.46 -19.94 -26.42
C SER C 269 -26.61 -20.05 -27.69
N LEU C 270 -25.28 -19.96 -27.55
CA LEU C 270 -24.40 -20.11 -28.70
C LEU C 270 -24.55 -21.52 -29.27
N ASN C 271 -24.65 -22.51 -28.38
CA ASN C 271 -24.82 -23.86 -28.86
C ASN C 271 -26.16 -24.08 -29.56
N ILE C 272 -27.22 -23.56 -28.96
CA ILE C 272 -28.56 -23.73 -29.53
C ILE C 272 -28.65 -23.14 -30.94
N VAL C 273 -28.13 -21.92 -31.11
CA VAL C 273 -28.26 -21.23 -32.39
C VAL C 273 -27.24 -21.68 -33.43
N ILE C 274 -25.96 -21.63 -33.06
CA ILE C 274 -24.89 -21.94 -34.00
C ILE C 274 -24.84 -23.42 -34.39
N GLN C 275 -25.28 -24.28 -33.47
CA GLN C 275 -25.17 -25.72 -33.70
C GLN C 275 -23.80 -26.15 -34.22
N PRO C 276 -22.73 -25.89 -33.44
CA PRO C 276 -21.38 -26.25 -33.91
C PRO C 276 -21.15 -27.76 -34.04
N SER C 277 -20.27 -28.13 -34.97
CA SER C 277 -19.88 -29.53 -35.17
C SER C 277 -18.69 -29.90 -34.29
N TYR C 278 -18.00 -28.87 -33.83
CA TYR C 278 -16.85 -29.01 -32.94
C TYR C 278 -16.87 -27.82 -32.00
N VAL C 279 -16.48 -28.05 -30.76
CA VAL C 279 -16.20 -26.96 -29.83
C VAL C 279 -14.72 -26.97 -29.49
N VAL C 280 -14.08 -25.81 -29.55
CA VAL C 280 -12.71 -25.68 -29.09
C VAL C 280 -12.73 -24.76 -27.88
N VAL C 281 -12.19 -25.25 -26.77
CA VAL C 281 -12.20 -24.54 -25.51
C VAL C 281 -10.78 -24.24 -25.04
N GLN C 282 -10.45 -22.97 -24.85
CA GLN C 282 -9.15 -22.62 -24.31
C GLN C 282 -9.39 -22.43 -22.81
N CYS C 283 -8.65 -23.14 -21.98
CA CYS C 283 -8.94 -23.16 -20.55
C CYS C 283 -7.78 -22.62 -19.73
N GLY C 284 -7.25 -21.47 -20.15
CA GLY C 284 -6.22 -20.76 -19.42
C GLY C 284 -6.59 -20.65 -17.94
N ALA C 285 -5.63 -20.91 -17.07
CA ALA C 285 -5.91 -21.01 -15.63
C ALA C 285 -5.57 -19.72 -14.89
N ASP C 286 -5.39 -18.61 -15.60
CA ASP C 286 -5.02 -17.42 -14.86
C ASP C 286 -6.22 -16.70 -14.26
N CYS C 287 -7.41 -17.29 -14.32
CA CYS C 287 -8.58 -16.75 -13.60
C CYS C 287 -8.64 -17.25 -12.16
N LEU C 288 -7.75 -18.17 -11.81
CA LEU C 288 -7.71 -18.68 -10.43
C LEU C 288 -7.37 -17.55 -9.48
N ALA C 289 -8.04 -17.55 -8.32
CA ALA C 289 -7.78 -16.59 -7.26
C ALA C 289 -6.30 -16.53 -6.86
N THR C 290 -5.60 -17.64 -7.00
CA THR C 290 -4.22 -17.74 -6.53
C THR C 290 -3.21 -17.51 -7.66
N ASP C 291 -3.70 -17.16 -8.83
CA ASP C 291 -2.80 -16.78 -9.91
C ASP C 291 -2.13 -15.46 -9.53
N PRO C 292 -0.83 -15.30 -9.83
CA PRO C 292 -0.16 -14.05 -9.49
C PRO C 292 -0.80 -12.81 -10.12
N HIS C 293 -1.59 -12.96 -11.19
CA HIS C 293 -2.32 -11.81 -11.75
C HIS C 293 -3.27 -11.21 -10.71
N ARG C 294 -3.86 -12.08 -9.90
CA ARG C 294 -4.81 -11.71 -8.84
C ARG C 294 -5.97 -10.87 -9.36
N ILE C 295 -6.56 -11.22 -10.50
CA ILE C 295 -7.68 -10.42 -11.01
C ILE C 295 -9.03 -11.07 -10.74
N PHE C 296 -9.25 -12.30 -11.21
CA PHE C 296 -10.52 -12.98 -10.94
C PHE C 296 -10.33 -13.85 -9.69
N ARG C 297 -11.41 -14.37 -9.13
CA ARG C 297 -11.25 -15.20 -7.93
C ARG C 297 -11.88 -16.58 -8.13
N LEU C 298 -11.59 -17.19 -9.27
CA LEU C 298 -12.13 -18.51 -9.53
C LEU C 298 -11.36 -19.54 -8.70
N THR C 299 -11.93 -20.72 -8.57
CA THR C 299 -11.30 -21.80 -7.83
C THR C 299 -11.31 -23.07 -8.66
N ASN C 300 -10.79 -24.15 -8.09
CA ASN C 300 -10.92 -25.48 -8.68
C ASN C 300 -11.81 -26.39 -7.79
N PHE C 301 -12.67 -25.78 -6.99
CA PHE C 301 -13.43 -26.57 -6.01
C PHE C 301 -14.51 -27.40 -6.70
N TYR C 302 -14.77 -28.59 -6.15
CA TYR C 302 -15.73 -29.52 -6.71
C TYR C 302 -16.38 -30.31 -5.57
N PRO C 303 -17.66 -30.01 -5.27
CA PRO C 303 -18.35 -30.62 -4.13
C PRO C 303 -18.50 -32.15 -4.25
N SER C 316 -19.56 -24.09 -2.91
CA SER C 316 -19.49 -23.49 -4.24
C SER C 316 -18.70 -24.38 -5.21
N LEU C 317 -18.86 -24.10 -6.50
CA LEU C 317 -18.30 -24.93 -7.56
C LEU C 317 -17.48 -24.10 -8.52
N SER C 318 -16.28 -24.58 -8.85
CA SER C 318 -15.39 -23.90 -9.79
C SER C 318 -16.11 -23.44 -11.05
N GLY C 319 -15.92 -22.18 -11.42
CA GLY C 319 -16.51 -21.67 -12.65
C GLY C 319 -16.01 -22.47 -13.84
N TYR C 320 -14.73 -22.79 -13.82
CA TYR C 320 -14.14 -23.61 -14.86
C TYR C 320 -14.86 -24.94 -15.07
N LEU C 321 -15.10 -25.67 -13.98
CA LEU C 321 -15.68 -27.00 -14.06
C LEU C 321 -17.14 -26.88 -14.44
N TYR C 322 -17.78 -25.82 -13.96
CA TYR C 322 -19.16 -25.56 -14.36
C TYR C 322 -19.25 -25.39 -15.89
N ALA C 323 -18.38 -24.57 -16.45
CA ALA C 323 -18.42 -24.29 -17.90
C ALA C 323 -18.02 -25.51 -18.74
N ILE C 324 -17.00 -26.24 -18.29
CA ILE C 324 -16.57 -27.41 -19.03
C ILE C 324 -17.65 -28.48 -18.97
N LYS C 325 -18.23 -28.68 -17.79
CA LYS C 325 -19.32 -29.62 -17.67
C LYS C 325 -20.48 -29.25 -18.59
N LYS C 326 -20.86 -27.97 -18.63
CA LYS C 326 -21.93 -27.51 -19.51
C LYS C 326 -21.61 -27.78 -20.99
N ILE C 327 -20.39 -27.48 -21.40
CA ILE C 327 -19.99 -27.63 -22.80
C ILE C 327 -20.02 -29.11 -23.19
N LEU C 328 -19.51 -29.97 -22.31
CA LEU C 328 -19.52 -31.40 -22.59
C LEU C 328 -20.94 -31.99 -22.60
N SER C 329 -21.87 -31.36 -21.92
CA SER C 329 -23.25 -31.87 -21.94
C SER C 329 -23.92 -31.69 -23.31
N TRP C 330 -23.31 -30.90 -24.19
CA TRP C 330 -23.86 -30.74 -25.54
C TRP C 330 -23.57 -31.93 -26.41
N LYS C 331 -22.67 -32.80 -25.96
CA LYS C 331 -22.24 -33.97 -26.72
C LYS C 331 -21.72 -33.62 -28.10
N VAL C 332 -20.97 -32.52 -28.18
CA VAL C 332 -20.31 -32.14 -29.42
C VAL C 332 -18.83 -32.46 -29.30
N PRO C 333 -18.22 -33.01 -30.36
CA PRO C 333 -16.77 -33.26 -30.31
C PRO C 333 -15.99 -31.99 -29.97
N THR C 334 -15.08 -32.12 -29.03
CA THR C 334 -14.52 -30.96 -28.35
C THR C 334 -13.03 -31.09 -28.15
N LEU C 335 -12.35 -30.00 -28.36
CA LEU C 335 -10.94 -29.90 -28.07
C LEU C 335 -10.81 -29.02 -26.84
N ILE C 336 -10.14 -29.52 -25.80
CA ILE C 336 -9.82 -28.71 -24.61
C ILE C 336 -8.32 -28.40 -24.50
N LEU C 337 -7.99 -27.11 -24.45
CA LEU C 337 -6.60 -26.67 -24.55
C LEU C 337 -6.24 -25.88 -23.30
N GLY C 338 -4.94 -25.77 -23.02
CA GLY C 338 -4.46 -25.05 -21.86
C GLY C 338 -4.42 -23.56 -22.12
N GLY C 339 -3.27 -22.94 -21.87
CA GLY C 339 -3.10 -21.52 -22.08
C GLY C 339 -2.36 -20.88 -20.92
N GLY C 340 -2.82 -19.70 -20.49
CA GLY C 340 -2.24 -19.00 -19.37
C GLY C 340 -2.41 -19.76 -18.06
N GLY C 341 -1.75 -19.29 -17.00
CA GLY C 341 -1.69 -19.97 -15.72
C GLY C 341 -0.25 -19.94 -15.24
N TYR C 342 0.03 -19.10 -14.26
CA TYR C 342 1.41 -18.81 -13.89
C TYR C 342 1.74 -19.23 -12.48
N ASN C 343 0.74 -19.77 -11.79
CA ASN C 343 0.95 -20.50 -10.53
C ASN C 343 0.90 -21.99 -10.88
N PHE C 344 2.08 -22.61 -11.06
CA PHE C 344 2.12 -23.90 -11.76
C PHE C 344 1.42 -25.01 -10.97
N PRO C 345 1.71 -25.15 -9.66
CA PRO C 345 1.00 -26.19 -8.91
C PRO C 345 -0.52 -26.03 -8.95
N ASP C 346 -1.01 -24.81 -8.77
CA ASP C 346 -2.45 -24.56 -8.82
C ASP C 346 -3.03 -24.73 -10.23
N THR C 347 -2.24 -24.41 -11.26
CA THR C 347 -2.70 -24.71 -12.63
C THR C 347 -2.81 -26.24 -12.79
N ALA C 348 -1.84 -26.96 -12.27
CA ALA C 348 -1.90 -28.42 -12.31
C ALA C 348 -3.12 -28.93 -11.57
N ARG C 349 -3.48 -28.28 -10.46
CA ARG C 349 -4.64 -28.68 -9.65
C ARG C 349 -5.97 -28.47 -10.37
N LEU C 350 -6.09 -27.39 -11.10
CA LEU C 350 -7.33 -27.16 -11.85
C LEU C 350 -7.43 -28.10 -13.04
N TRP C 351 -6.35 -28.20 -13.79
CA TRP C 351 -6.41 -28.96 -15.04
C TRP C 351 -6.56 -30.45 -14.75
N THR C 352 -6.05 -30.91 -13.61
CA THR C 352 -6.26 -32.29 -13.20
C THR C 352 -7.73 -32.53 -12.95
N ARG C 353 -8.42 -31.56 -12.33
CA ARG C 353 -9.85 -31.70 -12.10
C ARG C 353 -10.66 -31.65 -13.39
N VAL C 354 -10.31 -30.72 -14.27
CA VAL C 354 -10.92 -30.68 -15.59
C VAL C 354 -10.76 -32.02 -16.31
N THR C 355 -9.57 -32.61 -16.24
CA THR C 355 -9.36 -33.90 -16.88
C THR C 355 -10.27 -34.99 -16.29
N ALA C 356 -10.34 -35.07 -14.96
CA ALA C 356 -11.22 -36.07 -14.31
C ALA C 356 -12.68 -35.84 -14.70
N LEU C 357 -13.10 -34.57 -14.71
CA LEU C 357 -14.47 -34.23 -15.10
C LEU C 357 -14.79 -34.66 -16.53
N THR C 358 -13.85 -34.45 -17.43
CA THR C 358 -14.05 -34.84 -18.81
C THR C 358 -14.22 -36.35 -18.88
N ILE C 359 -13.42 -37.09 -18.11
CA ILE C 359 -13.53 -38.54 -18.12
C ILE C 359 -14.93 -38.95 -17.63
N GLU C 360 -15.39 -38.34 -16.53
CA GLU C 360 -16.74 -38.61 -15.98
C GLU C 360 -17.82 -38.34 -17.00
N GLU C 361 -17.82 -37.13 -17.55
CA GLU C 361 -18.88 -36.68 -18.45
C GLU C 361 -18.93 -37.44 -19.77
N VAL C 362 -17.77 -37.86 -20.28
CA VAL C 362 -17.76 -38.52 -21.57
C VAL C 362 -17.92 -40.04 -21.44
N LYS C 363 -17.20 -40.65 -20.50
CA LYS C 363 -17.25 -42.09 -20.34
C LYS C 363 -18.35 -42.56 -19.38
N GLY C 364 -18.95 -41.63 -18.65
CA GLY C 364 -19.91 -41.99 -17.61
C GLY C 364 -19.30 -42.70 -16.40
N LYS C 365 -17.98 -42.59 -16.26
CA LYS C 365 -17.24 -43.26 -15.19
C LYS C 365 -16.98 -42.30 -14.03
N LYS C 366 -17.37 -42.67 -12.80
CA LYS C 366 -17.09 -41.81 -11.65
C LYS C 366 -15.60 -41.71 -11.38
N MET C 367 -15.11 -40.48 -11.24
CA MET C 367 -13.68 -40.26 -11.04
C MET C 367 -13.51 -39.58 -9.69
N THR C 368 -13.29 -40.40 -8.67
CA THR C 368 -13.07 -39.90 -7.34
C THR C 368 -11.62 -39.54 -7.14
N ILE C 369 -11.40 -38.28 -6.84
CA ILE C 369 -10.07 -37.80 -6.62
C ILE C 369 -9.83 -37.55 -5.14
N SER C 370 -8.76 -38.12 -4.60
CA SER C 370 -8.41 -37.89 -3.20
C SER C 370 -8.12 -36.41 -2.91
N PRO C 371 -8.57 -35.90 -1.76
CA PRO C 371 -8.25 -34.49 -1.43
C PRO C 371 -6.74 -34.26 -1.19
N GLU C 372 -6.00 -35.31 -0.85
CA GLU C 372 -4.56 -35.16 -0.68
C GLU C 372 -3.83 -35.47 -1.98
N ILE C 373 -2.85 -34.62 -2.30
CA ILE C 373 -1.97 -34.86 -3.44
C ILE C 373 -1.27 -36.22 -3.28
N PRO C 374 -1.37 -37.07 -4.32
CA PRO C 374 -0.73 -38.38 -4.22
C PRO C 374 0.78 -38.26 -4.30
N GLU C 375 1.46 -39.29 -3.81
CA GLU C 375 2.90 -39.39 -3.95
C GLU C 375 3.33 -39.37 -5.42
N HIS C 376 4.30 -38.50 -5.74
CA HIS C 376 4.94 -38.51 -7.04
C HIS C 376 6.13 -37.56 -6.98
N SER C 377 6.94 -37.54 -8.03
CA SER C 377 8.19 -36.79 -8.01
C SER C 377 8.02 -35.27 -7.82
N TYR C 378 6.85 -34.74 -8.11
CA TYR C 378 6.59 -33.31 -7.87
C TYR C 378 5.73 -33.02 -6.64
N PHE C 379 5.47 -34.04 -5.81
CA PHE C 379 4.68 -33.87 -4.57
C PHE C 379 5.09 -32.63 -3.77
N SER C 380 6.39 -32.37 -3.68
CA SER C 380 6.91 -31.28 -2.87
C SER C 380 6.51 -29.89 -3.37
N ARG C 381 6.06 -29.81 -4.62
CA ARG C 381 5.64 -28.54 -5.19
C ARG C 381 4.25 -28.11 -4.68
N TYR C 382 3.54 -29.01 -4.01
CA TYR C 382 2.17 -28.74 -3.60
C TYR C 382 2.04 -28.33 -2.14
N GLY C 383 3.14 -27.91 -1.55
CA GLY C 383 3.12 -27.48 -0.16
C GLY C 383 2.52 -26.11 0.00
N PRO C 384 2.29 -25.67 1.25
CA PRO C 384 2.52 -26.39 2.49
C PRO C 384 1.39 -27.34 2.88
N ASP C 385 0.29 -27.28 2.12
CA ASP C 385 -0.94 -28.01 2.41
C ASP C 385 -0.98 -29.41 1.79
N PHE C 386 -0.36 -29.54 0.61
CA PHE C 386 -0.40 -30.77 -0.17
C PHE C 386 -1.83 -31.29 -0.41
N GLU C 387 -2.79 -30.40 -0.59
CA GLU C 387 -4.13 -30.84 -0.99
C GLU C 387 -4.49 -30.37 -2.40
N LEU C 388 -5.52 -30.99 -2.95
CA LEU C 388 -5.95 -30.72 -4.31
C LEU C 388 -6.69 -29.37 -4.49
N ASP C 389 -7.56 -29.01 -3.55
CA ASP C 389 -8.19 -27.68 -3.56
C ASP C 389 -7.10 -26.64 -3.49
N ILE C 390 -7.21 -25.58 -4.30
CA ILE C 390 -6.30 -24.46 -4.14
C ILE C 390 -6.49 -23.83 -2.76
N ASP C 391 -5.41 -23.26 -2.21
CA ASP C 391 -5.47 -22.65 -0.89
C ASP C 391 -6.03 -21.22 -0.97
N TYR C 392 -7.35 -21.14 -0.98
CA TYR C 392 -8.03 -19.87 -1.10
C TYR C 392 -9.34 -19.95 -0.35
N PHE C 393 -9.70 -18.84 0.28
CA PHE C 393 -10.96 -18.76 1.01
C PHE C 393 -11.84 -17.65 0.42
N PRO C 394 -12.80 -18.04 -0.43
CA PRO C 394 -13.79 -17.15 -1.06
C PRO C 394 -14.61 -16.41 -0.03
N HIS C 395 -14.73 -15.09 -0.14
CA HIS C 395 -15.38 -14.28 0.89
C HIS C 395 -16.38 -13.29 0.32
N ASP C 403 -22.99 -4.28 -10.33
CA ASP C 403 -21.99 -5.29 -10.66
C ASP C 403 -22.51 -6.31 -11.68
N SER C 404 -23.82 -6.34 -11.91
CA SER C 404 -24.38 -7.31 -12.82
C SER C 404 -24.07 -6.91 -14.26
N ILE C 405 -24.37 -7.82 -15.19
CA ILE C 405 -24.02 -7.62 -16.59
C ILE C 405 -25.19 -7.99 -17.49
N GLN C 406 -26.41 -7.73 -17.03
CA GLN C 406 -27.61 -8.08 -17.79
C GLN C 406 -27.70 -7.31 -19.10
N LYS C 407 -27.15 -6.11 -19.16
CA LYS C 407 -27.10 -5.41 -20.45
C LYS C 407 -26.16 -6.10 -21.44
N HIS C 408 -25.11 -6.76 -20.94
CA HIS C 408 -24.23 -7.51 -21.82
C HIS C 408 -24.95 -8.72 -22.41
N HIS C 409 -25.71 -9.41 -21.57
CA HIS C 409 -26.56 -10.51 -22.02
C HIS C 409 -27.48 -10.05 -23.16
N ARG C 410 -28.14 -8.91 -22.94
CA ARG C 410 -29.04 -8.37 -23.94
C ARG C 410 -28.29 -8.06 -25.23
N ARG C 411 -27.13 -7.42 -25.08
CA ARG C 411 -26.31 -7.08 -26.22
C ARG C 411 -25.83 -8.32 -26.97
N ILE C 412 -25.38 -9.31 -26.21
CA ILE C 412 -24.84 -10.52 -26.82
C ILE C 412 -25.94 -11.32 -27.51
N LEU C 413 -27.11 -11.43 -26.88
CA LEU C 413 -28.24 -12.12 -27.51
C LEU C 413 -28.70 -11.41 -28.78
N GLU C 414 -28.71 -10.09 -28.77
CA GLU C 414 -29.10 -9.37 -29.98
C GLU C 414 -28.09 -9.64 -31.08
N GLN C 415 -26.81 -9.68 -30.72
CA GLN C 415 -25.75 -9.99 -31.69
C GLN C 415 -25.93 -11.40 -32.25
N LEU C 416 -26.38 -12.31 -31.41
CA LEU C 416 -26.60 -13.69 -31.84
C LEU C 416 -27.80 -13.76 -32.79
N ARG C 417 -28.82 -12.96 -32.52
CA ARG C 417 -29.95 -12.91 -33.44
C ARG C 417 -29.47 -12.37 -34.79
N ASN C 418 -28.61 -11.37 -34.77
CA ASN C 418 -28.07 -10.78 -35.99
C ASN C 418 -27.17 -11.74 -36.74
N TYR C 419 -26.49 -12.61 -36.02
CA TYR C 419 -25.62 -13.58 -36.68
C TYR C 419 -26.49 -14.61 -37.39
N ALA C 420 -27.54 -15.06 -36.72
CA ALA C 420 -28.43 -16.06 -37.29
C ALA C 420 -29.08 -15.55 -38.58
N ASP C 421 -29.59 -14.32 -38.55
CA ASP C 421 -30.21 -13.69 -39.72
C ASP C 421 -29.26 -13.60 -40.89
N LEU C 422 -28.11 -12.98 -40.66
CA LEU C 422 -27.07 -12.81 -41.68
C LEU C 422 -26.72 -14.11 -42.37
N ASN C 423 -26.69 -15.21 -41.62
CA ASN C 423 -26.25 -16.48 -42.15
C ASN C 423 -27.41 -17.43 -42.42
N LYS C 424 -28.63 -16.90 -42.33
CA LYS C 424 -29.86 -17.64 -42.62
C LYS C 424 -29.99 -18.92 -41.79
N LEU C 425 -29.86 -18.79 -40.48
CA LEU C 425 -29.99 -19.92 -39.55
C LEU C 425 -31.25 -19.79 -38.71
N ILE C 426 -31.81 -20.93 -38.32
CA ILE C 426 -32.96 -20.96 -37.43
C ILE C 426 -32.60 -20.28 -36.10
N TYR C 427 -33.33 -19.22 -35.76
CA TYR C 427 -33.19 -18.60 -34.45
C TYR C 427 -34.36 -19.03 -33.59
N ASP C 428 -34.15 -20.07 -32.79
CA ASP C 428 -35.19 -20.62 -31.93
C ASP C 428 -35.43 -19.74 -30.71
N TYR C 429 -36.24 -18.69 -30.89
CA TYR C 429 -36.55 -17.76 -29.83
C TYR C 429 -37.03 -18.45 -28.56
N ASP C 430 -37.96 -19.39 -28.70
CA ASP C 430 -38.60 -19.97 -27.54
C ASP C 430 -37.62 -20.78 -26.69
N GLN C 431 -36.73 -21.49 -27.35
CA GLN C 431 -35.74 -22.31 -26.64
C GLN C 431 -34.73 -21.43 -25.89
N VAL C 432 -34.31 -20.35 -26.54
CA VAL C 432 -33.39 -19.41 -25.91
C VAL C 432 -34.11 -18.70 -24.78
N TYR C 433 -35.37 -18.35 -25.01
CA TYR C 433 -36.19 -17.71 -23.99
C TYR C 433 -36.32 -18.60 -22.76
N GLN C 434 -36.67 -19.86 -23.00
CA GLN C 434 -36.83 -20.84 -21.94
C GLN C 434 -35.54 -20.99 -21.14
N LEU C 435 -34.43 -21.05 -21.86
CA LEU C 435 -33.12 -21.09 -21.25
C LEU C 435 -32.89 -19.93 -20.26
N TYR C 436 -33.11 -18.70 -20.73
CA TYR C 436 -32.90 -17.54 -19.88
C TYR C 436 -33.96 -17.40 -18.79
N ASN C 437 -35.18 -17.86 -19.06
CA ASN C 437 -36.23 -17.69 -18.07
C ASN C 437 -36.07 -18.66 -16.91
N LEU C 438 -35.13 -19.59 -17.04
CA LEU C 438 -34.79 -20.49 -15.95
C LEU C 438 -34.29 -19.72 -14.74
N THR C 439 -33.82 -18.50 -14.97
CA THR C 439 -33.34 -17.65 -13.88
C THR C 439 -34.06 -16.31 -13.85
N GLY C 440 -35.25 -16.27 -14.46
CA GLY C 440 -36.06 -15.07 -14.47
C GLY C 440 -35.45 -13.94 -15.28
N MET C 441 -34.87 -14.28 -16.43
CA MET C 441 -34.28 -13.28 -17.30
C MET C 441 -34.73 -13.45 -18.75
N GLY C 442 -35.85 -14.15 -18.93
CA GLY C 442 -36.45 -14.34 -20.25
C GLY C 442 -36.59 -13.07 -21.06
N SER C 443 -36.87 -11.96 -20.40
CA SER C 443 -37.10 -10.69 -21.08
C SER C 443 -35.85 -10.12 -21.75
N LEU C 444 -34.69 -10.74 -21.49
CA LEU C 444 -33.46 -10.26 -22.07
C LEU C 444 -33.33 -10.73 -23.51
N VAL C 445 -34.12 -11.74 -23.86
CA VAL C 445 -34.04 -12.41 -25.17
C VAL C 445 -34.85 -11.70 -26.26
N PRO C 446 -34.17 -11.21 -27.31
CA PRO C 446 -34.86 -10.50 -28.39
C PRO C 446 -35.66 -11.45 -29.26
N ARG C 447 -36.81 -10.99 -29.77
CA ARG C 447 -37.66 -11.84 -30.60
C ARG C 447 -37.18 -11.86 -32.05
N SER D 3 21.09 0.98 -31.93
CA SER D 3 19.72 0.72 -32.34
C SER D 3 18.82 1.91 -32.03
N VAL D 4 17.94 2.26 -32.96
CA VAL D 4 16.99 3.32 -32.72
C VAL D 4 15.60 2.71 -32.64
N GLY D 5 14.93 2.96 -31.52
CA GLY D 5 13.58 2.45 -31.33
C GLY D 5 12.55 3.51 -31.63
N ILE D 6 11.33 3.08 -31.86
CA ILE D 6 10.23 3.99 -32.03
C ILE D 6 8.96 3.30 -31.56
N VAL D 7 8.17 4.00 -30.77
CA VAL D 7 7.01 3.37 -30.16
C VAL D 7 5.84 3.38 -31.14
N TYR D 8 5.31 2.20 -31.44
CA TYR D 8 4.05 2.12 -32.17
CA TYR D 8 4.12 2.07 -32.30
C TYR D 8 3.40 0.76 -32.02
N GLY D 9 2.16 0.67 -32.46
CA GLY D 9 1.37 -0.54 -32.38
C GLY D 9 -0.01 -0.18 -32.89
N ASP D 10 -0.75 -1.16 -33.36
CA ASP D 10 -2.04 -0.89 -33.97
C ASP D 10 -3.03 -0.31 -32.98
N GLN D 11 -3.08 -0.87 -31.78
CA GLN D 11 -3.96 -0.34 -30.74
C GLN D 11 -3.49 1.06 -30.33
N TYR D 12 -2.17 1.21 -30.18
CA TYR D 12 -1.56 2.46 -29.78
C TYR D 12 -1.95 3.59 -30.72
N ARG D 13 -1.94 3.28 -32.02
CA ARG D 13 -2.31 4.23 -33.04
C ARG D 13 -3.76 4.68 -32.91
N GLN D 14 -4.66 3.71 -32.80
CA GLN D 14 -6.07 4.00 -32.57
C GLN D 14 -6.28 4.93 -31.37
N LEU D 15 -5.63 4.64 -30.24
CA LEU D 15 -5.83 5.46 -29.04
C LEU D 15 -5.22 6.84 -29.17
N CYS D 16 -4.03 6.92 -29.78
CA CYS D 16 -3.42 8.22 -30.04
C CYS D 16 -4.23 9.08 -31.00
N CYS D 17 -5.08 8.47 -31.81
CA CYS D 17 -5.86 9.25 -32.79
C CYS D 17 -7.29 9.46 -32.32
N SER D 18 -7.55 9.25 -31.04
CA SER D 18 -8.92 9.28 -30.56
C SER D 18 -9.29 10.56 -29.84
N SER D 19 -8.41 11.58 -29.86
CA SER D 19 -8.72 12.81 -29.13
C SER D 19 -9.29 13.93 -30.02
N PRO D 20 -10.11 14.81 -29.44
CA PRO D 20 -10.68 15.95 -30.17
C PRO D 20 -9.60 16.92 -30.65
N LYS D 21 -8.58 17.15 -29.83
CA LYS D 21 -7.60 18.18 -30.09
C LYS D 21 -6.58 17.77 -31.15
N PHE D 22 -6.11 16.53 -31.10
CA PHE D 22 -5.01 16.16 -31.99
C PHE D 22 -5.42 15.25 -33.12
N GLY D 23 -6.71 14.92 -33.18
CA GLY D 23 -7.27 14.15 -34.26
C GLY D 23 -6.37 13.02 -34.72
N ASP D 24 -6.09 12.96 -36.03
CA ASP D 24 -5.29 11.88 -36.57
C ASP D 24 -3.82 12.27 -36.79
N ARG D 25 -3.32 13.23 -36.03
CA ARG D 25 -1.95 13.68 -36.24
C ARG D 25 -0.95 12.53 -36.15
N TYR D 26 -1.11 11.70 -35.13
CA TYR D 26 -0.19 10.59 -34.92
C TYR D 26 -0.17 9.66 -36.11
N ALA D 27 -1.34 9.45 -36.72
CA ALA D 27 -1.46 8.67 -37.95
C ALA D 27 -0.73 9.29 -39.13
N LEU D 28 -0.76 10.63 -39.25
CA LEU D 28 -0.01 11.31 -40.31
C LEU D 28 1.49 11.18 -40.10
N VAL D 29 1.92 11.38 -38.86
CA VAL D 29 3.33 11.25 -38.53
C VAL D 29 3.85 9.85 -38.89
N MET D 30 3.23 8.80 -38.36
CA MET D 30 3.77 7.46 -38.51
C MET D 30 3.67 6.97 -39.94
N ASP D 31 2.66 7.43 -40.66
CA ASP D 31 2.47 7.06 -42.06
C ASP D 31 3.46 7.78 -42.96
N LEU D 32 3.73 9.05 -42.67
CA LEU D 32 4.75 9.79 -43.42
C LEU D 32 6.12 9.16 -43.20
N ILE D 33 6.40 8.77 -41.95
CA ILE D 33 7.61 8.03 -41.62
C ILE D 33 7.67 6.75 -42.43
N ASN D 34 6.54 6.08 -42.54
CA ASN D 34 6.48 4.79 -43.22
C ASN D 34 6.61 4.98 -44.74
N ALA D 35 5.93 6.00 -45.27
CA ALA D 35 5.99 6.33 -46.68
C ALA D 35 7.42 6.63 -47.16
N TYR D 36 8.30 7.02 -46.23
CA TYR D 36 9.72 7.25 -46.53
C TYR D 36 10.61 6.06 -46.21
N LYS D 37 10.00 4.91 -45.99
CA LYS D 37 10.73 3.65 -45.79
C LYS D 37 11.69 3.70 -44.60
N LEU D 38 11.38 4.49 -43.58
CA LEU D 38 12.24 4.61 -42.42
C LEU D 38 12.02 3.48 -41.41
N ILE D 39 10.85 2.86 -41.48
CA ILE D 39 10.43 1.89 -40.47
C ILE D 39 11.33 0.63 -40.41
N PRO D 40 11.77 0.12 -41.58
CA PRO D 40 12.68 -1.04 -41.44
C PRO D 40 14.05 -0.70 -40.82
N GLU D 41 14.41 0.58 -40.74
CA GLU D 41 15.65 0.99 -40.07
C GLU D 41 15.47 1.07 -38.56
N LEU D 42 14.22 1.05 -38.12
CA LEU D 42 13.88 1.31 -36.72
C LEU D 42 13.37 0.08 -35.97
N SER D 43 13.76 -0.03 -34.71
CA SER D 43 13.28 -1.10 -33.84
C SER D 43 11.90 -0.72 -33.26
N ARG D 44 10.87 -1.52 -33.52
CA ARG D 44 9.56 -1.19 -32.94
C ARG D 44 9.53 -1.47 -31.44
N VAL D 45 9.22 -0.44 -30.65
CA VAL D 45 9.06 -0.61 -29.20
C VAL D 45 7.57 -0.64 -28.86
N PRO D 46 7.06 -1.82 -28.43
CA PRO D 46 5.63 -1.94 -28.09
C PRO D 46 5.30 -1.20 -26.80
N PRO D 47 4.11 -0.58 -26.72
CA PRO D 47 3.73 0.11 -25.47
C PRO D 47 3.64 -0.85 -24.29
N LEU D 48 4.00 -0.36 -23.11
CA LEU D 48 3.94 -1.18 -21.91
C LEU D 48 2.49 -1.53 -21.59
N GLN D 49 2.27 -2.78 -21.23
CA GLN D 49 0.99 -3.20 -20.70
C GLN D 49 1.19 -3.83 -19.33
N TRP D 50 0.20 -3.68 -18.44
CA TRP D 50 0.33 -4.13 -17.04
C TRP D 50 -0.42 -5.40 -16.70
N ASP D 51 0.03 -6.07 -15.64
CA ASP D 51 -0.50 -7.37 -15.20
C ASP D 51 -1.89 -7.24 -14.61
N SER D 52 -2.24 -6.03 -14.17
CA SER D 52 -3.50 -5.82 -13.45
C SER D 52 -3.80 -4.35 -13.34
N PRO D 53 -5.06 -4.00 -13.05
CA PRO D 53 -5.42 -2.61 -12.72
C PRO D 53 -4.56 -2.05 -11.60
N SER D 54 -4.26 -2.88 -10.60
CA SER D 54 -3.47 -2.46 -9.45
C SER D 54 -2.05 -2.08 -9.86
N ARG D 55 -1.47 -2.83 -10.79
CA ARG D 55 -0.12 -2.50 -11.23
C ARG D 55 -0.13 -1.23 -12.08
N MET D 56 -1.18 -1.04 -12.85
CA MET D 56 -1.30 0.18 -13.65
C MET D 56 -1.38 1.39 -12.72
N TYR D 57 -2.23 1.31 -11.70
CA TYR D 57 -2.37 2.42 -10.76
C TYR D 57 -1.07 2.69 -10.03
N GLU D 58 -0.35 1.62 -9.70
CA GLU D 58 0.94 1.76 -9.04
C GLU D 58 1.91 2.56 -9.92
N ALA D 59 1.89 2.28 -11.22
CA ALA D 59 2.80 2.95 -12.13
C ALA D 59 2.42 4.42 -12.32
N VAL D 60 1.13 4.70 -12.42
CA VAL D 60 0.70 6.05 -12.77
C VAL D 60 0.78 6.93 -11.54
N THR D 61 0.41 6.39 -10.38
CA THR D 61 0.43 7.17 -9.15
C THR D 61 1.84 7.27 -8.55
N ALA D 62 2.84 6.90 -9.33
CA ALA D 62 4.23 7.21 -8.98
C ALA D 62 4.43 8.71 -9.10
N PHE D 63 3.56 9.36 -9.87
CA PHE D 63 3.55 10.81 -9.97
C PHE D 63 2.18 11.41 -9.60
N HIS D 64 1.13 10.89 -10.23
CA HIS D 64 -0.21 11.45 -10.08
C HIS D 64 -0.93 10.94 -8.83
N SER D 65 -1.78 11.76 -8.24
CA SER D 65 -2.54 11.32 -7.06
C SER D 65 -3.57 10.27 -7.51
N THR D 66 -3.88 9.36 -6.60
CA THR D 66 -4.89 8.34 -6.84
C THR D 66 -6.24 8.98 -7.15
N GLU D 67 -6.62 9.98 -6.37
CA GLU D 67 -7.90 10.65 -6.59
C GLU D 67 -7.97 11.30 -7.98
N TYR D 68 -6.87 11.88 -8.45
CA TYR D 68 -6.86 12.44 -9.81
C TYR D 68 -7.05 11.34 -10.85
N VAL D 69 -6.34 10.23 -10.66
CA VAL D 69 -6.43 9.13 -11.61
C VAL D 69 -7.86 8.56 -11.64
N ASP D 70 -8.44 8.36 -10.45
CA ASP D 70 -9.84 7.92 -10.31
C ASP D 70 -10.81 8.85 -11.05
N ALA D 71 -10.60 10.15 -10.87
CA ALA D 71 -11.41 11.18 -11.52
C ALA D 71 -11.31 11.07 -13.03
N LEU D 72 -10.09 10.94 -13.53
CA LEU D 72 -9.90 10.84 -14.97
C LEU D 72 -10.59 9.60 -15.52
N LYS D 73 -10.46 8.47 -14.81
CA LYS D 73 -11.13 7.23 -15.21
C LYS D 73 -12.66 7.36 -15.14
N LYS D 74 -13.15 8.02 -14.10
CA LYS D 74 -14.58 8.30 -14.02
C LYS D 74 -15.04 9.21 -15.18
N LEU D 75 -14.24 10.21 -15.52
CA LEU D 75 -14.56 11.11 -16.63
C LEU D 75 -14.75 10.34 -17.95
N GLN D 76 -13.86 9.38 -18.19
CA GLN D 76 -14.03 8.51 -19.36
C GLN D 76 -15.37 7.79 -19.35
N MET D 77 -15.65 7.12 -18.24
CA MET D 77 -16.91 6.42 -18.05
C MET D 77 -18.13 7.33 -18.27
N LEU D 78 -18.08 8.54 -17.72
CA LEU D 78 -19.22 9.46 -17.83
C LEU D 78 -19.45 9.89 -19.27
N HIS D 79 -18.37 9.97 -20.07
CA HIS D 79 -18.51 10.40 -21.46
C HIS D 79 -18.84 9.24 -22.40
N CYS D 80 -18.84 8.03 -21.88
CA CYS D 80 -19.25 6.88 -22.67
C CYS D 80 -20.75 6.66 -22.51
N GLU D 81 -21.29 7.14 -21.38
CA GLU D 81 -22.73 7.25 -21.20
C GLU D 81 -23.20 8.46 -22.00
N GLU D 82 -24.51 8.60 -22.20
CA GLU D 82 -25.01 9.69 -23.01
C GLU D 82 -25.51 10.86 -22.18
N LYS D 83 -26.03 10.56 -20.99
CA LYS D 83 -26.61 11.61 -20.14
C LYS D 83 -25.53 12.55 -19.62
N GLU D 84 -25.91 13.81 -19.42
CA GLU D 84 -24.99 14.83 -18.96
C GLU D 84 -24.50 14.57 -17.53
N LEU D 85 -23.35 15.15 -17.19
CA LEU D 85 -22.78 15.05 -15.85
C LEU D 85 -23.70 15.68 -14.80
N THR D 86 -23.73 15.11 -13.61
CA THR D 86 -24.41 15.77 -12.48
C THR D 86 -23.63 16.98 -12.02
N ALA D 87 -24.26 17.81 -11.19
CA ALA D 87 -23.61 19.01 -10.68
C ALA D 87 -22.42 18.63 -9.81
N ASP D 88 -22.55 17.54 -9.06
CA ASP D 88 -21.47 17.05 -8.19
C ASP D 88 -20.29 16.53 -8.99
N ASP D 89 -20.57 15.87 -10.11
CA ASP D 89 -19.50 15.38 -10.97
C ASP D 89 -18.81 16.52 -11.71
N GLU D 90 -19.56 17.53 -12.16
CA GLU D 90 -18.96 18.73 -12.72
C GLU D 90 -17.97 19.31 -11.74
N LEU D 91 -18.40 19.48 -10.50
CA LEU D 91 -17.58 20.01 -9.44
C LEU D 91 -16.32 19.17 -9.18
N LEU D 92 -16.47 17.86 -9.14
CA LEU D 92 -15.33 16.95 -9.00
C LEU D 92 -14.32 17.17 -10.12
N MET D 93 -14.78 17.12 -11.37
CA MET D 93 -13.88 17.30 -12.51
C MET D 93 -13.22 18.69 -12.49
N ASP D 94 -14.02 19.70 -12.17
CA ASP D 94 -13.51 21.06 -11.98
C ASP D 94 -12.34 21.11 -10.98
N SER D 95 -12.44 20.36 -9.89
CA SER D 95 -11.36 20.37 -8.89
C SER D 95 -10.05 19.73 -9.40
N PHE D 96 -10.07 19.05 -10.54
CA PHE D 96 -8.83 18.55 -11.15
C PHE D 96 -8.59 19.21 -12.52
N SER D 97 -9.31 20.30 -12.77
CA SER D 97 -9.21 21.04 -14.05
C SER D 97 -9.53 20.13 -15.24
N LEU D 98 -10.38 19.13 -15.02
CA LEU D 98 -10.81 18.27 -16.10
C LEU D 98 -12.00 18.96 -16.78
N ASN D 99 -11.70 20.02 -17.51
CA ASN D 99 -12.72 20.89 -18.10
C ASN D 99 -12.10 21.88 -19.07
N TYR D 100 -12.92 22.74 -19.66
CA TYR D 100 -12.47 23.82 -20.55
C TYR D 100 -11.48 23.30 -21.61
N ASP D 101 -10.21 23.68 -21.50
CA ASP D 101 -9.20 23.22 -22.44
C ASP D 101 -8.84 21.73 -22.28
N CYS D 102 -9.18 21.12 -21.14
CA CYS D 102 -8.96 19.68 -20.97
C CYS D 102 -10.27 18.93 -20.74
N PRO D 103 -11.14 18.92 -21.75
CA PRO D 103 -12.48 18.35 -21.56
C PRO D 103 -12.45 16.83 -21.54
N GLY D 104 -13.61 16.22 -21.24
CA GLY D 104 -13.77 14.80 -21.34
C GLY D 104 -14.19 14.37 -22.73
N PHE D 105 -13.87 13.12 -23.05
CA PHE D 105 -14.32 12.52 -24.29
C PHE D 105 -14.29 11.02 -24.05
N PRO D 106 -14.93 10.23 -24.93
CA PRO D 106 -15.12 8.80 -24.68
C PRO D 106 -13.87 7.95 -24.38
N SER D 107 -12.70 8.37 -24.83
CA SER D 107 -11.49 7.59 -24.54
C SER D 107 -10.40 8.38 -23.82
N VAL D 108 -10.81 9.44 -23.12
CA VAL D 108 -9.84 10.36 -22.51
C VAL D 108 -8.83 9.64 -21.61
N PHE D 109 -9.25 8.58 -20.93
CA PHE D 109 -8.32 7.92 -20.02
C PHE D 109 -7.40 6.96 -20.80
N ASP D 110 -7.98 6.18 -21.72
CA ASP D 110 -7.17 5.30 -22.57
C ASP D 110 -6.16 6.09 -23.42
N TYR D 111 -6.62 7.17 -24.02
CA TYR D 111 -5.76 8.09 -24.78
C TYR D 111 -4.59 8.59 -23.96
N SER D 112 -4.90 9.09 -22.77
CA SER D 112 -3.91 9.62 -21.83
C SER D 112 -2.93 8.57 -21.37
N LEU D 113 -3.47 7.42 -20.98
CA LEU D 113 -2.68 6.28 -20.54
C LEU D 113 -1.79 5.69 -21.64
N ALA D 114 -2.27 5.70 -22.89
CA ALA D 114 -1.49 5.19 -24.02
C ALA D 114 -0.12 5.86 -24.08
N ALA D 115 -0.11 7.18 -23.86
CA ALA D 115 1.11 7.98 -23.96
C ALA D 115 2.06 7.58 -22.85
N VAL D 116 1.51 7.31 -21.67
CA VAL D 116 2.29 6.79 -20.56
C VAL D 116 2.87 5.41 -20.90
N GLN D 117 2.01 4.53 -21.42
CA GLN D 117 2.43 3.17 -21.81
C GLN D 117 3.57 3.23 -22.79
N GLY D 118 3.50 4.19 -23.71
CA GLY D 118 4.52 4.36 -24.72
C GLY D 118 5.84 4.88 -24.17
N SER D 119 5.79 5.94 -23.38
CA SER D 119 7.03 6.50 -22.84
C SER D 119 7.67 5.62 -21.77
N LEU D 120 6.88 4.85 -21.02
CA LEU D 120 7.48 3.91 -20.07
C LEU D 120 8.20 2.78 -20.82
N ALA D 121 7.59 2.32 -21.90
CA ALA D 121 8.25 1.29 -22.72
C ALA D 121 9.53 1.84 -23.34
N ALA D 122 9.48 3.09 -23.79
CA ALA D 122 10.65 3.75 -24.38
C ALA D 122 11.79 3.86 -23.36
N ALA D 123 11.48 4.28 -22.14
CA ALA D 123 12.48 4.33 -21.07
C ALA D 123 13.09 2.95 -20.81
N SER D 124 12.24 1.93 -20.76
CA SER D 124 12.74 0.57 -20.48
C SER D 124 13.70 0.05 -21.55
N ALA D 125 13.43 0.35 -22.82
CA ALA D 125 14.29 -0.11 -23.91
C ALA D 125 15.67 0.51 -23.81
N LEU D 126 15.72 1.74 -23.32
CA LEU D 126 16.97 2.43 -23.03
C LEU D 126 17.74 1.81 -21.86
N ILE D 127 17.03 1.53 -20.77
CA ILE D 127 17.65 1.07 -19.53
C ILE D 127 18.31 -0.29 -19.72
N CYS D 128 17.60 -1.21 -20.38
CA CYS D 128 18.15 -2.53 -20.67
C CYS D 128 19.07 -2.52 -21.90
N ARG D 129 19.38 -1.33 -22.41
CA ARG D 129 20.32 -1.15 -23.53
C ARG D 129 19.90 -1.83 -24.85
N HIS D 130 18.62 -2.18 -25.01
CA HIS D 130 18.16 -2.66 -26.31
C HIS D 130 18.28 -1.57 -27.40
N CYS D 131 17.99 -0.33 -27.03
CA CYS D 131 18.11 0.82 -27.93
C CYS D 131 19.01 1.89 -27.33
N GLU D 132 19.67 2.65 -28.22
CA GLU D 132 20.48 3.79 -27.81
C GLU D 132 19.62 5.06 -27.80
N VAL D 133 18.65 5.10 -28.72
CA VAL D 133 17.69 6.19 -28.79
C VAL D 133 16.30 5.59 -29.05
N VAL D 134 15.28 6.10 -28.35
CA VAL D 134 13.89 5.72 -28.61
C VAL D 134 13.00 6.94 -28.83
N ILE D 135 12.18 6.87 -29.87
CA ILE D 135 11.28 7.93 -30.26
C ILE D 135 9.83 7.59 -29.89
N ASN D 136 9.11 8.55 -29.34
CA ASN D 136 7.67 8.33 -29.11
C ASN D 136 6.89 9.56 -29.51
N TRP D 137 6.40 9.56 -30.75
CA TRP D 137 5.68 10.71 -31.27
C TRP D 137 4.24 10.78 -30.73
N GLY D 138 3.85 9.80 -29.92
CA GLY D 138 2.56 9.85 -29.26
C GLY D 138 2.70 10.40 -27.84
N GLY D 139 3.93 10.72 -27.45
CA GLY D 139 4.21 11.14 -26.10
C GLY D 139 4.63 12.60 -26.03
N GLY D 140 4.99 13.06 -24.84
CA GLY D 140 5.53 14.39 -24.66
C GLY D 140 4.59 15.37 -24.00
N TRP D 141 3.73 14.89 -23.11
CA TRP D 141 2.68 15.74 -22.53
C TRP D 141 3.14 16.40 -21.23
N HIS D 142 3.89 17.47 -21.40
CA HIS D 142 4.68 18.07 -20.33
C HIS D 142 3.92 19.02 -19.36
N HIS D 143 2.66 19.35 -19.64
CA HIS D 143 1.90 20.28 -18.77
C HIS D 143 1.13 19.63 -17.63
N ALA D 144 0.90 18.31 -17.69
CA ALA D 144 0.07 17.68 -16.68
C ALA D 144 0.78 17.69 -15.32
N LYS D 145 0.01 17.86 -14.25
CA LYS D 145 0.58 17.92 -12.91
C LYS D 145 0.02 16.79 -12.06
N ARG D 146 0.59 16.64 -10.87
CA ARG D 146 0.19 15.59 -9.94
C ARG D 146 -1.33 15.37 -9.88
N SER D 147 -2.07 16.45 -9.72
CA SER D 147 -3.52 16.35 -9.57
C SER D 147 -4.27 17.29 -10.51
N GLU D 148 -3.72 17.51 -11.69
CA GLU D 148 -4.28 18.53 -12.55
C GLU D 148 -3.93 18.32 -14.02
N ALA D 149 -4.96 18.26 -14.85
CA ALA D 149 -4.82 18.35 -16.30
C ALA D 149 -4.52 19.78 -16.71
N SER D 150 -3.70 19.97 -17.74
CA SER D 150 -3.38 21.30 -18.20
C SER D 150 -2.96 21.25 -19.66
N GLY D 151 -3.42 22.21 -20.46
CA GLY D 151 -3.00 22.33 -21.86
C GLY D 151 -3.12 21.03 -22.64
N PHE D 152 -4.30 20.42 -22.57
CA PHE D 152 -4.59 19.10 -23.14
C PHE D 152 -3.62 17.98 -22.74
N CYS D 153 -2.88 18.17 -21.67
CA CYS D 153 -2.14 17.08 -21.07
C CYS D 153 -2.88 16.57 -19.86
N TYR D 154 -3.20 15.28 -19.86
CA TYR D 154 -3.96 14.70 -18.75
C TYR D 154 -3.08 13.89 -17.80
N LEU D 155 -2.11 13.17 -18.37
CA LEU D 155 -1.17 12.38 -17.59
C LEU D 155 0.23 12.72 -18.08
N ASN D 156 1.16 12.93 -17.16
CA ASN D 156 2.47 13.36 -17.62
C ASN D 156 3.37 12.16 -17.92
N ASP D 157 3.35 11.70 -19.18
CA ASP D 157 4.18 10.54 -19.57
C ASP D 157 5.66 10.84 -19.38
N ILE D 158 6.05 12.10 -19.51
CA ILE D 158 7.47 12.48 -19.42
C ILE D 158 8.03 12.32 -18.00
N VAL D 159 7.32 12.86 -17.02
CA VAL D 159 7.70 12.69 -15.61
C VAL D 159 7.84 11.21 -15.25
N LEU D 160 6.88 10.40 -15.68
CA LEU D 160 6.89 8.98 -15.36
C LEU D 160 8.06 8.27 -16.06
N ALA D 161 8.33 8.63 -17.30
CA ALA D 161 9.48 8.08 -18.00
C ALA D 161 10.78 8.49 -17.33
N ILE D 162 10.89 9.76 -16.95
CA ILE D 162 12.11 10.25 -16.34
C ILE D 162 12.30 9.57 -14.99
N HIS D 163 11.20 9.36 -14.28
CA HIS D 163 11.27 8.74 -12.97
C HIS D 163 11.76 7.29 -13.10
N ARG D 164 11.38 6.60 -14.17
CA ARG D 164 11.88 5.25 -14.39
C ARG D 164 13.37 5.24 -14.71
N LEU D 165 13.82 6.21 -15.50
CA LEU D 165 15.26 6.34 -15.81
C LEU D 165 16.11 6.62 -14.60
N VAL D 166 15.65 7.59 -13.81
CA VAL D 166 16.45 8.17 -12.75
C VAL D 166 16.49 7.18 -11.60
N SER D 167 15.56 6.24 -11.59
CA SER D 167 15.45 5.23 -10.53
C SER D 167 15.94 3.85 -10.97
N SER D 168 16.74 3.78 -12.03
CA SER D 168 17.04 2.49 -12.63
C SER D 168 18.32 1.85 -12.05
N GLN D 178 23.85 8.71 -8.48
CA GLN D 178 24.80 8.54 -9.57
C GLN D 178 24.11 8.76 -10.92
N THR D 179 22.92 8.18 -11.07
CA THR D 179 22.12 8.38 -12.28
C THR D 179 21.59 9.80 -12.34
N ARG D 180 21.87 10.49 -13.45
CA ARG D 180 21.40 11.86 -13.63
C ARG D 180 20.71 12.00 -14.99
N VAL D 181 19.59 12.73 -15.00
CA VAL D 181 18.84 12.93 -16.22
C VAL D 181 18.80 14.41 -16.61
N LEU D 182 19.08 14.66 -17.89
CA LEU D 182 18.91 15.99 -18.48
C LEU D 182 17.65 16.01 -19.32
N TYR D 183 16.71 16.87 -18.95
CA TYR D 183 15.47 17.02 -19.70
C TYR D 183 15.51 18.31 -20.49
N VAL D 184 15.28 18.19 -21.80
CA VAL D 184 15.39 19.33 -22.72
C VAL D 184 14.06 19.51 -23.40
N ASP D 185 13.42 20.65 -23.16
CA ASP D 185 12.06 20.94 -23.63
C ASP D 185 12.05 22.02 -24.71
N LEU D 186 11.89 21.58 -25.96
CA LEU D 186 12.00 22.45 -27.13
C LEU D 186 10.66 23.03 -27.57
N ASP D 187 9.58 22.58 -26.94
CA ASP D 187 8.25 23.06 -27.23
C ASP D 187 8.14 24.61 -27.15
N LEU D 188 7.24 25.19 -27.93
CA LEU D 188 6.93 26.60 -27.85
C LEU D 188 6.55 27.06 -26.43
N HIS D 189 5.94 26.14 -25.69
CA HIS D 189 5.42 26.44 -24.36
C HIS D 189 6.40 25.99 -23.29
N HIS D 190 6.36 26.68 -22.16
CA HIS D 190 7.17 26.27 -21.01
C HIS D 190 6.72 24.90 -20.52
N GLY D 191 7.67 24.02 -20.25
CA GLY D 191 7.34 22.69 -19.77
C GLY D 191 7.22 22.71 -18.25
N ASP D 192 6.14 23.32 -17.77
CA ASP D 192 5.97 23.57 -16.34
C ASP D 192 5.77 22.31 -15.51
N GLY D 193 5.02 21.34 -16.04
CA GLY D 193 4.71 20.12 -15.30
C GLY D 193 5.96 19.31 -14.96
N VAL D 194 6.85 19.14 -15.92
CA VAL D 194 8.09 18.40 -15.70
C VAL D 194 9.00 19.20 -14.78
N GLU D 195 9.12 20.50 -15.04
CA GLU D 195 9.91 21.36 -14.17
C GLU D 195 9.45 21.27 -12.70
N GLU D 196 8.15 21.33 -12.47
CA GLU D 196 7.58 21.21 -11.13
C GLU D 196 7.85 19.88 -10.46
N ALA D 197 7.63 18.80 -11.21
CA ALA D 197 7.81 17.46 -10.67
C ALA D 197 9.21 17.26 -10.09
N PHE D 198 10.22 17.85 -10.71
CA PHE D 198 11.59 17.62 -10.28
C PHE D 198 12.23 18.88 -9.71
N TRP D 199 11.36 19.81 -9.32
CA TRP D 199 11.75 21.06 -8.69
C TRP D 199 12.68 20.91 -7.49
N TYR D 200 12.52 19.82 -6.74
CA TYR D 200 13.37 19.55 -5.58
C TYR D 200 14.42 18.46 -5.82
N SER D 201 14.60 18.05 -7.08
CA SER D 201 15.53 16.96 -7.39
C SER D 201 16.74 17.45 -8.17
N PRO D 202 17.94 17.34 -7.60
CA PRO D 202 19.14 17.73 -8.33
C PRO D 202 19.50 16.78 -9.48
N ARG D 203 19.02 15.53 -9.41
CA ARG D 203 19.41 14.49 -10.37
C ARG D 203 18.66 14.59 -11.72
N VAL D 204 17.56 15.34 -11.75
CA VAL D 204 16.86 15.59 -12.99
C VAL D 204 16.95 17.06 -13.28
N VAL D 205 17.92 17.43 -14.12
CA VAL D 205 18.06 18.82 -14.48
C VAL D 205 17.16 19.15 -15.66
N THR D 206 16.33 20.17 -15.54
CA THR D 206 15.41 20.47 -16.60
C THR D 206 15.78 21.77 -17.29
N PHE D 207 15.62 21.78 -18.60
CA PHE D 207 15.89 22.97 -19.40
C PHE D 207 14.78 23.16 -20.43
N SER D 208 14.13 24.32 -20.36
CA SER D 208 13.06 24.61 -21.29
C SER D 208 13.35 25.93 -21.99
N VAL D 209 13.27 25.91 -23.30
CA VAL D 209 13.31 27.13 -24.11
C VAL D 209 11.90 27.28 -24.67
N HIS D 210 11.40 28.51 -24.69
CA HIS D 210 9.97 28.70 -24.95
C HIS D 210 9.68 30.17 -25.15
N HIS D 211 8.54 30.47 -25.74
CA HIS D 211 8.04 31.83 -25.68
C HIS D 211 7.41 32.06 -24.31
N ALA D 212 7.59 33.27 -23.79
CA ALA D 212 6.85 33.73 -22.62
C ALA D 212 6.53 35.19 -22.80
N SER D 213 5.30 35.60 -22.50
CA SER D 213 4.92 37.01 -22.55
C SER D 213 3.63 37.14 -21.75
N PRO D 214 3.22 38.38 -21.40
CA PRO D 214 2.07 38.47 -20.50
C PRO D 214 0.80 37.84 -21.07
N GLY D 215 0.20 36.96 -20.29
CA GLY D 215 -1.01 36.25 -20.72
C GLY D 215 -0.82 35.02 -21.58
N PHE D 216 0.42 34.69 -21.89
CA PHE D 216 0.69 33.56 -22.76
C PHE D 216 0.87 32.30 -21.93
N PHE D 217 0.12 31.27 -22.28
CA PHE D 217 0.16 29.97 -21.61
C PHE D 217 1.56 29.36 -21.51
N PRO D 218 1.90 28.74 -20.35
CA PRO D 218 1.10 28.67 -19.13
C PRO D 218 1.41 29.78 -18.15
N GLY D 219 2.29 30.71 -18.53
CA GLY D 219 2.57 31.86 -17.69
C GLY D 219 3.91 31.76 -16.99
N THR D 220 4.44 30.55 -16.88
CA THR D 220 5.68 30.36 -16.14
C THR D 220 6.93 30.28 -17.05
N GLY D 221 8.09 30.03 -16.44
CA GLY D 221 9.34 29.87 -17.17
C GLY D 221 9.94 31.20 -17.56
N THR D 222 9.72 32.23 -16.74
CA THR D 222 10.22 33.57 -17.00
C THR D 222 10.41 34.34 -15.69
N TRP D 223 10.77 35.62 -15.79
CA TRP D 223 11.02 36.44 -14.61
C TRP D 223 9.85 36.38 -13.65
N ASN D 224 10.17 36.18 -12.37
CA ASN D 224 9.17 36.03 -11.33
C ASN D 224 8.93 37.33 -10.58
N LEU D 231 13.98 44.43 -8.41
CA LEU D 231 14.16 43.83 -9.72
C LEU D 231 13.86 42.35 -9.64
N PRO D 232 12.82 41.90 -10.38
CA PRO D 232 12.35 40.52 -10.39
C PRO D 232 13.45 39.53 -10.78
N ILE D 233 13.28 38.26 -10.45
CA ILE D 233 14.33 37.27 -10.71
C ILE D 233 13.79 35.90 -11.11
N PHE D 234 14.68 35.05 -11.62
CA PHE D 234 14.32 33.68 -11.99
C PHE D 234 14.33 32.70 -10.80
N LEU D 235 13.23 31.99 -10.59
CA LEU D 235 13.24 30.82 -9.72
C LEU D 235 13.82 29.64 -10.50
N ASN D 236 14.52 28.75 -9.82
CA ASN D 236 15.28 27.75 -10.54
C ASN D 236 15.42 26.42 -9.81
N GLY D 237 14.48 26.13 -8.92
CA GLY D 237 14.56 24.95 -8.08
C GLY D 237 14.57 25.29 -6.60
N ALA D 238 14.51 24.26 -5.75
CA ALA D 238 14.43 24.48 -4.31
C ALA D 238 14.92 23.26 -3.56
N GLY D 239 15.18 23.44 -2.28
CA GLY D 239 15.83 22.40 -1.49
C GLY D 239 17.14 22.02 -2.15
N ARG D 240 17.41 20.72 -2.21
CA ARG D 240 18.61 20.22 -2.89
C ARG D 240 18.53 20.35 -4.42
N GLY D 241 17.36 20.69 -4.93
CA GLY D 241 17.18 20.90 -6.37
C GLY D 241 17.46 22.33 -6.78
N ARG D 242 17.99 23.13 -5.87
CA ARG D 242 18.24 24.54 -6.15
C ARG D 242 19.20 24.65 -7.32
N PHE D 243 18.92 25.61 -8.21
CA PHE D 243 19.66 25.83 -9.47
C PHE D 243 19.53 24.71 -10.49
N SER D 244 18.57 23.79 -10.30
CA SER D 244 18.47 22.64 -11.22
C SER D 244 17.37 22.75 -12.28
N ALA D 245 16.57 23.83 -12.24
CA ALA D 245 15.59 24.11 -13.28
C ALA D 245 16.05 25.30 -14.12
N PHE D 246 16.29 25.07 -15.41
CA PHE D 246 16.83 26.07 -16.30
C PHE D 246 15.75 26.53 -17.27
N ASN D 247 15.67 27.84 -17.48
CA ASN D 247 14.69 28.39 -18.39
C ASN D 247 15.31 29.44 -19.28
N LEU D 248 14.88 29.44 -20.54
CA LEU D 248 15.27 30.49 -21.47
C LEU D 248 14.03 30.93 -22.25
N PRO D 249 13.41 32.02 -21.79
CA PRO D 249 12.25 32.60 -22.48
C PRO D 249 12.70 33.48 -23.64
N LEU D 250 12.04 33.35 -24.79
CA LEU D 250 12.44 34.09 -25.99
C LEU D 250 11.27 34.85 -26.61
N GLU D 251 11.59 35.95 -27.28
CA GLU D 251 10.59 36.81 -27.88
C GLU D 251 10.00 36.20 -29.13
N GLU D 252 8.78 36.60 -29.49
CA GLU D 252 8.16 36.12 -30.70
C GLU D 252 8.94 36.58 -31.94
N GLY D 253 8.89 35.74 -32.98
CA GLY D 253 9.47 36.07 -34.26
C GLY D 253 10.83 35.45 -34.52
N ILE D 254 11.39 34.78 -33.52
CA ILE D 254 12.75 34.27 -33.62
C ILE D 254 12.83 33.20 -34.71
N ASN D 255 13.93 33.23 -35.46
CA ASN D 255 14.14 32.32 -36.57
C ASN D 255 15.07 31.17 -36.21
N ASP D 256 15.30 30.27 -37.17
CA ASP D 256 16.16 29.11 -36.91
C ASP D 256 17.51 29.49 -36.33
N LEU D 257 18.22 30.39 -37.01
CA LEU D 257 19.59 30.71 -36.62
C LEU D 257 19.69 31.30 -35.21
N ASP D 258 18.87 32.31 -34.92
CA ASP D 258 18.93 32.97 -33.63
C ASP D 258 18.52 32.03 -32.50
N TRP D 259 17.49 31.22 -32.76
CA TRP D 259 17.04 30.20 -31.81
C TRP D 259 18.18 29.23 -31.52
N SER D 260 18.84 28.80 -32.59
CA SER D 260 19.93 27.84 -32.50
C SER D 260 21.10 28.42 -31.70
N ASN D 261 21.48 29.66 -32.03
CA ASN D 261 22.55 30.32 -31.29
C ASN D 261 22.17 30.59 -29.83
N ALA D 262 20.89 30.75 -29.55
CA ALA D 262 20.46 30.96 -28.17
C ALA D 262 20.56 29.67 -27.36
N ILE D 263 20.12 28.56 -27.95
CA ILE D 263 20.10 27.28 -27.21
C ILE D 263 21.41 26.46 -27.31
N GLY D 264 22.20 26.69 -28.35
CA GLY D 264 23.41 25.91 -28.61
C GLY D 264 24.44 25.78 -27.50
N PRO D 265 24.96 26.92 -27.01
CA PRO D 265 25.93 26.93 -25.92
C PRO D 265 25.39 26.39 -24.59
N ILE D 266 24.09 26.58 -24.37
CA ILE D 266 23.45 26.10 -23.14
C ILE D 266 23.38 24.57 -23.12
N LEU D 267 22.93 23.98 -24.21
CA LEU D 267 22.89 22.53 -24.33
C LEU D 267 24.28 21.94 -24.09
N ASP D 268 25.28 22.49 -24.77
CA ASP D 268 26.63 21.97 -24.67
C ASP D 268 27.17 22.08 -23.25
N SER D 269 26.93 23.20 -22.60
CA SER D 269 27.46 23.40 -21.25
C SER D 269 26.73 22.53 -20.24
N LEU D 270 25.45 22.27 -20.46
CA LEU D 270 24.69 21.38 -19.58
C LEU D 270 25.29 19.99 -19.60
N ASN D 271 25.54 19.50 -20.81
CA ASN D 271 26.08 18.17 -20.98
C ASN D 271 27.48 18.03 -20.37
N ILE D 272 28.31 19.04 -20.60
CA ILE D 272 29.66 19.05 -20.06
C ILE D 272 29.66 18.95 -18.54
N VAL D 273 28.76 19.71 -17.92
CA VAL D 273 28.73 19.84 -16.48
C VAL D 273 27.94 18.74 -15.78
N ILE D 274 26.77 18.41 -16.32
CA ILE D 274 25.92 17.42 -15.67
C ILE D 274 26.39 16.01 -15.98
N GLN D 275 26.90 15.83 -17.19
CA GLN D 275 27.21 14.51 -17.73
C GLN D 275 26.07 13.53 -17.49
N PRO D 276 24.91 13.80 -18.12
CA PRO D 276 23.71 13.01 -17.85
C PRO D 276 23.89 11.56 -18.27
N SER D 277 23.28 10.65 -17.52
CA SER D 277 23.21 9.25 -17.92
C SER D 277 22.15 9.05 -19.01
N TYR D 278 21.14 9.93 -19.02
CA TYR D 278 20.11 9.90 -20.07
C TYR D 278 19.71 11.31 -20.47
N VAL D 279 19.31 11.47 -21.73
CA VAL D 279 18.71 12.73 -22.12
C VAL D 279 17.29 12.45 -22.60
N VAL D 280 16.35 13.27 -22.13
CA VAL D 280 14.97 13.18 -22.59
C VAL D 280 14.68 14.48 -23.32
N VAL D 281 14.28 14.40 -24.59
CA VAL D 281 13.98 15.58 -25.39
C VAL D 281 12.49 15.64 -25.71
N GLN D 282 11.85 16.76 -25.39
CA GLN D 282 10.47 17.02 -25.79
C GLN D 282 10.58 17.89 -27.02
N CYS D 283 10.00 17.43 -28.12
CA CYS D 283 10.21 18.08 -29.41
CA CYS D 283 10.19 18.06 -29.43
C CYS D 283 8.90 18.60 -29.99
N GLY D 284 8.17 19.39 -29.19
CA GLY D 284 6.92 19.98 -29.64
C GLY D 284 7.14 20.80 -30.90
N ALA D 285 6.27 20.62 -31.89
CA ALA D 285 6.47 21.21 -33.20
C ALA D 285 5.80 22.57 -33.34
N ASP D 286 5.35 23.17 -32.24
CA ASP D 286 4.59 24.40 -32.39
C ASP D 286 5.47 25.63 -32.51
N CYS D 287 6.79 25.45 -32.53
CA CYS D 287 7.67 26.56 -32.87
C CYS D 287 7.74 26.80 -34.40
N LEU D 288 7.13 25.91 -35.18
CA LEU D 288 7.22 26.02 -36.65
C LEU D 288 6.56 27.29 -37.13
N ALA D 289 7.21 27.97 -38.08
CA ALA D 289 6.65 29.18 -38.67
C ALA D 289 5.19 29.01 -39.12
N THR D 290 4.83 27.79 -39.49
CA THR D 290 3.50 27.53 -40.05
C THR D 290 2.46 27.03 -39.04
N ASP D 291 2.89 26.80 -37.80
CA ASP D 291 1.95 26.50 -36.73
C ASP D 291 0.96 27.66 -36.57
N PRO D 292 -0.33 27.35 -36.41
CA PRO D 292 -1.35 28.39 -36.22
C PRO D 292 -1.08 29.32 -35.02
N HIS D 293 -0.18 28.93 -34.11
CA HIS D 293 0.28 29.84 -33.06
C HIS D 293 0.94 31.08 -33.66
N ARG D 294 1.74 30.88 -34.72
CA ARG D 294 2.46 31.95 -35.39
C ARG D 294 3.25 32.77 -34.39
N ILE D 295 4.05 32.09 -33.56
CA ILE D 295 4.92 32.74 -32.59
C ILE D 295 6.40 32.73 -33.00
N PHE D 296 7.02 31.56 -32.99
CA PHE D 296 8.39 31.43 -33.49
C PHE D 296 8.35 31.18 -35.00
N ARG D 297 9.50 31.31 -35.65
CA ARG D 297 9.59 31.07 -37.09
C ARG D 297 10.62 29.98 -37.40
N LEU D 298 10.52 28.83 -36.73
CA LEU D 298 11.44 27.73 -36.99
C LEU D 298 10.99 26.90 -38.20
N THR D 299 11.92 26.14 -38.78
CA THR D 299 11.58 25.33 -39.95
C THR D 299 11.90 23.87 -39.72
N ASN D 300 11.73 23.06 -40.76
CA ASN D 300 12.29 21.72 -40.79
C ASN D 300 13.36 21.59 -41.87
N PHE D 301 14.01 22.72 -42.21
CA PHE D 301 14.97 22.71 -43.32
C PHE D 301 16.27 22.02 -42.94
N TYR D 302 16.78 21.20 -43.85
CA TYR D 302 18.03 20.46 -43.65
C TYR D 302 18.90 20.61 -44.89
N PRO D 303 19.72 21.67 -44.95
CA PRO D 303 20.62 21.95 -46.08
C PRO D 303 21.39 20.72 -46.57
N SER D 316 17.94 28.85 -43.11
CA SER D 316 18.99 27.84 -43.06
C SER D 316 18.53 26.58 -42.32
N LEU D 317 19.34 26.10 -41.38
CA LEU D 317 19.08 24.83 -40.71
C LEU D 317 18.03 24.92 -39.58
N SER D 318 17.03 24.05 -39.66
CA SER D 318 16.02 23.89 -38.60
C SER D 318 16.62 23.86 -37.20
N GLY D 319 16.18 24.76 -36.34
CA GLY D 319 16.67 24.79 -34.97
C GLY D 319 16.52 23.44 -34.27
N TYR D 320 15.40 22.78 -34.54
CA TYR D 320 15.16 21.43 -34.06
C TYR D 320 16.24 20.43 -34.48
N LEU D 321 16.55 20.42 -35.77
CA LEU D 321 17.55 19.52 -36.32
C LEU D 321 18.93 19.84 -35.77
N TYR D 322 19.25 21.13 -35.66
CA TYR D 322 20.48 21.56 -34.98
C TYR D 322 20.51 21.06 -33.52
N ALA D 323 19.45 21.31 -32.76
CA ALA D 323 19.42 20.87 -31.36
C ALA D 323 19.48 19.35 -31.22
N ILE D 324 18.67 18.65 -32.01
CA ILE D 324 18.60 17.19 -31.91
C ILE D 324 19.96 16.58 -32.29
N LYS D 325 20.60 17.11 -33.33
CA LYS D 325 21.88 16.58 -33.78
C LYS D 325 22.97 16.78 -32.72
N LYS D 326 23.01 17.99 -32.16
CA LYS D 326 23.92 18.31 -31.07
C LYS D 326 23.77 17.32 -29.90
N ILE D 327 22.52 17.10 -29.47
CA ILE D 327 22.22 16.22 -28.34
C ILE D 327 22.63 14.77 -28.67
N LEU D 328 22.29 14.33 -29.88
CA LEU D 328 22.70 12.99 -30.33
C LEU D 328 24.22 12.85 -30.41
N SER D 329 24.93 13.94 -30.69
CA SER D 329 26.39 13.87 -30.79
C SER D 329 27.03 13.57 -29.43
N TRP D 330 26.27 13.70 -28.35
CA TRP D 330 26.79 13.43 -27.01
C TRP D 330 26.99 11.95 -26.73
N LYS D 331 26.29 11.12 -27.51
CA LYS D 331 26.33 9.67 -27.37
C LYS D 331 25.80 9.25 -26.00
N VAL D 332 24.71 9.89 -25.57
CA VAL D 332 24.04 9.50 -24.35
C VAL D 332 22.72 8.86 -24.75
N PRO D 333 22.33 7.75 -24.10
CA PRO D 333 21.02 7.15 -24.37
C PRO D 333 19.88 8.19 -24.31
N THR D 334 19.13 8.32 -25.39
CA THR D 334 18.21 9.45 -25.50
C THR D 334 16.76 9.08 -25.81
N LEU D 335 15.85 9.74 -25.09
CA LEU D 335 14.41 9.60 -25.33
C LEU D 335 13.92 10.84 -26.10
N ILE D 336 13.40 10.64 -27.30
CA ILE D 336 12.85 11.76 -28.06
C ILE D 336 11.33 11.69 -28.09
N LEU D 337 10.67 12.74 -27.63
CA LEU D 337 9.21 12.73 -27.52
C LEU D 337 8.55 13.86 -28.31
N GLY D 338 7.29 13.67 -28.67
CA GLY D 338 6.53 14.69 -29.36
C GLY D 338 6.06 15.78 -28.40
N GLY D 339 4.88 16.33 -28.66
CA GLY D 339 4.37 17.42 -27.84
C GLY D 339 3.42 18.24 -28.65
N GLY D 340 3.50 19.56 -28.51
CA GLY D 340 2.65 20.47 -29.27
C GLY D 340 2.85 20.33 -30.77
N GLY D 341 1.96 20.96 -31.53
CA GLY D 341 2.06 20.92 -32.99
C GLY D 341 0.69 20.76 -33.58
N TYR D 342 0.11 21.86 -34.06
CA TYR D 342 -1.30 21.91 -34.41
C TYR D 342 -1.54 22.03 -35.92
N ASN D 343 -0.46 22.27 -36.65
CA ASN D 343 -0.44 22.04 -38.08
C ASN D 343 0.03 20.60 -38.31
N PHE D 344 -0.91 19.68 -38.45
CA PHE D 344 -0.58 18.25 -38.47
C PHE D 344 0.37 17.82 -39.58
N PRO D 345 0.13 18.24 -40.84
CA PRO D 345 1.07 17.78 -41.89
C PRO D 345 2.46 18.39 -41.74
N ASP D 346 2.56 19.59 -41.21
CA ASP D 346 3.89 20.19 -40.99
C ASP D 346 4.59 19.58 -39.75
N THR D 347 3.82 19.18 -38.75
CA THR D 347 4.37 18.42 -37.63
C THR D 347 4.94 17.09 -38.14
N ALA D 348 4.15 16.42 -38.98
CA ALA D 348 4.59 15.18 -39.60
C ALA D 348 5.86 15.39 -40.43
N ARG D 349 5.97 16.54 -41.10
CA ARG D 349 7.16 16.85 -41.91
C ARG D 349 8.41 17.02 -41.06
N LEU D 350 8.26 17.66 -39.91
CA LEU D 350 9.38 17.88 -39.02
C LEU D 350 9.82 16.57 -38.38
N TRP D 351 8.87 15.84 -37.81
CA TRP D 351 9.21 14.66 -37.02
C TRP D 351 9.72 13.54 -37.92
N THR D 352 9.26 13.51 -39.15
CA THR D 352 9.84 12.63 -40.16
C THR D 352 11.34 12.92 -40.33
N ARG D 353 11.71 14.20 -40.39
CA ARG D 353 13.12 14.55 -40.51
C ARG D 353 13.92 14.25 -39.24
N VAL D 354 13.37 14.59 -38.07
CA VAL D 354 14.02 14.27 -36.80
C VAL D 354 14.31 12.77 -36.74
N THR D 355 13.36 11.98 -37.23
CA THR D 355 13.47 10.53 -37.18
C THR D 355 14.61 10.03 -38.07
N ALA D 356 14.61 10.48 -39.32
CA ALA D 356 15.68 10.18 -40.29
C ALA D 356 17.05 10.60 -39.75
N LEU D 357 17.10 11.82 -39.22
CA LEU D 357 18.33 12.35 -38.64
C LEU D 357 18.84 11.46 -37.51
N THR D 358 17.94 11.04 -36.63
CA THR D 358 18.29 10.17 -35.53
C THR D 358 18.92 8.86 -36.05
N ILE D 359 18.31 8.28 -37.06
CA ILE D 359 18.83 7.06 -37.68
C ILE D 359 20.26 7.28 -38.16
N GLU D 360 20.46 8.39 -38.86
CA GLU D 360 21.78 8.78 -39.34
C GLU D 360 22.81 8.87 -38.22
N GLU D 361 22.54 9.72 -37.25
CA GLU D 361 23.51 10.03 -36.20
C GLU D 361 23.83 8.85 -35.27
N VAL D 362 22.95 7.85 -35.26
CA VAL D 362 23.17 6.70 -34.38
C VAL D 362 23.74 5.50 -35.13
N LYS D 363 23.14 5.17 -36.27
CA LYS D 363 23.54 4.00 -37.03
C LYS D 363 24.63 4.33 -38.04
N GLY D 364 24.96 5.60 -38.19
CA GLY D 364 26.01 6.03 -39.11
C GLY D 364 25.66 5.81 -40.56
N LYS D 365 24.40 5.45 -40.80
CA LYS D 365 23.91 5.09 -42.12
C LYS D 365 23.23 6.28 -42.78
N LYS D 366 23.66 6.65 -43.99
CA LYS D 366 23.07 7.79 -44.69
C LYS D 366 21.59 7.58 -44.93
N MET D 367 20.80 8.58 -44.59
CA MET D 367 19.37 8.57 -44.89
C MET D 367 19.11 9.59 -46.00
N THR D 368 18.42 9.14 -47.03
CA THR D 368 18.17 9.99 -48.17
C THR D 368 16.68 10.22 -48.29
N ILE D 369 16.25 11.43 -48.00
CA ILE D 369 14.83 11.76 -48.10
C ILE D 369 14.50 12.67 -49.29
N SER D 370 13.68 12.17 -50.21
CA SER D 370 13.24 12.97 -51.34
C SER D 370 12.54 14.24 -50.87
N PRO D 371 12.85 15.36 -51.53
CA PRO D 371 12.19 16.64 -51.19
C PRO D 371 10.69 16.63 -51.45
N GLU D 372 10.19 15.58 -52.10
CA GLU D 372 8.76 15.51 -52.40
C GLU D 372 8.09 14.40 -51.62
N ILE D 373 6.88 14.67 -51.14
CA ILE D 373 6.11 13.70 -50.35
C ILE D 373 5.73 12.46 -51.17
N PRO D 374 6.20 11.27 -50.75
CA PRO D 374 5.84 10.05 -51.47
C PRO D 374 4.34 9.82 -51.37
N GLU D 375 3.77 9.12 -52.35
CA GLU D 375 2.36 8.74 -52.26
C GLU D 375 2.11 7.79 -51.09
N HIS D 376 1.01 8.02 -50.38
CA HIS D 376 0.55 7.16 -49.30
C HIS D 376 -0.89 7.57 -48.96
N SER D 377 -1.48 6.90 -47.98
CA SER D 377 -2.88 7.13 -47.62
C SER D 377 -3.21 8.60 -47.30
N TYR D 378 -2.22 9.34 -46.81
CA TYR D 378 -2.45 10.72 -46.41
C TYR D 378 -1.80 11.76 -47.35
N PHE D 379 -1.41 11.30 -48.53
CA PHE D 379 -0.75 12.14 -49.52
C PHE D 379 -1.46 13.48 -49.77
N SER D 380 -2.79 13.45 -49.85
CA SER D 380 -3.54 14.65 -50.20
C SER D 380 -3.57 15.70 -49.09
N ARG D 381 -3.14 15.31 -47.90
CA ARG D 381 -3.09 16.25 -46.77
C ARG D 381 -1.92 17.22 -46.91
N TYR D 382 -0.97 16.90 -47.80
CA TYR D 382 0.26 17.67 -47.92
C TYR D 382 0.23 18.65 -49.09
N GLY D 383 -0.96 18.89 -49.63
CA GLY D 383 -1.14 19.90 -50.65
C GLY D 383 -0.87 21.30 -50.14
N PRO D 384 -0.80 22.27 -51.06
CA PRO D 384 -1.03 22.04 -52.49
C PRO D 384 0.26 21.72 -53.24
N ASP D 385 1.40 21.72 -52.54
CA ASP D 385 2.70 21.56 -53.18
C ASP D 385 3.31 20.17 -53.02
N PHE D 386 2.97 19.49 -51.91
CA PHE D 386 3.44 18.12 -51.66
C PHE D 386 4.95 17.99 -51.55
N GLU D 387 5.59 19.00 -50.97
CA GLU D 387 7.01 18.92 -50.70
C GLU D 387 7.26 18.73 -49.19
N LEU D 388 8.46 18.26 -48.85
CA LEU D 388 8.78 17.92 -47.48
C LEU D 388 9.07 19.19 -46.66
N ASP D 389 9.77 20.13 -47.28
CA ASP D 389 9.99 21.45 -46.69
C ASP D 389 8.64 22.08 -46.35
N ILE D 390 8.51 22.63 -45.15
CA ILE D 390 7.33 23.42 -44.83
C ILE D 390 7.31 24.62 -45.77
N ASP D 391 6.12 25.08 -46.10
CA ASP D 391 6.00 26.18 -47.06
C ASP D 391 6.18 27.54 -46.39
N TYR D 392 7.44 27.94 -46.21
CA TYR D 392 7.73 29.19 -45.54
C TYR D 392 8.97 29.85 -46.11
N PHE D 393 8.94 31.17 -46.21
CA PHE D 393 10.07 31.93 -46.71
C PHE D 393 10.68 32.76 -45.59
N PRO D 394 11.86 32.35 -45.09
CA PRO D 394 12.54 33.01 -43.97
C PRO D 394 13.13 34.37 -44.35
N ASP D 403 21.59 39.81 -27.15
CA ASP D 403 21.79 40.85 -26.13
C ASP D 403 20.87 40.61 -24.94
N SER D 404 19.57 40.56 -25.21
CA SER D 404 18.64 39.96 -24.28
C SER D 404 19.14 38.54 -24.06
N ILE D 405 19.51 37.89 -25.16
CA ILE D 405 20.02 36.53 -25.12
C ILE D 405 21.39 36.49 -24.42
N GLN D 406 22.22 37.50 -24.64
CA GLN D 406 23.47 37.58 -23.90
C GLN D 406 23.28 37.73 -22.38
N LYS D 407 22.28 38.50 -21.96
CA LYS D 407 21.95 38.58 -20.53
C LYS D 407 21.56 37.22 -19.96
N HIS D 408 20.65 36.52 -20.66
CA HIS D 408 20.24 35.18 -20.28
C HIS D 408 21.43 34.21 -20.25
N HIS D 409 22.31 34.31 -21.24
CA HIS D 409 23.48 33.43 -21.27
C HIS D 409 24.36 33.60 -20.04
N ARG D 410 24.60 34.83 -19.61
CA ARG D 410 25.38 35.04 -18.39
C ARG D 410 24.60 34.60 -17.13
N ARG D 411 23.30 34.87 -17.12
CA ARG D 411 22.46 34.39 -16.03
C ARG D 411 22.52 32.88 -15.91
N ILE D 412 22.43 32.19 -17.05
CA ILE D 412 22.34 30.73 -17.07
C ILE D 412 23.69 30.11 -16.75
N LEU D 413 24.76 30.74 -17.22
CA LEU D 413 26.10 30.27 -16.92
C LEU D 413 26.38 30.37 -15.41
N GLU D 414 25.92 31.45 -14.79
CA GLU D 414 26.05 31.65 -13.36
C GLU D 414 25.27 30.59 -12.58
N GLN D 415 24.05 30.30 -13.04
CA GLN D 415 23.21 29.27 -12.44
C GLN D 415 23.85 27.89 -12.60
N LEU D 416 24.47 27.65 -13.75
CA LEU D 416 25.21 26.40 -13.95
C LEU D 416 26.34 26.27 -12.92
N ARG D 417 27.09 27.35 -12.73
CA ARG D 417 28.17 27.38 -11.75
C ARG D 417 27.64 27.02 -10.35
N ASN D 418 26.55 27.68 -9.97
CA ASN D 418 25.94 27.45 -8.67
C ASN D 418 25.48 26.02 -8.53
N TYR D 419 25.01 25.44 -9.63
CA TYR D 419 24.46 24.11 -9.57
C TYR D 419 25.59 23.10 -9.38
N ALA D 420 26.69 23.33 -10.10
CA ALA D 420 27.88 22.51 -9.98
C ALA D 420 28.46 22.60 -8.58
N ASP D 421 28.52 23.81 -8.02
CA ASP D 421 29.05 24.00 -6.67
C ASP D 421 28.15 23.36 -5.60
N LEU D 422 26.85 23.52 -5.75
CA LEU D 422 25.90 22.96 -4.81
C LEU D 422 25.98 21.43 -4.77
N ASN D 423 26.13 20.84 -5.94
CA ASN D 423 26.19 19.38 -6.03
C ASN D 423 27.62 18.88 -6.14
N LYS D 424 28.55 19.76 -5.83
CA LYS D 424 29.98 19.44 -5.78
C LYS D 424 30.44 18.62 -6.99
N LEU D 425 30.29 19.19 -8.18
CA LEU D 425 30.72 18.54 -9.42
C LEU D 425 32.02 19.14 -9.93
N ILE D 426 32.75 18.38 -10.74
CA ILE D 426 34.02 18.83 -11.31
C ILE D 426 33.82 19.28 -12.75
N TYR D 427 34.33 20.46 -13.07
CA TYR D 427 34.24 20.98 -14.43
C TYR D 427 35.17 22.18 -14.64
N ASP D 428 35.67 22.34 -15.86
CA ASP D 428 36.47 23.51 -16.20
C ASP D 428 35.57 24.70 -16.49
N TYR D 429 35.60 25.70 -15.62
CA TYR D 429 34.78 26.89 -15.81
C TYR D 429 35.20 27.70 -17.03
N ASP D 430 36.40 27.47 -17.55
CA ASP D 430 36.87 28.24 -18.70
C ASP D 430 36.69 27.52 -20.04
N GLN D 431 36.64 26.19 -20.03
CA GLN D 431 36.28 25.46 -21.23
C GLN D 431 34.77 25.61 -21.46
N VAL D 432 34.04 25.84 -20.36
CA VAL D 432 32.59 26.05 -20.42
C VAL D 432 32.26 27.49 -20.82
N TYR D 433 32.97 28.43 -20.21
CA TYR D 433 32.84 29.84 -20.56
C TYR D 433 33.14 30.07 -22.04
N GLN D 434 34.05 29.27 -22.57
CA GLN D 434 34.44 29.39 -23.98
C GLN D 434 33.25 29.13 -24.92
N LEU D 435 32.35 28.22 -24.51
CA LEU D 435 31.21 27.85 -25.35
C LEU D 435 30.26 29.00 -25.63
N TYR D 436 30.31 30.05 -24.81
CA TYR D 436 29.49 31.23 -25.05
C TYR D 436 30.29 32.32 -25.74
#